data_9NH4
#
_entry.id   9NH4
#
_cell.length_a   1.00
_cell.length_b   1.00
_cell.length_c   1.00
_cell.angle_alpha   90.00
_cell.angle_beta   90.00
_cell.angle_gamma   90.00
#
_symmetry.space_group_name_H-M   'P 1'
#
loop_
_entity.id
_entity.type
_entity.pdbx_description
1 polymer 'Erwinia chrysanthemi ligand-gated ion channel'
2 non-polymer 3-AMINOPROPANE
#
_entity_poly.entity_id   1
_entity_poly.type   'polypeptide(L)'
_entity_poly.pdbx_seq_one_letter_code
;APADNAADARPVDVSVSIFINKIYGVNTLEQTYKVDGYIVAQWTGKPRKTPGDKPLIVENTQIERWINNGLWVPALEFIN
VVGSPDTGNKRLMLFPDGRVIYNARFLGSFSNDMDFRLFPFDRQQFVLELEPFSYNNQQLRFSDIQVYTENIDNEEIDEW
WIRGKASTHISDIRYDHLSSVQPNQNEFSRITVRIDAVRNPSYYLWSFILPLGLIIAASWSVFWLESFSERLQTSFTLML
TVVAYAFYTSNILPRLPYTTVIDQMIIAGYGSIFAAILLIIFAHHRQANGVEDDLLIQRCRLAFPLGFLAIGCVLVIRGI
TL
;
_entity_poly.pdbx_strand_id   A,B,C,D,E
#
loop_
_chem_comp.id
_chem_comp.type
_chem_comp.name
_chem_comp.formula
3CN non-polymer 3-AMINOPROPANE 'C3 H9 N'
#
# COMPACT_ATOMS: atom_id res chain seq x y z
N PRO A 11 -15.47 18.57 -37.98
CA PRO A 11 -15.00 17.70 -36.89
C PRO A 11 -14.44 16.38 -37.41
N VAL A 12 -13.30 15.96 -36.86
CA VAL A 12 -12.64 14.74 -37.29
C VAL A 12 -13.20 13.55 -36.52
N ASP A 13 -13.83 12.62 -37.23
CA ASP A 13 -14.45 11.48 -36.59
C ASP A 13 -13.41 10.46 -36.15
N VAL A 14 -13.66 9.83 -35.01
CA VAL A 14 -12.78 8.82 -34.43
C VAL A 14 -13.57 7.53 -34.30
N SER A 15 -13.03 6.44 -34.81
CA SER A 15 -13.68 5.12 -34.74
C SER A 15 -12.95 4.31 -33.68
N VAL A 16 -13.44 4.40 -32.45
CA VAL A 16 -12.79 3.75 -31.31
C VAL A 16 -13.32 2.32 -31.18
N SER A 17 -12.50 1.46 -30.56
CA SER A 17 -12.88 0.08 -30.28
C SER A 17 -12.04 -0.42 -29.12
N ILE A 18 -12.70 -0.82 -28.04
CA ILE A 18 -12.04 -1.19 -26.80
C ILE A 18 -12.03 -2.71 -26.67
N PHE A 19 -10.86 -3.27 -26.40
CA PHE A 19 -10.70 -4.69 -26.12
C PHE A 19 -10.55 -4.86 -24.61
N ILE A 20 -11.44 -5.64 -24.01
CA ILE A 20 -11.36 -5.91 -22.58
C ILE A 20 -10.60 -7.22 -22.38
N ASN A 21 -9.53 -7.16 -21.61
CA ASN A 21 -8.68 -8.35 -21.41
C ASN A 21 -9.07 -9.11 -20.15
N LYS A 22 -8.94 -8.46 -18.99
CA LYS A 22 -9.33 -9.05 -17.71
C LYS A 22 -10.08 -8.02 -16.88
N ILE A 23 -11.03 -8.50 -16.10
CA ILE A 23 -11.70 -7.69 -15.08
C ILE A 23 -11.47 -8.36 -13.74
N TYR A 24 -10.89 -7.63 -12.79
CA TYR A 24 -10.48 -8.23 -11.54
C TYR A 24 -10.48 -7.18 -10.45
N GLY A 25 -10.36 -7.65 -9.21
CA GLY A 25 -10.18 -6.79 -8.06
C GLY A 25 -11.33 -5.84 -7.79
N VAL A 26 -12.55 -6.37 -7.80
CA VAL A 26 -13.70 -5.51 -7.53
C VAL A 26 -13.77 -5.32 -6.02
N ASN A 27 -13.09 -4.28 -5.53
CA ASN A 27 -13.00 -4.01 -4.11
C ASN A 27 -14.21 -3.15 -3.74
N THR A 28 -15.29 -3.81 -3.33
CA THR A 28 -16.53 -3.10 -3.03
C THR A 28 -16.45 -2.27 -1.77
N LEU A 29 -15.42 -2.47 -0.94
CA LEU A 29 -15.31 -1.75 0.34
C LEU A 29 -15.16 -0.26 0.12
N GLU A 30 -14.30 0.15 -0.81
CA GLU A 30 -14.10 1.56 -1.13
C GLU A 30 -14.46 1.87 -2.58
N GLN A 31 -15.34 1.04 -3.16
CA GLN A 31 -16.11 1.34 -4.37
C GLN A 31 -15.20 1.54 -5.59
N THR A 32 -14.55 0.47 -6.02
CA THR A 32 -13.72 0.49 -7.22
C THR A 32 -13.70 -0.88 -7.87
N TYR A 33 -13.25 -0.91 -9.12
CA TYR A 33 -12.95 -2.16 -9.80
C TYR A 33 -11.91 -1.87 -10.88
N LYS A 34 -10.98 -2.79 -11.04
CA LYS A 34 -9.94 -2.67 -12.05
C LYS A 34 -10.35 -3.40 -13.32
N VAL A 35 -10.14 -2.75 -14.46
CA VAL A 35 -10.34 -3.37 -15.76
C VAL A 35 -9.06 -3.21 -16.56
N ASP A 36 -8.63 -4.27 -17.21
CA ASP A 36 -7.40 -4.28 -17.99
C ASP A 36 -7.75 -4.62 -19.43
N GLY A 37 -7.09 -3.96 -20.37
CA GLY A 37 -7.36 -4.22 -21.76
C GLY A 37 -6.65 -3.27 -22.68
N TYR A 38 -7.14 -3.22 -23.92
CA TYR A 38 -6.51 -2.50 -25.01
C TYR A 38 -7.48 -1.46 -25.56
N ILE A 39 -6.97 -0.31 -25.95
CA ILE A 39 -7.76 0.74 -26.58
C ILE A 39 -7.24 0.96 -28.00
N VAL A 40 -8.15 1.03 -28.95
CA VAL A 40 -7.83 1.28 -30.36
C VAL A 40 -8.62 2.50 -30.79
N ALA A 41 -7.92 3.49 -31.36
CA ALA A 41 -8.53 4.75 -31.77
C ALA A 41 -8.16 5.02 -33.22
N GLN A 42 -8.98 4.53 -34.15
CA GLN A 42 -8.75 4.78 -35.56
C GLN A 42 -9.45 6.06 -35.98
N TRP A 43 -8.73 6.94 -36.65
CA TRP A 43 -9.29 8.21 -37.11
C TRP A 43 -8.46 8.71 -38.28
N THR A 44 -9.13 9.39 -39.22
CA THR A 44 -8.48 9.84 -40.45
C THR A 44 -7.78 11.17 -40.24
N GLY A 45 -6.83 11.46 -41.13
CA GLY A 45 -6.05 12.67 -41.04
C GLY A 45 -5.43 13.07 -42.37
N LYS A 46 -4.49 14.00 -42.33
CA LYS A 46 -3.82 14.45 -43.55
C LYS A 46 -2.88 13.35 -44.05
N PRO A 47 -2.94 12.98 -45.33
CA PRO A 47 -2.01 11.97 -45.85
C PRO A 47 -0.57 12.47 -45.85
N ARG A 48 0.36 11.55 -45.65
CA ARG A 48 1.78 11.85 -45.57
C ARG A 48 2.57 10.79 -46.29
N LYS A 49 3.84 11.09 -46.56
CA LYS A 49 4.76 10.15 -47.20
C LYS A 49 5.51 9.39 -46.13
N THR A 50 5.17 8.12 -45.96
CA THR A 50 5.81 7.20 -45.04
C THR A 50 6.95 6.47 -45.76
N PRO A 51 7.95 5.97 -45.01
CA PRO A 51 9.02 5.20 -45.66
C PRO A 51 8.53 3.92 -46.31
N GLY A 52 8.55 3.89 -47.63
CA GLY A 52 8.04 2.77 -48.39
C GLY A 52 6.52 2.69 -48.35
N ASP A 53 6.00 1.64 -48.97
CA ASP A 53 4.58 1.34 -48.91
C ASP A 53 4.18 0.67 -47.61
N LYS A 54 5.14 0.19 -46.83
CA LYS A 54 4.85 -0.40 -45.54
C LYS A 54 4.33 0.66 -44.58
N PRO A 55 3.35 0.34 -43.75
CA PRO A 55 2.93 1.29 -42.71
C PRO A 55 4.03 1.52 -41.69
N LEU A 56 4.03 2.71 -41.10
CA LEU A 56 5.05 3.11 -40.15
C LEU A 56 4.57 2.81 -38.74
N ILE A 57 5.43 2.15 -37.95
CA ILE A 57 5.13 1.80 -36.57
C ILE A 57 6.07 2.57 -35.67
N VAL A 58 5.51 3.35 -34.75
CA VAL A 58 6.28 4.05 -33.74
C VAL A 58 5.84 3.55 -32.37
N GLU A 59 6.80 3.20 -31.52
CA GLU A 59 6.56 2.48 -30.29
C GLU A 59 6.36 3.47 -29.14
N ASN A 60 6.42 2.98 -27.91
CA ASN A 60 6.41 3.85 -26.74
C ASN A 60 7.68 4.70 -26.71
N THR A 61 7.58 5.81 -25.95
CA THR A 61 8.58 6.87 -25.73
C THR A 61 9.32 7.29 -27.00
N GLN A 62 8.62 7.19 -28.14
CA GLN A 62 9.09 7.70 -29.42
C GLN A 62 8.05 8.54 -30.12
N ILE A 63 6.76 8.36 -29.80
CA ILE A 63 5.71 9.18 -30.39
C ILE A 63 5.78 10.62 -29.91
N GLU A 64 6.49 10.88 -28.80
CA GLU A 64 6.65 12.25 -28.32
C GLU A 64 7.44 13.11 -29.30
N ARG A 65 8.40 12.51 -29.99
CA ARG A 65 9.09 13.21 -31.06
C ARG A 65 8.14 13.60 -32.18
N TRP A 66 7.21 12.70 -32.52
CA TRP A 66 6.23 13.03 -33.56
C TRP A 66 5.26 14.11 -33.10
N ILE A 67 4.86 14.07 -31.83
CA ILE A 67 3.98 15.11 -31.29
C ILE A 67 4.67 16.46 -31.30
N ASN A 68 5.95 16.50 -30.91
CA ASN A 68 6.71 17.74 -30.98
C ASN A 68 6.94 18.18 -32.42
N ASN A 69 7.00 17.23 -33.36
CA ASN A 69 7.19 17.57 -34.76
C ASN A 69 5.93 18.14 -35.40
N GLY A 70 4.78 18.01 -34.75
CA GLY A 70 3.57 18.64 -35.26
C GLY A 70 2.40 17.70 -35.44
N LEU A 71 2.60 16.41 -35.15
CA LEU A 71 1.53 15.44 -35.29
C LEU A 71 0.48 15.62 -34.21
N TRP A 72 -0.78 15.45 -34.59
CA TRP A 72 -1.91 15.49 -33.67
C TRP A 72 -2.26 14.08 -33.24
N VAL A 73 -2.45 13.89 -31.93
CA VAL A 73 -2.98 12.65 -31.38
C VAL A 73 -3.82 13.01 -30.16
N PRO A 74 -5.05 12.50 -30.06
CA PRO A 74 -5.90 12.89 -28.92
C PRO A 74 -5.55 12.13 -27.66
N ALA A 75 -5.64 12.83 -26.52
CA ALA A 75 -5.43 12.22 -25.21
C ALA A 75 -6.79 11.74 -24.72
N LEU A 76 -7.16 10.52 -25.10
CA LEU A 76 -8.43 9.96 -24.68
C LEU A 76 -8.38 9.55 -23.22
N GLU A 77 -8.87 10.41 -22.33
CA GLU A 77 -8.86 10.12 -20.90
C GLU A 77 -10.13 9.36 -20.51
N PHE A 78 -10.11 8.82 -19.30
CA PHE A 78 -11.26 8.18 -18.70
C PHE A 78 -11.82 9.08 -17.60
N ILE A 79 -13.13 8.98 -17.38
CA ILE A 79 -13.79 9.87 -16.43
C ILE A 79 -14.02 9.18 -15.09
N ASN A 80 -14.51 7.96 -15.11
CA ASN A 80 -14.80 7.22 -13.89
C ASN A 80 -13.58 6.53 -13.32
N VAL A 81 -12.38 6.91 -13.73
CA VAL A 81 -11.14 6.32 -13.24
C VAL A 81 -10.70 7.08 -12.00
N VAL A 82 -10.11 6.36 -11.05
CA VAL A 82 -9.50 6.95 -9.87
C VAL A 82 -8.00 6.71 -9.95
N GLY A 83 -7.22 7.76 -9.68
CA GLY A 83 -5.80 7.72 -9.94
C GLY A 83 -5.51 7.92 -11.41
N SER A 84 -4.23 7.87 -11.73
CA SER A 84 -3.83 7.96 -13.13
C SER A 84 -3.89 6.57 -13.76
N PRO A 85 -4.52 6.41 -14.93
CA PRO A 85 -4.50 5.11 -15.60
C PRO A 85 -3.11 4.80 -16.14
N ASP A 86 -2.44 3.81 -15.56
CA ASP A 86 -1.05 3.50 -15.92
C ASP A 86 -0.98 2.78 -17.27
N THR A 87 -0.78 3.58 -18.31
CA THR A 87 -0.62 3.02 -19.65
C THR A 87 0.73 2.34 -19.76
N GLY A 88 0.73 1.13 -20.32
CA GLY A 88 1.96 0.40 -20.52
C GLY A 88 2.58 0.76 -21.85
N ASN A 89 2.78 -0.23 -22.71
CA ASN A 89 3.24 0.05 -24.05
C ASN A 89 2.12 0.66 -24.88
N LYS A 90 2.49 1.59 -25.76
CA LYS A 90 1.54 2.26 -26.62
C LYS A 90 2.19 2.54 -27.98
N ARG A 91 1.40 2.34 -29.04
CA ARG A 91 1.91 2.38 -30.40
C ARG A 91 0.99 3.24 -31.25
N LEU A 92 1.50 3.72 -32.37
CA LEU A 92 0.77 4.67 -33.22
C LEU A 92 1.01 4.30 -34.67
N MET A 93 0.00 3.75 -35.33
CA MET A 93 0.08 3.49 -36.76
C MET A 93 0.15 4.82 -37.52
N LEU A 94 0.74 4.76 -38.72
CA LEU A 94 0.69 5.88 -39.66
C LEU A 94 0.54 5.30 -41.06
N PHE A 95 -0.71 5.13 -41.49
CA PHE A 95 -0.95 4.69 -42.84
C PHE A 95 -0.67 5.83 -43.83
N PRO A 96 -0.12 5.52 -45.00
CA PRO A 96 0.23 6.57 -45.96
C PRO A 96 -0.97 7.35 -46.48
N ASP A 97 -2.12 6.71 -46.66
CA ASP A 97 -3.23 7.37 -47.31
C ASP A 97 -4.04 8.27 -46.38
N GLY A 98 -3.85 8.15 -45.06
CA GLY A 98 -4.43 9.09 -44.11
C GLY A 98 -4.84 8.53 -42.77
N ARG A 99 -5.25 7.27 -42.67
CA ARG A 99 -5.76 6.79 -41.38
C ARG A 99 -4.63 6.62 -40.37
N VAL A 100 -4.94 6.92 -39.11
CA VAL A 100 -4.01 6.79 -37.99
C VAL A 100 -4.69 5.92 -36.93
N ILE A 101 -3.97 4.93 -36.41
CA ILE A 101 -4.48 4.05 -35.36
C ILE A 101 -3.62 4.22 -34.13
N TYR A 102 -4.27 4.48 -32.99
CA TYR A 102 -3.59 4.70 -31.71
C TYR A 102 -3.94 3.53 -30.80
N ASN A 103 -3.12 2.48 -30.85
CA ASN A 103 -3.32 1.29 -30.04
C ASN A 103 -2.51 1.44 -28.76
N ALA A 104 -3.18 1.37 -27.61
CA ALA A 104 -2.52 1.50 -26.32
C ALA A 104 -3.10 0.48 -25.35
N ARG A 105 -2.29 0.11 -24.36
CA ARG A 105 -2.72 -0.81 -23.31
C ARG A 105 -3.05 0.01 -22.06
N PHE A 106 -4.33 0.11 -21.74
CA PHE A 106 -4.76 0.89 -20.60
C PHE A 106 -5.03 -0.01 -19.42
N LEU A 107 -4.85 0.54 -18.22
CA LEU A 107 -5.18 -0.13 -16.99
C LEU A 107 -5.42 0.91 -15.91
N GLY A 108 -6.56 0.82 -15.23
CA GLY A 108 -6.87 1.75 -14.17
C GLY A 108 -7.96 1.19 -13.30
N SER A 109 -8.18 1.86 -12.18
CA SER A 109 -9.25 1.50 -11.25
C SER A 109 -10.44 2.38 -11.55
N PHE A 110 -11.56 1.76 -11.89
CA PHE A 110 -12.75 2.45 -12.35
C PHE A 110 -13.85 2.36 -11.30
N SER A 111 -14.77 3.33 -11.32
CA SER A 111 -15.76 3.46 -10.25
C SER A 111 -17.15 3.62 -10.84
N ASN A 112 -18.11 2.93 -10.23
CA ASN A 112 -19.53 3.05 -10.51
C ASN A 112 -20.27 3.39 -9.21
N ASP A 113 -21.50 3.87 -9.34
CA ASP A 113 -22.33 4.09 -8.16
C ASP A 113 -22.56 2.79 -7.40
N MET A 114 -23.03 1.76 -8.11
CA MET A 114 -22.96 0.35 -7.68
C MET A 114 -23.66 0.13 -6.34
N ASP A 115 -24.98 0.16 -6.41
CA ASP A 115 -25.79 -0.05 -5.18
C ASP A 115 -25.67 -1.51 -4.73
N PHE A 116 -25.97 -1.76 -3.48
CA PHE A 116 -25.91 -3.09 -2.89
C PHE A 116 -27.19 -3.38 -2.11
N ARG A 117 -28.33 -3.17 -2.78
CA ARG A 117 -29.63 -3.37 -2.14
C ARG A 117 -29.84 -4.83 -1.75
N LEU A 118 -29.39 -5.75 -2.60
CA LEU A 118 -29.42 -7.18 -2.31
C LEU A 118 -27.97 -7.66 -2.41
N PHE A 119 -27.30 -7.83 -1.26
CA PHE A 119 -25.86 -8.08 -1.28
C PHE A 119 -25.45 -9.41 -1.91
N PRO A 120 -26.05 -10.59 -1.59
CA PRO A 120 -25.64 -11.79 -2.31
C PRO A 120 -26.31 -11.92 -3.67
N PHE A 121 -27.57 -11.51 -3.76
CA PHE A 121 -28.33 -11.58 -5.01
C PHE A 121 -28.16 -10.25 -5.74
N ASP A 122 -26.93 -10.01 -6.18
CA ASP A 122 -26.46 -8.68 -6.57
C ASP A 122 -26.11 -8.65 -8.05
N ARG A 123 -26.46 -7.53 -8.70
CA ARG A 123 -26.09 -7.31 -10.09
C ARG A 123 -25.89 -5.82 -10.35
N GLN A 124 -24.79 -5.48 -11.02
CA GLN A 124 -24.51 -4.10 -11.40
C GLN A 124 -23.97 -4.00 -12.82
N GLN A 125 -23.52 -2.81 -13.19
CA GLN A 125 -22.95 -2.55 -14.49
C GLN A 125 -21.54 -1.99 -14.29
N PHE A 126 -20.57 -2.57 -15.00
CA PHE A 126 -19.22 -2.04 -15.03
C PHE A 126 -19.13 -1.06 -16.19
N VAL A 127 -18.74 0.18 -15.91
CA VAL A 127 -18.73 1.22 -16.93
C VAL A 127 -17.32 1.74 -17.11
N LEU A 128 -17.02 2.15 -18.34
CA LEU A 128 -15.75 2.78 -18.71
C LEU A 128 -16.12 4.05 -19.45
N GLU A 129 -16.32 5.14 -18.73
CA GLU A 129 -16.82 6.38 -19.31
C GLU A 129 -15.66 7.12 -19.94
N LEU A 130 -15.58 7.10 -21.27
CA LEU A 130 -14.47 7.66 -22.01
C LEU A 130 -14.88 8.98 -22.63
N GLU A 131 -13.97 9.95 -22.61
CA GLU A 131 -14.24 11.32 -23.03
C GLU A 131 -12.95 11.98 -23.48
N PRO A 132 -12.95 12.73 -24.58
CA PRO A 132 -11.75 13.49 -24.96
C PRO A 132 -11.49 14.61 -23.97
N PHE A 133 -10.26 14.66 -23.48
CA PHE A 133 -9.94 15.65 -22.45
C PHE A 133 -9.85 17.05 -23.02
N SER A 134 -9.17 17.22 -24.15
CA SER A 134 -8.80 18.55 -24.63
C SER A 134 -9.78 19.12 -25.66
N TYR A 135 -10.39 18.28 -26.49
CA TYR A 135 -11.18 18.75 -27.60
C TYR A 135 -12.67 18.53 -27.36
N ASN A 136 -13.47 19.42 -27.92
CA ASN A 136 -14.92 19.36 -27.80
C ASN A 136 -15.54 18.81 -29.07
N ASN A 137 -16.87 18.88 -29.16
CA ASN A 137 -17.60 18.26 -30.25
C ASN A 137 -17.32 18.93 -31.59
N GLN A 138 -16.79 20.16 -31.58
CA GLN A 138 -16.51 20.86 -32.82
C GLN A 138 -15.30 20.30 -33.57
N GLN A 139 -14.31 19.72 -32.89
CA GLN A 139 -13.19 19.11 -33.58
C GLN A 139 -13.18 17.60 -33.54
N LEU A 140 -13.54 16.99 -32.40
CA LEU A 140 -13.44 15.54 -32.28
C LEU A 140 -14.79 14.99 -31.82
N ARG A 141 -15.41 14.19 -32.69
CA ARG A 141 -16.68 13.54 -32.41
C ARG A 141 -16.52 12.05 -32.63
N PHE A 142 -16.85 11.25 -31.63
CA PHE A 142 -16.67 9.81 -31.72
C PHE A 142 -17.72 9.21 -32.66
N SER A 143 -17.24 8.54 -33.71
CA SER A 143 -18.13 8.01 -34.73
C SER A 143 -18.89 6.80 -34.23
N ASP A 144 -18.17 5.73 -33.89
CA ASP A 144 -18.80 4.51 -33.44
C ASP A 144 -17.85 3.75 -32.53
N ILE A 145 -18.42 2.85 -31.74
CA ILE A 145 -17.65 1.95 -30.89
C ILE A 145 -18.20 0.54 -31.01
N GLN A 146 -17.30 -0.43 -31.15
CA GLN A 146 -17.64 -1.84 -31.07
C GLN A 146 -16.70 -2.50 -30.08
N VAL A 147 -17.25 -2.91 -28.93
CA VAL A 147 -16.46 -3.51 -27.86
C VAL A 147 -16.27 -4.98 -28.22
N TYR A 148 -15.09 -5.33 -28.70
CA TYR A 148 -14.75 -6.71 -29.02
C TYR A 148 -14.19 -7.39 -27.77
N THR A 149 -15.09 -7.66 -26.83
CA THR A 149 -14.75 -8.25 -25.55
C THR A 149 -14.89 -9.78 -25.53
N GLU A 150 -14.30 -10.46 -26.52
CA GLU A 150 -14.47 -11.91 -26.62
C GLU A 150 -13.68 -12.67 -25.56
N ASN A 151 -12.79 -12.01 -24.83
CA ASN A 151 -12.01 -12.70 -23.82
C ASN A 151 -12.78 -12.89 -22.52
N ILE A 152 -13.78 -12.06 -22.25
CA ILE A 152 -14.49 -12.12 -20.97
C ILE A 152 -16.00 -12.10 -21.20
N ASP A 153 -16.41 -12.31 -22.46
CA ASP A 153 -17.83 -12.20 -22.82
C ASP A 153 -18.68 -13.24 -22.11
N ASN A 154 -18.21 -14.48 -22.04
CA ASN A 154 -18.88 -15.53 -21.27
C ASN A 154 -17.77 -16.30 -20.55
N GLU A 155 -17.42 -15.84 -19.36
CA GLU A 155 -16.36 -16.46 -18.56
C GLU A 155 -16.74 -16.38 -17.10
N GLU A 156 -16.13 -17.21 -16.26
CA GLU A 156 -16.41 -17.16 -14.80
C GLU A 156 -15.24 -16.49 -14.08
N ILE A 157 -15.35 -15.19 -13.78
CA ILE A 157 -14.26 -14.45 -13.06
C ILE A 157 -14.70 -14.16 -11.62
N ASP A 158 -13.82 -14.42 -10.65
CA ASP A 158 -14.12 -14.13 -9.22
C ASP A 158 -15.56 -14.55 -8.91
N GLU A 159 -16.32 -13.66 -8.25
CA GLU A 159 -17.74 -13.96 -7.96
C GLU A 159 -18.60 -13.22 -8.99
N TRP A 160 -17.96 -12.64 -10.01
CA TRP A 160 -18.73 -11.82 -10.98
C TRP A 160 -18.90 -12.56 -12.31
N TRP A 161 -20.08 -13.11 -12.55
CA TRP A 161 -20.35 -13.77 -13.84
C TRP A 161 -20.72 -12.72 -14.88
N ILE A 162 -19.94 -12.61 -15.96
CA ILE A 162 -20.23 -11.60 -17.03
C ILE A 162 -21.21 -12.21 -18.04
N ARG A 163 -22.50 -11.89 -17.92
CA ARG A 163 -23.52 -12.39 -18.83
C ARG A 163 -23.92 -11.32 -19.83
N GLY A 164 -24.15 -11.74 -21.07
CA GLY A 164 -24.51 -10.85 -22.14
C GLY A 164 -23.31 -10.13 -22.72
N LYS A 165 -23.55 -9.46 -23.85
CA LYS A 165 -22.52 -8.64 -24.46
C LYS A 165 -22.46 -7.28 -23.77
N ALA A 166 -21.38 -6.56 -24.03
CA ALA A 166 -21.17 -5.25 -23.43
C ALA A 166 -21.93 -4.21 -24.25
N SER A 167 -22.92 -3.56 -23.62
CA SER A 167 -23.68 -2.54 -24.30
C SER A 167 -22.86 -1.25 -24.39
N THR A 168 -23.14 -0.45 -25.42
CA THR A 168 -22.38 0.75 -25.69
C THR A 168 -23.33 1.95 -25.81
N HIS A 169 -22.78 3.14 -25.57
CA HIS A 169 -23.53 4.39 -25.71
C HIS A 169 -22.60 5.46 -26.25
N ILE A 170 -23.14 6.29 -27.15
CA ILE A 170 -22.48 7.51 -27.60
C ILE A 170 -23.43 8.66 -27.33
N SER A 171 -22.99 9.61 -26.51
CA SER A 171 -23.82 10.73 -26.11
C SER A 171 -23.01 12.02 -26.17
N ASP A 172 -23.73 13.14 -26.23
CA ASP A 172 -23.13 14.46 -26.21
C ASP A 172 -23.38 15.05 -24.83
N ILE A 173 -22.36 15.08 -23.99
CA ILE A 173 -22.45 15.55 -22.62
C ILE A 173 -21.88 16.95 -22.56
N ARG A 174 -22.67 17.89 -22.05
CA ARG A 174 -22.30 19.29 -21.97
C ARG A 174 -21.79 19.61 -20.57
N TYR A 175 -20.56 20.12 -20.49
CA TYR A 175 -19.98 20.56 -19.23
C TYR A 175 -20.20 22.05 -19.07
N ASP A 176 -20.70 22.45 -17.90
CA ASP A 176 -20.99 23.86 -17.63
C ASP A 176 -19.81 24.61 -17.03
N HIS A 177 -18.81 23.89 -16.50
CA HIS A 177 -17.68 24.59 -15.88
C HIS A 177 -16.76 25.23 -16.92
N LEU A 178 -16.87 24.82 -18.18
CA LEU A 178 -16.15 25.47 -19.27
C LEU A 178 -16.98 26.53 -19.97
N SER A 179 -18.22 26.75 -19.55
CA SER A 179 -19.08 27.73 -20.21
C SER A 179 -18.62 29.15 -19.96
N SER A 180 -18.02 29.42 -18.81
CA SER A 180 -17.54 30.77 -18.51
C SER A 180 -16.31 31.12 -19.36
N VAL A 181 -15.54 30.11 -19.77
CA VAL A 181 -14.34 30.34 -20.57
C VAL A 181 -14.53 29.99 -22.03
N GLN A 182 -15.45 29.08 -22.36
CA GLN A 182 -15.84 28.81 -23.75
C GLN A 182 -17.33 29.06 -23.88
N PRO A 183 -17.75 30.11 -24.58
CA PRO A 183 -19.17 30.53 -24.53
C PRO A 183 -20.15 29.54 -25.16
N ASN A 184 -19.88 29.09 -26.37
CA ASN A 184 -20.82 28.25 -27.09
C ASN A 184 -20.26 26.89 -27.48
N GLN A 185 -18.96 26.66 -27.30
CA GLN A 185 -18.33 25.40 -27.70
C GLN A 185 -17.78 24.70 -26.45
N ASN A 186 -18.67 24.04 -25.72
CA ASN A 186 -18.28 23.33 -24.51
C ASN A 186 -18.98 21.98 -24.38
N GLU A 187 -19.32 21.35 -25.50
CA GLU A 187 -20.02 20.08 -25.51
C GLU A 187 -19.06 18.98 -25.94
N PHE A 188 -19.14 17.83 -25.25
CA PHE A 188 -18.18 16.75 -25.42
C PHE A 188 -18.88 15.48 -25.88
N SER A 189 -18.26 14.78 -26.82
CA SER A 189 -18.76 13.50 -27.30
C SER A 189 -18.26 12.41 -26.36
N ARG A 190 -19.12 11.92 -25.49
CA ARG A 190 -18.75 10.99 -24.43
C ARG A 190 -19.12 9.57 -24.81
N ILE A 191 -18.28 8.62 -24.41
CA ILE A 191 -18.50 7.21 -24.63
C ILE A 191 -18.78 6.56 -23.29
N THR A 192 -19.84 5.77 -23.21
CA THR A 192 -20.13 4.99 -22.01
C THR A 192 -20.45 3.57 -22.43
N VAL A 193 -19.59 2.63 -22.06
CA VAL A 193 -19.85 1.22 -22.25
C VAL A 193 -20.41 0.68 -20.95
N ARG A 194 -21.15 -0.42 -21.02
CA ARG A 194 -21.81 -1.01 -19.86
C ARG A 194 -21.64 -2.51 -19.92
N ILE A 195 -20.94 -3.08 -18.95
CA ILE A 195 -20.74 -4.52 -18.85
C ILE A 195 -21.61 -5.04 -17.73
N ASP A 196 -22.60 -5.87 -18.07
CA ASP A 196 -23.55 -6.37 -17.09
C ASP A 196 -22.92 -7.49 -16.29
N ALA A 197 -22.79 -7.30 -14.98
CA ALA A 197 -22.13 -8.26 -14.10
C ALA A 197 -23.03 -8.59 -12.92
N VAL A 198 -23.02 -9.86 -12.53
CA VAL A 198 -23.90 -10.39 -11.48
C VAL A 198 -23.02 -11.07 -10.45
N ARG A 199 -23.25 -10.77 -9.16
CA ARG A 199 -22.60 -11.53 -8.09
C ARG A 199 -23.00 -12.99 -8.12
N ASN A 200 -22.01 -13.86 -7.99
CA ASN A 200 -22.28 -15.27 -7.74
C ASN A 200 -22.58 -15.46 -6.27
N PRO A 201 -23.80 -15.86 -5.89
CA PRO A 201 -24.17 -15.95 -4.47
C PRO A 201 -23.86 -17.28 -3.82
N SER A 202 -23.10 -18.16 -4.48
CA SER A 202 -22.85 -19.49 -3.94
C SER A 202 -22.01 -19.43 -2.67
N TYR A 203 -20.99 -18.57 -2.65
CA TYR A 203 -20.10 -18.49 -1.50
C TYR A 203 -20.83 -17.99 -0.25
N TYR A 204 -21.64 -16.94 -0.41
CA TYR A 204 -22.33 -16.37 0.75
C TYR A 204 -23.44 -17.30 1.23
N LEU A 205 -24.20 -17.88 0.30
CA LEU A 205 -25.23 -18.85 0.67
C LEU A 205 -24.63 -20.07 1.38
N TRP A 206 -23.44 -20.49 0.96
CA TRP A 206 -22.82 -21.65 1.59
C TRP A 206 -22.17 -21.31 2.92
N SER A 207 -21.63 -20.11 3.08
CA SER A 207 -20.73 -19.83 4.20
C SER A 207 -21.28 -18.89 5.26
N PHE A 208 -22.18 -17.97 4.93
CA PHE A 208 -22.58 -16.93 5.87
C PHE A 208 -24.05 -17.05 6.30
N ILE A 209 -24.94 -17.38 5.35
CA ILE A 209 -26.37 -17.25 5.61
C ILE A 209 -26.91 -18.45 6.38
N LEU A 210 -26.51 -19.65 5.93
CA LEU A 210 -27.03 -20.88 6.58
C LEU A 210 -26.53 -20.98 8.04
N PRO A 211 -25.26 -20.73 8.41
CA PRO A 211 -24.90 -20.77 9.84
C PRO A 211 -25.64 -19.73 10.67
N LEU A 212 -26.04 -18.60 10.08
CA LEU A 212 -26.91 -17.67 10.79
C LEU A 212 -28.27 -18.30 11.05
N GLY A 213 -28.78 -19.08 10.11
CA GLY A 213 -29.98 -19.86 10.35
C GLY A 213 -29.79 -20.89 11.45
N LEU A 214 -28.59 -21.46 11.56
CA LEU A 214 -28.30 -22.36 12.66
C LEU A 214 -28.27 -21.62 14.00
N ILE A 215 -27.78 -20.38 14.03
CA ILE A 215 -27.80 -19.60 15.26
C ILE A 215 -29.24 -19.25 15.65
N ILE A 216 -30.08 -18.93 14.65
CA ILE A 216 -31.50 -18.70 14.93
C ILE A 216 -32.18 -19.98 15.43
N ALA A 217 -31.78 -21.13 14.91
CA ALA A 217 -32.29 -22.40 15.42
C ALA A 217 -31.83 -22.65 16.85
N ALA A 218 -30.62 -22.23 17.19
CA ALA A 218 -30.16 -22.30 18.57
C ALA A 218 -30.94 -21.35 19.46
N SER A 219 -31.38 -20.21 18.91
CA SER A 219 -32.29 -19.34 19.65
C SER A 219 -33.63 -20.02 19.88
N TRP A 220 -34.12 -20.78 18.91
CA TRP A 220 -35.31 -21.61 19.14
C TRP A 220 -35.06 -22.65 20.23
N SER A 221 -33.84 -23.21 20.25
CA SER A 221 -33.49 -24.19 21.29
C SER A 221 -33.48 -23.57 22.68
N VAL A 222 -32.96 -22.34 22.81
CA VAL A 222 -32.98 -21.69 24.11
C VAL A 222 -34.37 -21.19 24.46
N PHE A 223 -35.24 -20.96 23.46
CA PHE A 223 -36.67 -20.85 23.72
C PHE A 223 -37.22 -22.14 24.33
N TRP A 224 -36.74 -23.29 23.84
CA TRP A 224 -37.18 -24.59 24.36
C TRP A 224 -36.53 -24.96 25.69
N LEU A 225 -35.59 -24.16 26.19
CA LEU A 225 -34.82 -24.52 27.37
C LEU A 225 -35.67 -24.42 28.63
N GLU A 226 -35.28 -25.18 29.66
CA GLU A 226 -36.12 -25.39 30.83
C GLU A 226 -35.38 -25.06 32.13
N SER A 227 -34.58 -23.99 32.11
CA SER A 227 -33.92 -23.53 33.34
C SER A 227 -33.61 -22.04 33.15
N PHE A 228 -34.29 -21.20 33.95
CA PHE A 228 -34.39 -19.77 33.66
C PHE A 228 -33.04 -19.06 33.75
N SER A 229 -32.28 -19.32 34.82
CA SER A 229 -30.93 -18.77 34.92
C SER A 229 -30.03 -19.35 33.84
N GLU A 230 -30.19 -20.65 33.55
CA GLU A 230 -29.44 -21.29 32.47
C GLU A 230 -29.92 -20.82 31.11
N ARG A 231 -31.21 -20.47 30.97
CA ARG A 231 -31.68 -19.81 29.75
C ARG A 231 -30.97 -18.48 29.54
N LEU A 232 -30.83 -17.69 30.61
CA LEU A 232 -30.15 -16.41 30.51
C LEU A 232 -28.68 -16.59 30.16
N GLN A 233 -28.01 -17.57 30.78
CA GLN A 233 -26.61 -17.86 30.48
C GLN A 233 -26.43 -18.27 29.02
N THR A 234 -27.31 -19.16 28.53
CA THR A 234 -27.21 -19.61 27.15
C THR A 234 -27.49 -18.46 26.18
N SER A 235 -28.47 -17.60 26.48
CA SER A 235 -28.78 -16.50 25.58
C SER A 235 -27.69 -15.44 25.58
N PHE A 236 -26.98 -15.27 26.70
CA PHE A 236 -25.81 -14.39 26.66
C PHE A 236 -24.69 -15.02 25.83
N THR A 237 -24.57 -16.35 25.86
CA THR A 237 -23.63 -17.01 24.95
C THR A 237 -24.08 -16.83 23.49
N LEU A 238 -25.39 -16.70 23.29
CA LEU A 238 -25.92 -16.42 21.93
C LEU A 238 -25.45 -15.02 21.54
N MET A 239 -25.62 -14.02 22.42
CA MET A 239 -25.04 -12.70 22.10
C MET A 239 -23.56 -12.80 21.78
N LEU A 240 -22.80 -13.60 22.52
CA LEU A 240 -21.39 -13.78 22.18
C LEU A 240 -21.22 -14.37 20.78
N THR A 241 -22.14 -15.25 20.39
CA THR A 241 -22.09 -15.87 19.07
C THR A 241 -22.36 -14.86 17.96
N VAL A 242 -23.36 -13.99 18.16
CA VAL A 242 -23.69 -13.02 17.12
C VAL A 242 -22.66 -11.88 17.11
N VAL A 243 -22.06 -11.57 18.27
CA VAL A 243 -20.92 -10.66 18.32
C VAL A 243 -19.74 -11.24 17.56
N ALA A 244 -19.59 -12.57 17.56
CA ALA A 244 -18.58 -13.19 16.71
C ALA A 244 -18.83 -12.93 15.23
N TYR A 245 -20.07 -12.63 14.84
CA TYR A 245 -20.34 -12.18 13.49
C TYR A 245 -20.11 -10.67 13.36
N ALA A 246 -20.28 -10.18 12.12
CA ALA A 246 -20.11 -8.77 11.76
C ALA A 246 -18.70 -8.27 12.04
N PHE A 247 -17.74 -9.19 12.09
CA PHE A 247 -16.32 -8.87 12.23
C PHE A 247 -15.51 -9.36 11.04
N TYR A 248 -15.63 -10.64 10.69
CA TYR A 248 -15.17 -11.11 9.39
C TYR A 248 -16.24 -10.91 8.33
N THR A 249 -17.40 -10.39 8.72
CA THR A 249 -18.47 -10.02 7.81
C THR A 249 -18.44 -8.55 7.46
N SER A 250 -18.01 -7.68 8.38
CA SER A 250 -18.01 -6.25 8.13
C SER A 250 -16.96 -5.82 7.11
N ASN A 251 -16.00 -6.69 6.80
CA ASN A 251 -14.97 -6.38 5.81
C ASN A 251 -15.34 -6.87 4.41
N ILE A 252 -16.55 -7.39 4.21
CA ILE A 252 -16.99 -7.79 2.89
C ILE A 252 -18.10 -6.89 2.35
N LEU A 253 -18.84 -6.16 3.20
CA LEU A 253 -19.80 -5.21 2.70
C LEU A 253 -19.29 -3.79 2.96
N PRO A 254 -19.57 -2.83 2.07
CA PRO A 254 -19.02 -1.49 2.25
C PRO A 254 -19.66 -0.71 3.38
N ARG A 255 -19.08 0.44 3.68
CA ARG A 255 -19.71 1.38 4.60
C ARG A 255 -20.91 1.99 3.90
N LEU A 256 -22.10 1.49 4.23
CA LEU A 256 -23.28 1.72 3.41
C LEU A 256 -24.43 2.18 4.27
N PRO A 257 -25.17 3.22 3.87
CA PRO A 257 -26.14 3.84 4.79
C PRO A 257 -27.35 2.98 5.10
N TYR A 258 -27.98 2.36 4.10
CA TYR A 258 -29.13 1.52 4.35
C TYR A 258 -28.67 0.13 4.75
N THR A 259 -29.59 -0.83 4.77
CA THR A 259 -29.28 -2.18 5.21
C THR A 259 -29.32 -3.16 4.06
N THR A 260 -28.39 -4.11 4.07
CA THR A 260 -28.39 -5.25 3.17
C THR A 260 -29.30 -6.32 3.76
N VAL A 261 -29.23 -7.54 3.25
CA VAL A 261 -29.94 -8.64 3.90
C VAL A 261 -29.04 -9.35 4.90
N ILE A 262 -27.72 -9.21 4.78
CA ILE A 262 -26.81 -9.87 5.71
C ILE A 262 -26.86 -9.20 7.08
N ASP A 263 -26.68 -7.88 7.12
CA ASP A 263 -26.79 -7.17 8.39
C ASP A 263 -28.22 -7.15 8.89
N GLN A 264 -29.20 -7.29 7.98
CA GLN A 264 -30.58 -7.48 8.40
C GLN A 264 -30.75 -8.81 9.13
N MET A 265 -30.07 -9.86 8.66
CA MET A 265 -30.08 -11.14 9.38
C MET A 265 -29.36 -11.03 10.73
N ILE A 266 -28.26 -10.26 10.77
CA ILE A 266 -27.56 -10.05 12.03
C ILE A 266 -28.45 -9.34 13.05
N ILE A 267 -29.10 -8.25 12.62
CA ILE A 267 -29.95 -7.52 13.54
C ILE A 267 -31.23 -8.27 13.84
N ALA A 268 -31.67 -9.17 12.96
CA ALA A 268 -32.81 -10.02 13.26
C ALA A 268 -32.46 -11.06 14.31
N GLY A 269 -31.24 -11.61 14.23
CA GLY A 269 -30.78 -12.49 15.29
C GLY A 269 -30.65 -11.78 16.62
N TYR A 270 -30.13 -10.56 16.61
CA TYR A 270 -30.07 -9.75 17.82
C TYR A 270 -31.46 -9.48 18.38
N GLY A 271 -32.41 -9.15 17.50
CA GLY A 271 -33.77 -8.88 17.95
C GLY A 271 -34.47 -10.11 18.49
N SER A 272 -34.25 -11.27 17.87
CA SER A 272 -34.84 -12.50 18.38
C SER A 272 -34.24 -12.88 19.73
N ILE A 273 -32.93 -12.70 19.90
CA ILE A 273 -32.27 -13.02 21.16
C ILE A 273 -32.77 -12.11 22.27
N PHE A 274 -32.87 -10.80 21.97
CA PHE A 274 -33.39 -9.86 22.95
C PHE A 274 -34.87 -10.06 23.22
N ALA A 275 -35.64 -10.51 22.22
CA ALA A 275 -37.03 -10.86 22.45
C ALA A 275 -37.15 -12.04 23.40
N ALA A 276 -36.29 -13.05 23.23
CA ALA A 276 -36.26 -14.18 24.14
C ALA A 276 -35.95 -13.75 25.57
N ILE A 277 -34.95 -12.89 25.74
CA ILE A 277 -34.57 -12.47 27.09
C ILE A 277 -35.64 -11.57 27.71
N LEU A 278 -36.20 -10.63 26.94
CA LEU A 278 -37.25 -9.78 27.50
C LEU A 278 -38.48 -10.60 27.84
N LEU A 279 -38.77 -11.64 27.05
CA LEU A 279 -39.89 -12.52 27.34
C LEU A 279 -39.67 -13.28 28.64
N ILE A 280 -38.48 -13.87 28.82
CA ILE A 280 -38.26 -14.65 30.03
C ILE A 280 -38.16 -13.76 31.26
N ILE A 281 -37.61 -12.55 31.13
CA ILE A 281 -37.56 -11.62 32.27
C ILE A 281 -38.97 -11.12 32.62
N PHE A 282 -39.78 -10.77 31.61
CA PHE A 282 -41.12 -10.30 31.89
C PHE A 282 -42.01 -11.40 32.45
N ALA A 283 -41.76 -12.66 32.05
CA ALA A 283 -42.48 -13.78 32.64
C ALA A 283 -42.01 -14.06 34.05
N HIS A 284 -40.71 -13.87 34.31
CA HIS A 284 -40.18 -14.05 35.66
C HIS A 284 -40.73 -13.01 36.63
N HIS A 285 -40.83 -11.76 36.18
CA HIS A 285 -41.40 -10.70 37.01
C HIS A 285 -42.93 -10.76 37.04
N PRO B 11 -0.25 43.88 -10.95
CA PRO B 11 -0.51 42.46 -10.73
C PRO B 11 -1.49 41.88 -11.74
N VAL B 12 -1.20 40.69 -12.26
CA VAL B 12 -2.03 40.07 -13.28
C VAL B 12 -3.11 39.24 -12.60
N ASP B 13 -4.37 39.63 -12.81
CA ASP B 13 -5.48 38.95 -12.17
C ASP B 13 -5.76 37.61 -12.83
N VAL B 14 -6.14 36.63 -12.00
CA VAL B 14 -6.46 35.27 -12.45
C VAL B 14 -7.89 34.98 -12.06
N SER B 15 -8.69 34.52 -13.01
CA SER B 15 -10.10 34.17 -12.77
C SER B 15 -10.20 32.66 -12.74
N VAL B 16 -10.05 32.09 -11.54
CA VAL B 16 -10.03 30.65 -11.37
C VAL B 16 -11.46 30.14 -11.19
N SER B 17 -11.67 28.86 -11.54
CA SER B 17 -12.96 28.20 -11.36
C SER B 17 -12.72 26.70 -11.27
N ILE B 18 -13.10 26.09 -10.15
CA ILE B 18 -12.81 24.69 -9.87
C ILE B 18 -14.08 23.87 -10.09
N PHE B 19 -13.94 22.80 -10.86
CA PHE B 19 -15.00 21.82 -11.07
C PHE B 19 -14.71 20.61 -10.20
N ILE B 20 -15.64 20.28 -9.32
CA ILE B 20 -15.51 19.10 -8.46
C ILE B 20 -16.22 17.93 -9.13
N ASN B 21 -15.50 16.85 -9.38
CA ASN B 21 -16.06 15.70 -10.08
C ASN B 21 -16.58 14.65 -9.11
N LYS B 22 -15.70 14.08 -8.29
CA LYS B 22 -16.08 13.10 -7.28
C LYS B 22 -15.35 13.42 -5.98
N ILE B 23 -16.01 13.13 -4.86
CA ILE B 23 -15.39 13.16 -3.55
C ILE B 23 -15.54 11.77 -2.94
N TYR B 24 -14.42 11.16 -2.58
CA TYR B 24 -14.44 9.77 -2.15
C TYR B 24 -13.27 9.52 -1.20
N GLY B 25 -13.34 8.36 -0.54
CA GLY B 25 -12.23 7.88 0.27
C GLY B 25 -11.89 8.74 1.45
N VAL B 26 -12.92 9.14 2.22
CA VAL B 26 -12.67 9.96 3.40
C VAL B 26 -12.18 9.04 4.50
N ASN B 27 -10.86 8.85 4.55
CA ASN B 27 -10.24 7.93 5.50
C ASN B 27 -9.99 8.72 6.78
N THR B 28 -10.95 8.69 7.69
CA THR B 28 -10.85 9.47 8.91
C THR B 28 -9.81 8.93 9.88
N LEU B 29 -9.30 7.72 9.66
CA LEU B 29 -8.34 7.11 10.57
C LEU B 29 -7.04 7.91 10.63
N GLU B 30 -6.52 8.31 9.47
CA GLU B 30 -5.30 9.12 9.41
C GLU B 30 -5.55 10.47 8.75
N GLN B 31 -6.81 10.93 8.82
CA GLN B 31 -7.19 12.33 8.62
C GLN B 31 -6.89 12.81 7.19
N THR B 32 -7.61 12.25 6.22
CA THR B 32 -7.48 12.66 4.84
C THR B 32 -8.80 12.44 4.10
N TYR B 33 -8.92 13.06 2.94
CA TYR B 33 -10.00 12.79 2.02
C TYR B 33 -9.54 13.14 0.61
N LYS B 34 -9.93 12.32 -0.36
CA LYS B 34 -9.57 12.54 -1.75
C LYS B 34 -10.69 13.30 -2.45
N VAL B 35 -10.31 14.30 -3.24
CA VAL B 35 -11.24 15.01 -4.09
C VAL B 35 -10.69 14.98 -5.51
N ASP B 36 -11.55 14.69 -6.48
CA ASP B 36 -11.18 14.59 -7.88
C ASP B 36 -11.97 15.63 -8.66
N GLY B 37 -11.33 16.25 -9.64
CA GLY B 37 -12.02 17.24 -10.43
C GLY B 37 -11.10 17.98 -11.36
N TYR B 38 -11.57 19.13 -11.84
CA TYR B 38 -10.91 19.92 -12.86
C TYR B 38 -10.63 21.30 -12.33
N ILE B 39 -9.50 21.87 -12.73
CA ILE B 39 -9.12 23.23 -12.38
C ILE B 39 -9.03 24.06 -13.66
N VAL B 40 -9.62 25.25 -13.63
CA VAL B 40 -9.59 26.17 -14.76
C VAL B 40 -9.01 27.48 -14.25
N ALA B 41 -7.99 28.00 -14.92
CA ALA B 41 -7.30 29.22 -14.51
C ALA B 41 -7.25 30.17 -15.69
N GLN B 42 -8.27 31.01 -15.82
CA GLN B 42 -8.28 32.00 -16.89
C GLN B 42 -7.63 33.29 -16.42
N TRP B 43 -6.70 33.79 -17.21
CA TRP B 43 -5.99 35.02 -16.86
C TRP B 43 -5.45 35.66 -18.13
N THR B 44 -5.40 36.99 -18.15
CA THR B 44 -5.02 37.72 -19.35
C THR B 44 -3.51 37.87 -19.44
N GLY B 45 -3.03 38.12 -20.66
CA GLY B 45 -1.62 38.25 -20.91
C GLY B 45 -1.30 39.04 -22.16
N LYS B 46 -0.06 38.97 -22.62
CA LYS B 46 0.33 39.69 -23.83
C LYS B 46 -0.28 39.02 -25.05
N PRO B 47 -0.92 39.76 -25.94
CA PRO B 47 -1.48 39.16 -27.16
C PRO B 47 -0.38 38.64 -28.09
N ARG B 48 -0.69 37.57 -28.80
CA ARG B 48 0.25 36.92 -29.69
C ARG B 48 -0.46 36.49 -30.96
N LYS B 49 0.34 36.16 -31.99
CA LYS B 49 -0.19 35.68 -33.25
C LYS B 49 -0.25 34.16 -33.22
N THR B 50 -1.44 33.61 -33.12
CA THR B 50 -1.70 32.18 -33.15
C THR B 50 -1.97 31.74 -34.59
N PRO B 51 -1.75 30.44 -34.90
CA PRO B 51 -2.05 29.96 -36.26
C PRO B 51 -3.53 30.06 -36.61
N GLY B 52 -3.86 30.97 -37.51
CA GLY B 52 -5.24 31.21 -37.89
C GLY B 52 -6.00 31.96 -36.80
N ASP B 53 -7.29 32.15 -37.06
CA ASP B 53 -8.19 32.71 -36.07
C ASP B 53 -8.63 31.69 -35.03
N LYS B 54 -8.41 30.40 -35.30
CA LYS B 54 -8.74 29.36 -34.34
C LYS B 54 -7.84 29.48 -33.11
N PRO B 55 -8.38 29.25 -31.91
CA PRO B 55 -7.52 29.20 -30.73
C PRO B 55 -6.56 28.02 -30.78
N LEU B 56 -5.42 28.20 -30.15
CA LEU B 56 -4.37 27.18 -30.14
C LEU B 56 -4.52 26.29 -28.92
N ILE B 57 -4.49 24.98 -29.14
CA ILE B 57 -4.60 23.99 -28.07
C ILE B 57 -3.28 23.24 -27.97
N VAL B 58 -2.66 23.27 -26.80
CA VAL B 58 -1.47 22.49 -26.53
C VAL B 58 -1.77 21.52 -25.39
N GLU B 59 -1.41 20.26 -25.59
CA GLU B 59 -1.84 19.17 -24.73
C GLU B 59 -0.82 18.95 -23.62
N ASN B 60 -0.91 17.81 -22.93
CA ASN B 60 0.10 17.41 -21.97
C ASN B 60 1.42 17.15 -22.65
N THR B 61 2.51 17.20 -21.87
CA THR B 61 3.92 17.03 -22.22
C THR B 61 4.33 17.75 -23.51
N GLN B 62 3.64 18.85 -23.80
CA GLN B 62 3.99 19.75 -24.90
C GLN B 62 4.04 21.20 -24.46
N ILE B 63 3.37 21.56 -23.36
CA ILE B 63 3.45 22.92 -22.84
C ILE B 63 4.81 23.24 -22.28
N GLU B 64 5.64 22.22 -21.98
CA GLU B 64 6.99 22.47 -21.49
C GLU B 64 7.85 23.15 -22.53
N ARG B 65 7.62 22.85 -23.82
CA ARG B 65 8.29 23.57 -24.88
C ARG B 65 7.90 25.04 -24.89
N TRP B 66 6.63 25.34 -24.63
CA TRP B 66 6.19 26.74 -24.57
C TRP B 66 6.78 27.44 -23.35
N ILE B 67 6.87 26.74 -22.22
CA ILE B 67 7.47 27.33 -21.01
C ILE B 67 8.94 27.64 -21.25
N ASN B 68 9.66 26.70 -21.88
CA ASN B 68 11.05 26.96 -22.23
C ASN B 68 11.19 28.05 -23.27
N ASN B 69 10.18 28.22 -24.13
CA ASN B 69 10.23 29.27 -25.13
C ASN B 69 9.98 30.66 -24.56
N GLY B 70 9.48 30.74 -23.33
CA GLY B 70 9.33 32.02 -22.68
C GLY B 70 7.95 32.32 -22.15
N LEU B 71 7.01 31.39 -22.36
CA LEU B 71 5.65 31.58 -21.89
C LEU B 71 5.57 31.46 -20.38
N TRP B 72 4.75 32.31 -19.77
CA TRP B 72 4.48 32.26 -18.34
C TRP B 72 3.22 31.47 -18.09
N VAL B 73 3.27 30.57 -17.11
CA VAL B 73 2.10 29.86 -16.61
C VAL B 73 2.31 29.61 -15.12
N PRO B 74 1.34 29.93 -14.27
CA PRO B 74 1.54 29.77 -12.82
C PRO B 74 1.35 28.33 -12.38
N ALA B 75 2.18 27.93 -11.42
CA ALA B 75 2.07 26.61 -10.81
C ALA B 75 1.15 26.73 -9.60
N LEU B 76 -0.16 26.61 -9.84
CA LEU B 76 -1.13 26.71 -8.76
C LEU B 76 -1.10 25.45 -7.90
N GLU B 77 -0.38 25.51 -6.78
CA GLU B 77 -0.29 24.37 -5.90
C GLU B 77 -1.43 24.38 -4.87
N PHE B 78 -1.59 23.26 -4.19
CA PHE B 78 -2.54 23.14 -3.09
C PHE B 78 -1.76 23.10 -1.78
N ILE B 79 -2.40 23.58 -0.71
CA ILE B 79 -1.72 23.69 0.58
C ILE B 79 -2.10 22.54 1.50
N ASN B 80 -3.38 22.21 1.59
CA ASN B 80 -3.86 21.15 2.47
C ASN B 80 -3.74 19.77 1.85
N VAL B 81 -2.95 19.63 0.79
CA VAL B 81 -2.75 18.35 0.12
C VAL B 81 -1.61 17.61 0.79
N VAL B 82 -1.72 16.29 0.86
CA VAL B 82 -0.65 15.44 1.34
C VAL B 82 -0.17 14.59 0.17
N GLY B 83 1.15 14.50 0.01
CA GLY B 83 1.71 13.91 -1.19
C GLY B 83 1.67 14.89 -2.34
N SER B 84 2.15 14.42 -3.48
CA SER B 84 2.07 15.23 -4.69
C SER B 84 0.71 15.03 -5.36
N PRO B 85 0.01 16.11 -5.72
CA PRO B 85 -1.26 15.93 -6.45
C PRO B 85 -1.00 15.43 -7.86
N ASP B 86 -1.39 14.19 -8.15
CA ASP B 86 -1.09 13.58 -9.44
C ASP B 86 -2.00 14.14 -10.55
N THR B 87 -1.48 15.15 -11.22
CA THR B 87 -2.18 15.73 -12.36
C THR B 87 -2.17 14.77 -13.53
N GLY B 88 -3.34 14.59 -14.15
CA GLY B 88 -3.44 13.72 -15.30
C GLY B 88 -3.16 14.50 -16.56
N ASN B 89 -4.10 14.53 -17.49
CA ASN B 89 -3.98 15.36 -18.66
C ASN B 89 -4.17 16.82 -18.30
N LYS B 90 -3.43 17.70 -18.96
CA LYS B 90 -3.50 19.13 -18.73
C LYS B 90 -3.29 19.87 -20.04
N ARG B 91 -4.07 20.92 -20.25
CA ARG B 91 -4.13 21.64 -21.51
C ARG B 91 -4.02 23.13 -21.24
N LEU B 92 -3.64 23.88 -22.27
CA LEU B 92 -3.38 25.31 -22.12
C LEU B 92 -3.92 26.03 -23.36
N MET B 93 -5.03 26.75 -23.19
CA MET B 93 -5.54 27.60 -24.25
C MET B 93 -4.58 28.72 -24.55
N LEU B 94 -4.63 29.23 -25.77
CA LEU B 94 -3.92 30.46 -26.16
C LEU B 94 -4.82 31.24 -27.10
N PHE B 95 -5.66 32.11 -26.54
CA PHE B 95 -6.47 32.98 -27.37
C PHE B 95 -5.60 34.07 -28.00
N PRO B 96 -5.89 34.46 -29.24
CA PRO B 96 -5.05 35.46 -29.91
C PRO B 96 -5.07 36.83 -29.25
N ASP B 97 -6.20 37.23 -28.68
CA ASP B 97 -6.32 38.60 -28.20
C ASP B 97 -5.70 38.80 -26.81
N GLY B 98 -5.40 37.72 -26.09
CA GLY B 98 -4.65 37.82 -24.85
C GLY B 98 -4.99 36.81 -23.77
N ARG B 99 -6.23 36.35 -23.65
CA ARG B 99 -6.57 35.48 -22.53
C ARG B 99 -5.95 34.10 -22.69
N VAL B 100 -5.54 33.51 -21.56
CA VAL B 100 -4.96 32.19 -21.49
C VAL B 100 -5.75 31.39 -20.48
N ILE B 101 -6.14 30.16 -20.83
CA ILE B 101 -6.88 29.28 -19.95
C ILE B 101 -6.03 28.04 -19.69
N TYR B 102 -5.84 27.71 -18.43
CA TYR B 102 -5.03 26.56 -18.00
C TYR B 102 -5.97 25.53 -17.38
N ASN B 103 -6.50 24.64 -18.20
CA ASN B 103 -7.40 23.60 -17.75
C ASN B 103 -6.59 22.35 -17.45
N ALA B 104 -6.69 21.86 -16.21
CA ALA B 104 -5.97 20.67 -15.79
C ALA B 104 -6.87 19.81 -14.92
N ARG B 105 -6.58 18.51 -14.91
CA ARG B 105 -7.31 17.55 -14.09
C ARG B 105 -6.47 17.24 -12.86
N PHE B 106 -6.90 17.73 -11.71
CA PHE B 106 -6.16 17.55 -10.47
C PHE B 106 -6.77 16.42 -9.66
N LEU B 107 -5.94 15.76 -8.88
CA LEU B 107 -6.37 14.73 -7.94
C LEU B 107 -5.33 14.60 -6.85
N GLY B 108 -5.78 14.68 -5.59
CA GLY B 108 -4.88 14.56 -4.47
C GLY B 108 -5.66 14.24 -3.22
N SER B 109 -4.92 13.89 -2.18
CA SER B 109 -5.50 13.63 -0.86
C SER B 109 -5.38 14.90 -0.03
N PHE B 110 -6.52 15.41 0.41
CA PHE B 110 -6.59 16.71 1.08
C PHE B 110 -6.93 16.49 2.55
N SER B 111 -6.53 17.45 3.39
CA SER B 111 -6.63 17.29 4.84
C SER B 111 -7.29 18.51 5.47
N ASN B 112 -8.17 18.25 6.43
CA ASN B 112 -8.82 19.25 7.28
C ASN B 112 -8.54 18.89 8.73
N ASP B 113 -8.74 19.85 9.63
CA ASP B 113 -8.66 19.57 11.06
C ASP B 113 -9.69 18.53 11.46
N MET B 114 -10.96 18.77 11.13
CA MET B 114 -12.02 17.76 11.08
C MET B 114 -12.22 17.07 12.42
N ASP B 115 -12.83 17.84 13.33
CA ASP B 115 -13.09 17.30 14.69
C ASP B 115 -14.16 16.22 14.60
N PHE B 116 -14.21 15.37 15.62
CA PHE B 116 -15.19 14.28 15.70
C PHE B 116 -15.84 14.27 17.07
N ARG B 117 -16.35 15.43 17.49
CA ARG B 117 -16.98 15.57 18.80
C ARG B 117 -18.23 14.70 18.92
N LEU B 118 -19.00 14.62 17.84
CA LEU B 118 -20.17 13.74 17.76
C LEU B 118 -19.93 12.82 16.57
N PHE B 119 -19.49 11.59 16.83
CA PHE B 119 -19.03 10.72 15.74
C PHE B 119 -20.12 10.31 14.75
N PRO B 120 -21.32 9.82 15.16
CA PRO B 120 -22.34 9.52 14.14
C PRO B 120 -23.07 10.77 13.68
N PHE B 121 -23.34 11.69 14.60
CA PHE B 121 -24.04 12.94 14.28
C PHE B 121 -23.01 14.01 13.94
N ASP B 122 -22.34 13.78 12.82
CA ASP B 122 -21.09 14.45 12.50
C ASP B 122 -21.25 15.32 11.26
N ARG B 123 -20.61 16.50 11.29
CA ARG B 123 -20.59 17.39 10.14
C ARG B 123 -19.29 18.18 10.12
N GLN B 124 -18.65 18.24 8.96
CA GLN B 124 -17.43 19.03 8.78
C GLN B 124 -17.44 19.79 7.46
N GLN B 125 -16.29 20.39 7.13
CA GLN B 125 -16.11 21.13 5.90
C GLN B 125 -14.94 20.52 5.14
N PHE B 126 -15.14 20.22 3.87
CA PHE B 126 -14.07 19.80 2.99
C PHE B 126 -13.47 21.04 2.34
N VAL B 127 -12.17 21.24 2.51
CA VAL B 127 -11.53 22.45 2.03
C VAL B 127 -10.46 22.09 1.00
N LEU B 128 -10.27 22.99 0.04
CA LEU B 128 -9.23 22.88 -0.99
C LEU B 128 -8.49 24.22 -0.97
N GLU B 129 -7.49 24.33 -0.11
CA GLU B 129 -6.81 25.61 0.10
C GLU B 129 -5.78 25.80 -1.00
N LEU B 130 -6.08 26.69 -1.95
CA LEU B 130 -5.27 26.89 -3.13
C LEU B 130 -4.48 28.18 -2.99
N GLU B 131 -3.22 28.16 -3.43
CA GLU B 131 -2.28 29.26 -3.24
C GLU B 131 -1.23 29.21 -4.33
N PRO B 132 -0.84 30.35 -4.91
CA PRO B 132 0.26 30.35 -5.88
C PRO B 132 1.58 30.06 -5.17
N PHE B 133 2.32 29.10 -5.71
CA PHE B 133 3.55 28.68 -5.04
C PHE B 133 4.65 29.72 -5.21
N SER B 134 4.84 30.24 -6.41
CA SER B 134 6.02 31.03 -6.74
C SER B 134 5.81 32.52 -6.61
N TYR B 135 4.61 33.02 -6.91
CA TYR B 135 4.38 34.45 -7.00
C TYR B 135 3.56 34.96 -5.83
N ASN B 136 3.80 36.19 -5.45
CA ASN B 136 3.12 36.83 -4.35
C ASN B 136 2.05 37.80 -4.86
N ASN B 137 1.47 38.59 -3.96
CA ASN B 137 0.34 39.43 -4.30
C ASN B 137 0.72 40.56 -5.27
N GLN B 138 2.02 40.86 -5.39
CA GLN B 138 2.45 41.92 -6.29
C GLN B 138 2.35 41.54 -7.76
N GLN B 139 2.49 40.27 -8.12
CA GLN B 139 2.32 39.87 -9.51
C GLN B 139 1.04 39.10 -9.79
N LEU B 140 0.63 38.20 -8.90
CA LEU B 140 -0.52 37.37 -9.17
C LEU B 140 -1.51 37.49 -8.02
N ARG B 141 -2.69 38.03 -8.32
CA ARG B 141 -3.76 38.18 -7.35
C ARG B 141 -5.02 37.54 -7.93
N PHE B 142 -5.61 36.62 -7.17
CA PHE B 142 -6.78 35.89 -7.66
C PHE B 142 -8.00 36.80 -7.66
N SER B 143 -8.60 36.97 -8.84
CA SER B 143 -9.71 37.90 -8.99
C SER B 143 -10.98 37.36 -8.36
N ASP B 144 -11.47 36.22 -8.86
CA ASP B 144 -12.70 35.65 -8.37
C ASP B 144 -12.68 34.15 -8.57
N ILE B 145 -13.53 33.45 -7.83
CA ILE B 145 -13.73 32.02 -7.99
C ILE B 145 -15.22 31.71 -7.96
N GLN B 146 -15.66 30.87 -8.89
CA GLN B 146 -17.00 30.31 -8.87
C GLN B 146 -16.88 28.81 -9.01
N VAL B 147 -17.22 28.09 -7.94
CA VAL B 147 -17.09 26.64 -7.90
C VAL B 147 -18.35 26.08 -8.56
N TYR B 148 -18.21 25.62 -9.81
CA TYR B 148 -19.31 25.00 -10.54
C TYR B 148 -19.32 23.50 -10.23
N THR B 149 -19.76 23.20 -9.02
CA THR B 149 -19.79 21.83 -8.52
C THR B 149 -21.15 21.15 -8.71
N GLU B 150 -21.70 21.21 -9.93
CA GLU B 150 -23.03 20.67 -10.17
C GLU B 150 -23.07 19.14 -10.18
N ASN B 151 -21.91 18.48 -10.19
CA ASN B 151 -21.88 17.02 -10.21
C ASN B 151 -22.10 16.42 -8.82
N ILE B 152 -21.80 17.16 -7.76
CA ILE B 152 -21.86 16.61 -6.41
C ILE B 152 -22.61 17.57 -5.49
N ASP B 153 -23.29 18.57 -6.07
CA ASP B 153 -23.95 19.62 -5.29
C ASP B 153 -25.05 19.07 -4.41
N ASN B 154 -25.88 18.17 -4.95
CA ASN B 154 -26.89 17.46 -4.16
C ASN B 154 -26.87 16.01 -4.63
N GLU B 155 -26.02 15.21 -4.00
CA GLU B 155 -25.86 13.80 -4.33
C GLU B 155 -25.62 13.02 -3.05
N GLU B 156 -25.85 11.70 -3.10
CA GLU B 156 -25.58 10.86 -1.91
C GLU B 156 -24.30 10.05 -2.12
N ILE B 157 -23.17 10.53 -1.57
CA ILE B 157 -21.86 9.82 -1.73
C ILE B 157 -21.48 9.18 -0.39
N ASP B 158 -21.06 7.91 -0.42
CA ASP B 158 -20.61 7.21 0.82
C ASP B 158 -21.55 7.54 1.97
N GLU B 159 -21.01 7.90 3.13
CA GLU B 159 -21.85 8.30 4.28
C GLU B 159 -21.85 9.84 4.35
N TRP B 160 -21.31 10.50 3.33
CA TRP B 160 -21.20 11.97 3.39
C TRP B 160 -22.23 12.64 2.46
N TRP B 161 -23.30 13.16 3.04
CA TRP B 161 -24.31 13.89 2.22
C TRP B 161 -23.83 15.32 2.01
N ILE B 162 -23.64 15.72 0.74
CA ILE B 162 -23.17 17.10 0.44
C ILE B 162 -24.38 18.03 0.33
N ARG B 163 -24.69 18.78 1.40
CA ARG B 163 -25.80 19.71 1.41
C ARG B 163 -25.31 21.14 1.24
N GLY B 164 -26.08 21.92 0.48
CA GLY B 164 -25.74 23.30 0.21
C GLY B 164 -24.71 23.43 -0.90
N LYS B 165 -24.52 24.66 -1.35
CA LYS B 165 -23.49 24.95 -2.33
C LYS B 165 -22.14 25.10 -1.63
N ALA B 166 -21.08 25.06 -2.44
CA ALA B 166 -19.72 25.16 -1.92
C ALA B 166 -19.39 26.64 -1.71
N SER B 167 -19.16 27.02 -0.46
CA SER B 167 -18.79 28.39 -0.16
C SER B 167 -17.33 28.65 -0.55
N THR B 168 -17.03 29.90 -0.88
CA THR B 168 -15.71 30.28 -1.36
C THR B 168 -15.16 31.43 -0.53
N HIS B 169 -13.83 31.55 -0.51
CA HIS B 169 -13.16 32.64 0.17
C HIS B 169 -11.94 33.07 -0.63
N ILE B 170 -11.70 34.37 -0.68
CA ILE B 170 -10.47 34.94 -1.22
C ILE B 170 -9.86 35.80 -0.12
N SER B 171 -8.65 35.45 0.31
CA SER B 171 -7.98 36.15 1.40
C SER B 171 -6.52 36.39 1.05
N ASP B 172 -5.92 37.35 1.74
CA ASP B 172 -4.51 37.66 1.60
C ASP B 172 -3.79 37.12 2.82
N ILE B 173 -3.10 35.99 2.64
CA ILE B 173 -2.41 35.31 3.74
C ILE B 173 -0.93 35.65 3.66
N ARG B 174 -0.38 36.17 4.75
CA ARG B 174 1.00 36.59 4.83
C ARG B 174 1.85 35.50 5.46
N TYR B 175 2.88 35.04 4.75
CA TYR B 175 3.82 34.07 5.27
C TYR B 175 5.03 34.80 5.83
N ASP B 176 5.42 34.41 7.05
CA ASP B 176 6.54 35.07 7.72
C ASP B 176 7.87 34.39 7.43
N HIS B 177 7.87 33.15 6.93
CA HIS B 177 9.13 32.46 6.68
C HIS B 177 9.85 33.02 5.47
N LEU B 178 9.16 33.76 4.62
CA LEU B 178 9.77 34.45 3.50
C LEU B 178 10.14 35.90 3.83
N SER B 179 9.85 36.36 5.05
CA SER B 179 10.11 37.75 5.41
C SER B 179 11.60 38.02 5.53
N SER B 180 12.39 37.02 5.94
CA SER B 180 13.83 37.22 6.06
C SER B 180 14.49 37.34 4.70
N VAL B 181 13.91 36.74 3.67
CA VAL B 181 14.46 36.78 2.33
C VAL B 181 13.72 37.74 1.40
N GLN B 182 12.45 38.01 1.66
CA GLN B 182 11.70 39.05 0.94
C GLN B 182 11.18 40.04 1.97
N PRO B 183 11.71 41.27 2.01
CA PRO B 183 11.43 42.18 3.14
C PRO B 183 9.98 42.66 3.22
N ASN B 184 9.42 43.14 2.12
CA ASN B 184 8.10 43.74 2.14
C ASN B 184 7.11 43.06 1.20
N GLN B 185 7.56 42.14 0.35
CA GLN B 185 6.69 41.47 -0.63
C GLN B 185 6.65 39.98 -0.32
N ASN B 186 5.84 39.61 0.67
CA ASN B 186 5.71 38.22 1.06
C ASN B 186 4.27 37.84 1.38
N GLU B 187 3.30 38.50 0.74
CA GLU B 187 1.89 38.26 0.98
C GLU B 187 1.29 37.52 -0.22
N PHE B 188 0.45 36.53 0.06
CA PHE B 188 -0.06 35.62 -0.95
C PHE B 188 -1.58 35.69 -1.01
N SER B 189 -2.11 35.69 -2.24
CA SER B 189 -3.56 35.67 -2.45
C SER B 189 -4.02 34.22 -2.39
N ARG B 190 -4.64 33.83 -1.29
CA ARG B 190 -5.00 32.44 -1.04
C ARG B 190 -6.48 32.22 -1.31
N ILE B 191 -6.79 31.03 -1.84
CA ILE B 191 -8.16 30.62 -2.11
C ILE B 191 -8.51 29.51 -1.14
N THR B 192 -9.66 29.63 -0.49
CA THR B 192 -10.17 28.57 0.37
C THR B 192 -11.64 28.35 0.03
N VAL B 193 -11.94 27.18 -0.54
CA VAL B 193 -13.32 26.76 -0.76
C VAL B 193 -13.72 25.88 0.41
N ARG B 194 -15.03 25.79 0.66
CA ARG B 194 -15.55 25.04 1.81
C ARG B 194 -16.78 24.26 1.33
N ILE B 195 -16.70 22.94 1.37
CA ILE B 195 -17.81 22.07 1.00
C ILE B 195 -18.38 21.49 2.28
N ASP B 196 -19.63 21.85 2.58
CA ASP B 196 -20.27 21.42 3.82
C ASP B 196 -20.74 19.98 3.67
N ALA B 197 -20.20 19.09 4.51
CA ALA B 197 -20.51 17.66 4.43
C ALA B 197 -20.92 17.14 5.80
N VAL B 198 -21.91 16.26 5.80
CA VAL B 198 -22.52 15.73 7.02
C VAL B 198 -22.44 14.21 6.96
N ARG B 199 -21.99 13.58 8.04
CA ARG B 199 -22.07 12.13 8.15
C ARG B 199 -23.52 11.65 8.12
N ASN B 200 -23.76 10.61 7.32
CA ASN B 200 -25.02 9.89 7.40
C ASN B 200 -24.97 8.92 8.58
N PRO B 201 -25.79 9.12 9.60
CA PRO B 201 -25.70 8.26 10.80
C PRO B 201 -26.55 7.00 10.75
N SER B 202 -27.10 6.64 9.59
CA SER B 202 -27.99 5.48 9.51
C SER B 202 -27.24 4.19 9.77
N TYR B 203 -26.02 4.05 9.24
CA TYR B 203 -25.27 2.81 9.38
C TYR B 203 -24.88 2.57 10.84
N TYR B 204 -24.39 3.61 11.53
CA TYR B 204 -23.97 3.43 12.92
C TYR B 204 -25.16 3.23 13.85
N LEU B 205 -26.23 4.00 13.64
CA LEU B 205 -27.45 3.81 14.42
C LEU B 205 -28.03 2.42 14.24
N TRP B 206 -27.94 1.89 13.02
CA TRP B 206 -28.49 0.56 12.77
C TRP B 206 -27.58 -0.56 13.26
N SER B 207 -26.26 -0.37 13.23
CA SER B 207 -25.34 -1.50 13.40
C SER B 207 -24.54 -1.50 14.70
N PHE B 208 -24.25 -0.35 15.30
CA PHE B 208 -23.34 -0.29 16.43
C PHE B 208 -24.01 0.13 17.73
N ILE B 209 -24.94 1.09 17.67
CA ILE B 209 -25.43 1.72 18.88
C ILE B 209 -26.51 0.89 19.54
N LEU B 210 -27.46 0.41 18.72
CA LEU B 210 -28.60 -0.37 19.27
C LEU B 210 -28.11 -1.70 19.88
N PRO B 211 -27.20 -2.51 19.27
CA PRO B 211 -26.73 -3.72 19.98
C PRO B 211 -25.99 -3.41 21.27
N LEU B 212 -25.36 -2.24 21.38
CA LEU B 212 -24.81 -1.83 22.66
C LEU B 212 -25.91 -1.61 23.68
N GLY B 213 -27.05 -1.04 23.25
CA GLY B 213 -28.21 -0.97 24.12
C GLY B 213 -28.73 -2.34 24.51
N LEU B 214 -28.63 -3.32 23.61
CA LEU B 214 -29.00 -4.68 23.97
C LEU B 214 -28.04 -5.28 25.00
N ILE B 215 -26.75 -4.95 24.91
CA ILE B 215 -25.80 -5.42 25.92
C ILE B 215 -26.07 -4.77 27.27
N ILE B 216 -26.44 -3.49 27.27
CA ILE B 216 -26.83 -2.82 28.51
C ILE B 216 -28.12 -3.44 29.07
N ALA B 217 -29.04 -3.84 28.20
CA ALA B 217 -30.23 -4.54 28.66
C ALA B 217 -29.89 -5.91 29.24
N ALA B 218 -28.89 -6.58 28.67
CA ALA B 218 -28.40 -7.82 29.27
C ALA B 218 -27.75 -7.57 30.62
N SER B 219 -27.11 -6.42 30.79
CA SER B 219 -26.61 -6.03 32.12
C SER B 219 -27.77 -5.81 33.09
N TRP B 220 -28.89 -5.24 32.63
CA TRP B 220 -30.08 -5.19 33.47
C TRP B 220 -30.59 -6.58 33.81
N SER B 221 -30.50 -7.51 32.85
CA SER B 221 -30.92 -8.89 33.10
C SER B 221 -30.05 -9.57 34.14
N VAL B 222 -28.73 -9.34 34.11
CA VAL B 222 -27.87 -9.93 35.13
C VAL B 222 -28.01 -9.20 36.47
N PHE B 223 -28.46 -7.93 36.45
CA PHE B 223 -28.97 -7.32 37.67
C PHE B 223 -30.18 -8.09 38.20
N TRP B 224 -31.06 -8.55 37.32
CA TRP B 224 -32.24 -9.31 37.70
C TRP B 224 -31.94 -10.76 38.06
N LEU B 225 -30.70 -11.22 37.88
CA LEU B 225 -30.36 -12.62 38.05
C LEU B 225 -30.38 -13.01 39.54
N GLU B 226 -30.59 -14.30 39.78
CA GLU B 226 -30.88 -14.79 41.14
C GLU B 226 -29.95 -15.92 41.55
N SER B 227 -28.67 -15.82 41.18
CA SER B 227 -27.67 -16.80 41.62
C SER B 227 -26.31 -16.11 41.59
N PHE B 228 -25.71 -15.91 42.76
CA PHE B 228 -24.61 -14.96 42.93
C PHE B 228 -23.36 -15.39 42.17
N SER B 229 -22.97 -16.65 42.31
CA SER B 229 -21.85 -17.17 41.52
C SER B 229 -22.19 -17.17 40.03
N GLU B 230 -23.43 -17.51 39.70
CA GLU B 230 -23.89 -17.45 38.31
C GLU B 230 -24.04 -16.01 37.82
N ARG B 231 -24.37 -15.08 38.72
CA ARG B 231 -24.32 -13.66 38.37
C ARG B 231 -22.91 -13.24 38.00
N LEU B 232 -21.91 -13.68 38.77
CA LEU B 232 -20.53 -13.35 38.48
C LEU B 232 -20.08 -13.96 37.15
N GLN B 233 -20.47 -15.22 36.91
CA GLN B 233 -20.13 -15.88 35.64
C GLN B 233 -20.74 -15.15 34.46
N THR B 234 -22.02 -14.78 34.56
CA THR B 234 -22.68 -14.07 33.47
C THR B 234 -22.07 -12.69 33.26
N SER B 235 -21.73 -11.98 34.33
CA SER B 235 -21.15 -10.66 34.17
C SER B 235 -19.73 -10.72 33.61
N PHE B 236 -18.99 -11.79 33.89
CA PHE B 236 -17.70 -11.95 33.20
C PHE B 236 -17.92 -12.26 31.72
N THR B 237 -18.98 -12.98 31.39
CA THR B 237 -19.33 -13.15 29.98
C THR B 237 -19.73 -11.82 29.35
N LEU B 238 -20.29 -10.92 30.18
CA LEU B 238 -20.61 -9.56 29.70
C LEU B 238 -19.30 -8.85 29.38
N MET B 239 -18.31 -8.90 30.29
CA MET B 239 -17.00 -8.34 29.93
C MET B 239 -16.46 -8.94 28.64
N LEU B 240 -16.62 -10.24 28.43
CA LEU B 240 -16.19 -10.83 27.16
C LEU B 240 -16.95 -10.21 25.99
N THR B 241 -18.22 -9.89 26.20
CA THR B 241 -19.04 -9.29 25.15
C THR B 241 -18.58 -7.88 24.81
N VAL B 242 -18.25 -7.08 25.83
CA VAL B 242 -17.82 -5.71 25.55
C VAL B 242 -16.39 -5.69 25.05
N VAL B 243 -15.57 -6.66 25.47
CA VAL B 243 -14.25 -6.85 24.87
C VAL B 243 -14.37 -7.24 23.40
N ALA B 244 -15.43 -7.94 23.02
CA ALA B 244 -15.69 -8.19 21.60
C ALA B 244 -15.95 -6.89 20.83
N TYR B 245 -16.36 -5.82 21.53
CA TYR B 245 -16.41 -4.51 20.90
C TYR B 245 -15.06 -3.82 20.96
N ALA B 246 -15.02 -2.63 20.34
CA ALA B 246 -13.82 -1.77 20.26
C ALA B 246 -12.66 -2.47 19.54
N PHE B 247 -12.99 -3.46 18.70
CA PHE B 247 -12.03 -4.14 17.86
C PHE B 247 -12.35 -3.97 16.39
N TYR B 248 -13.58 -4.28 15.98
CA TYR B 248 -14.08 -3.83 14.68
C TYR B 248 -14.65 -2.43 14.77
N THR B 249 -14.67 -1.85 15.96
CA THR B 249 -15.06 -0.47 16.19
C THR B 249 -13.87 0.48 16.23
N SER B 250 -12.72 0.01 16.71
CA SER B 250 -11.56 0.88 16.84
C SER B 250 -10.96 1.26 15.48
N ASN B 251 -11.31 0.56 14.41
CA ASN B 251 -10.81 0.87 13.08
C ASN B 251 -11.73 1.80 12.30
N ILE B 252 -12.78 2.31 12.93
CA ILE B 252 -13.64 3.29 12.28
C ILE B 252 -13.54 4.68 12.89
N LEU B 253 -13.06 4.82 14.13
CA LEU B 253 -12.80 6.15 14.67
C LEU B 253 -11.30 6.37 14.77
N PRO B 254 -10.83 7.60 14.57
CA PRO B 254 -9.38 7.84 14.56
C PRO B 254 -8.75 7.77 15.93
N ARG B 255 -7.43 7.81 15.96
CA ARG B 255 -6.68 7.94 17.21
C ARG B 255 -6.91 9.35 17.72
N LEU B 256 -7.81 9.51 18.69
CA LEU B 256 -8.36 10.81 19.02
C LEU B 256 -8.30 11.04 20.53
N PRO B 257 -7.85 12.20 20.98
CA PRO B 257 -7.55 12.38 22.42
C PRO B 257 -8.77 12.37 23.32
N TYR B 258 -9.83 13.10 22.96
CA TYR B 258 -11.03 13.13 23.79
C TYR B 258 -11.90 11.93 23.45
N THR B 259 -13.14 11.94 23.92
CA THR B 259 -14.05 10.81 23.73
C THR B 259 -15.19 11.17 22.78
N THR B 260 -15.54 10.21 21.94
CA THR B 260 -16.74 10.29 21.11
C THR B 260 -17.93 9.83 21.94
N VAL B 261 -19.07 9.58 21.30
CA VAL B 261 -20.17 8.96 22.02
C VAL B 261 -20.12 7.43 21.91
N ILE B 262 -19.41 6.90 20.90
CA ILE B 262 -19.33 5.45 20.74
C ILE B 262 -18.45 4.84 21.83
N ASP B 263 -17.23 5.36 22.01
CA ASP B 263 -16.39 4.87 23.08
C ASP B 263 -16.91 5.29 24.45
N GLN B 264 -17.70 6.36 24.50
CA GLN B 264 -18.41 6.69 25.73
C GLN B 264 -19.45 5.62 26.07
N MET B 265 -20.13 5.09 25.06
CA MET B 265 -21.05 3.98 25.28
C MET B 265 -20.31 2.72 25.71
N ILE B 266 -19.13 2.47 25.11
CA ILE B 266 -18.32 1.32 25.50
C ILE B 266 -17.90 1.42 26.96
N ILE B 267 -17.37 2.58 27.35
CA ILE B 267 -16.91 2.74 28.72
C ILE B 267 -18.08 2.84 29.69
N ALA B 268 -19.26 3.25 29.22
CA ALA B 268 -20.44 3.24 30.08
C ALA B 268 -20.92 1.81 30.32
N GLY B 269 -20.84 0.95 29.28
CA GLY B 269 -21.12 -0.45 29.49
C GLY B 269 -20.15 -1.11 30.43
N TYR B 270 -18.85 -0.78 30.30
CA TYR B 270 -17.85 -1.28 31.23
C TYR B 270 -18.14 -0.81 32.66
N GLY B 271 -18.51 0.46 32.81
CA GLY B 271 -18.81 0.99 34.13
C GLY B 271 -20.04 0.39 34.76
N SER B 272 -21.08 0.15 33.95
CA SER B 272 -22.28 -0.50 34.45
C SER B 272 -22.01 -1.94 34.86
N ILE B 273 -21.20 -2.66 34.08
CA ILE B 273 -20.86 -4.05 34.39
C ILE B 273 -20.06 -4.12 35.69
N PHE B 274 -19.06 -3.23 35.81
CA PHE B 274 -18.26 -3.18 37.02
C PHE B 274 -19.07 -2.69 38.22
N ALA B 275 -20.04 -1.81 38.01
CA ALA B 275 -20.94 -1.40 39.08
C ALA B 275 -21.77 -2.58 39.57
N ALA B 276 -22.26 -3.40 38.64
CA ALA B 276 -23.00 -4.61 39.01
C ALA B 276 -22.15 -5.56 39.83
N ILE B 277 -20.91 -5.79 39.41
CA ILE B 277 -20.06 -6.73 40.13
C ILE B 277 -19.63 -6.17 41.49
N LEU B 278 -19.28 -4.88 41.55
CA LEU B 278 -18.91 -4.32 42.85
C LEU B 278 -20.10 -4.30 43.80
N LEU B 279 -21.31 -4.09 43.26
CA LEU B 279 -22.52 -4.14 44.08
C LEU B 279 -22.75 -5.54 44.64
N ILE B 280 -22.65 -6.57 43.79
CA ILE B 280 -22.93 -7.91 44.29
C ILE B 280 -21.83 -8.40 45.23
N ILE B 281 -20.57 -8.01 44.99
CA ILE B 281 -19.50 -8.38 45.91
C ILE B 281 -19.63 -7.65 47.24
N PHE B 282 -19.95 -6.35 47.21
CA PHE B 282 -20.11 -5.61 48.46
C PHE B 282 -21.34 -6.07 49.24
N ALA B 283 -22.38 -6.53 48.54
CA ALA B 283 -23.53 -7.10 49.22
C ALA B 283 -23.21 -8.48 49.78
N HIS B 284 -22.37 -9.25 49.08
CA HIS B 284 -21.96 -10.57 49.56
C HIS B 284 -21.10 -10.45 50.81
N HIS B 285 -20.19 -9.47 50.83
CA HIS B 285 -19.36 -9.24 52.02
C HIS B 285 -20.12 -8.51 53.11
N PRO C 11 34.93 28.84 1.50
CA PRO C 11 33.64 28.15 1.53
C PRO C 11 32.45 29.11 1.43
N VAL C 12 31.45 28.75 0.63
CA VAL C 12 30.30 29.61 0.41
C VAL C 12 29.25 29.32 1.47
N ASP C 13 28.95 30.31 2.30
CA ASP C 13 28.00 30.12 3.38
C ASP C 13 26.57 30.09 2.86
N VAL C 14 25.74 29.26 3.49
CA VAL C 14 24.34 29.09 3.14
C VAL C 14 23.51 29.44 4.37
N SER C 15 22.53 30.31 4.20
CA SER C 15 21.64 30.72 5.29
C SER C 15 20.30 30.03 5.07
N VAL C 16 20.16 28.85 5.66
CA VAL C 16 18.97 28.03 5.47
C VAL C 16 17.91 28.42 6.50
N SER C 17 16.64 28.17 6.16
CA SER C 17 15.52 28.41 7.06
C SER C 17 14.36 27.52 6.64
N ILE C 18 13.93 26.64 7.55
CA ILE C 18 12.93 25.62 7.25
C ILE C 18 11.59 26.06 7.82
N PHE C 19 10.56 26.02 6.99
CA PHE C 19 9.19 26.28 7.41
C PHE C 19 8.47 24.93 7.55
N ILE C 20 7.95 24.65 8.74
CA ILE C 20 7.21 23.41 8.98
C ILE C 20 5.74 23.71 8.80
N ASN C 21 5.08 22.98 7.89
CA ASN C 21 3.68 23.23 7.59
C ASN C 21 2.76 22.32 8.39
N LYS C 22 2.87 21.01 8.20
CA LYS C 22 2.09 20.04 8.95
C LYS C 22 2.99 18.89 9.36
N ILE C 23 2.70 18.32 10.53
CA ILE C 23 3.31 17.07 10.99
C ILE C 23 2.19 16.07 11.22
N TYR C 24 2.27 14.93 10.54
CA TYR C 24 1.17 13.97 10.56
C TYR C 24 1.71 12.58 10.32
N GLY C 25 0.84 11.60 10.58
CA GLY C 25 1.13 10.22 10.24
C GLY C 25 2.29 9.61 10.98
N VAL C 26 2.34 9.81 12.30
CA VAL C 26 3.43 9.24 13.08
C VAL C 26 3.12 7.77 13.28
N ASN C 27 3.57 6.94 12.34
CA ASN C 27 3.30 5.51 12.35
C ASN C 27 4.37 4.85 13.20
N THR C 28 4.11 4.71 14.50
CA THR C 28 5.11 4.16 15.41
C THR C 28 5.35 2.67 15.20
N LEU C 29 4.49 1.98 14.44
CA LEU C 29 4.64 0.54 14.26
C LEU C 29 5.94 0.19 13.54
N GLU C 30 6.25 0.92 12.47
CA GLU C 30 7.49 0.70 11.72
C GLU C 30 8.38 1.94 11.73
N GLN C 31 8.21 2.78 12.77
CA GLN C 31 9.19 3.79 13.18
C GLN C 31 9.41 4.86 12.11
N THR C 32 8.37 5.65 11.84
CA THR C 32 8.47 6.76 10.92
C THR C 32 7.49 7.87 11.31
N TYR C 33 7.72 9.04 10.74
CA TYR C 33 6.76 10.14 10.82
C TYR C 33 6.96 11.04 9.62
N LYS C 34 5.85 11.54 9.09
CA LYS C 34 5.89 12.44 7.94
C LYS C 34 5.86 13.87 8.41
N VAL C 35 6.71 14.71 7.82
CA VAL C 35 6.69 16.15 8.04
C VAL C 35 6.59 16.84 6.69
N ASP C 36 5.72 17.83 6.60
CA ASP C 36 5.49 18.57 5.37
C ASP C 36 5.82 20.03 5.61
N GLY C 37 6.44 20.67 4.63
CA GLY C 37 6.79 22.06 4.79
C GLY C 37 7.63 22.58 3.65
N TYR C 38 8.29 23.71 3.91
CA TYR C 38 9.03 24.46 2.91
C TYR C 38 10.47 24.59 3.35
N ILE C 39 11.39 24.54 2.38
CA ILE C 39 12.81 24.75 2.63
C ILE C 39 13.27 25.98 1.87
N VAL C 40 14.02 26.85 2.55
CA VAL C 40 14.57 28.06 1.96
C VAL C 40 16.07 28.02 2.17
N ALA C 41 16.82 28.18 1.08
CA ALA C 41 18.29 28.11 1.12
C ALA C 41 18.86 29.37 0.48
N GLN C 42 19.07 30.41 1.29
CA GLN C 42 19.66 31.63 0.78
C GLN C 42 21.18 31.55 0.90
N TRP C 43 21.88 31.86 -0.20
CA TRP C 43 23.32 31.83 -0.21
C TRP C 43 23.83 32.74 -1.32
N THR C 44 24.98 33.35 -1.10
CA THR C 44 25.52 34.34 -2.02
C THR C 44 26.31 33.68 -3.13
N GLY C 45 26.48 34.40 -4.24
CA GLY C 45 27.18 33.89 -5.39
C GLY C 45 27.71 34.98 -6.30
N LYS C 46 28.13 34.61 -7.50
CA LYS C 46 28.64 35.58 -8.45
C LYS C 46 27.51 36.45 -8.97
N PRO C 47 27.64 37.78 -8.97
CA PRO C 47 26.59 38.63 -9.52
C PRO C 47 26.45 38.46 -11.02
N ARG C 48 25.22 38.62 -11.50
CA ARG C 48 24.89 38.42 -12.91
C ARG C 48 23.90 39.50 -13.35
N LYS C 49 23.75 39.64 -14.66
CA LYS C 49 22.80 40.58 -15.23
C LYS C 49 21.49 39.86 -15.49
N THR C 50 20.49 40.17 -14.68
CA THR C 50 19.13 39.66 -14.81
C THR C 50 18.30 40.59 -15.68
N PRO C 51 17.22 40.09 -16.31
CA PRO C 51 16.36 40.98 -17.10
C PRO C 51 15.68 42.04 -16.26
N GLY C 52 16.10 43.28 -16.46
CA GLY C 52 15.59 44.39 -15.68
C GLY C 52 16.12 44.39 -14.25
N ASP C 53 15.62 45.35 -13.47
CA ASP C 53 15.92 45.39 -12.05
C ASP C 53 15.07 44.41 -11.25
N LYS C 54 14.02 43.87 -11.85
CA LYS C 54 13.19 42.89 -11.17
C LYS C 54 13.98 41.60 -10.96
N PRO C 55 13.83 40.94 -9.82
CA PRO C 55 14.45 39.62 -9.64
C PRO C 55 13.87 38.60 -10.60
N LEU C 56 14.69 37.62 -10.95
CA LEU C 56 14.31 36.59 -11.90
C LEU C 56 13.76 35.37 -11.16
N ILE C 57 12.60 34.89 -11.59
CA ILE C 57 11.95 33.73 -11.00
C ILE C 57 11.94 32.61 -12.02
N VAL C 58 12.51 31.47 -11.66
CA VAL C 58 12.47 30.27 -12.49
C VAL C 58 11.75 29.17 -11.69
N GLU C 59 10.79 28.52 -12.34
CA GLU C 59 9.85 27.64 -11.68
C GLU C 59 10.40 26.21 -11.70
N ASN C 60 9.54 25.23 -11.41
CA ASN C 60 9.88 23.83 -11.55
C ASN C 60 10.12 23.49 -13.02
N THR C 61 10.84 22.39 -13.25
CA THR C 61 11.27 21.80 -14.52
C THR C 61 11.77 22.84 -15.53
N GLN C 62 12.34 23.93 -15.02
CA GLN C 62 13.01 24.93 -15.82
C GLN C 62 14.39 25.29 -15.27
N ILE C 63 14.64 25.05 -13.98
CA ILE C 63 15.95 25.29 -13.40
C ILE C 63 16.99 24.31 -13.94
N GLU C 64 16.57 23.20 -14.53
CA GLU C 64 17.51 22.24 -15.10
C GLU C 64 18.26 22.85 -16.29
N ARG C 65 17.59 23.72 -17.05
CA ARG C 65 18.28 24.46 -18.10
C ARG C 65 19.36 25.37 -17.52
N TRP C 66 19.08 26.00 -16.38
CA TRP C 66 20.09 26.85 -15.74
C TRP C 66 21.25 26.02 -15.19
N ILE C 67 20.95 24.84 -14.64
CA ILE C 67 22.00 23.96 -14.14
C ILE C 67 22.89 23.49 -15.28
N ASN C 68 22.28 23.11 -16.41
CA ASN C 68 23.06 22.73 -17.58
C ASN C 68 23.83 23.91 -18.16
N ASN C 69 23.31 25.13 -17.98
CA ASN C 69 24.00 26.32 -18.48
C ASN C 69 25.20 26.70 -17.63
N GLY C 70 25.33 26.14 -16.43
CA GLY C 70 26.51 26.37 -15.63
C GLY C 70 26.23 26.87 -14.23
N LEU C 71 24.96 27.07 -13.90
CA LEU C 71 24.60 27.56 -12.57
C LEU C 71 24.81 26.47 -11.52
N TRP C 72 25.29 26.89 -10.36
CA TRP C 72 25.47 26.01 -9.21
C TRP C 72 24.26 26.12 -8.30
N VAL C 73 23.73 24.98 -7.87
CA VAL C 73 22.70 24.91 -6.84
C VAL C 73 22.92 23.64 -6.04
N PRO C 74 22.95 23.71 -4.71
CA PRO C 74 23.24 22.51 -3.91
C PRO C 74 22.02 21.61 -3.77
N ALA C 75 22.28 20.30 -3.79
CA ALA C 75 21.23 19.31 -3.57
C ALA C 75 21.19 19.01 -2.08
N LEU C 76 20.43 19.81 -1.34
CA LEU C 76 20.31 19.62 0.10
C LEU C 76 19.45 18.40 0.40
N GLU C 77 20.08 17.27 0.65
CA GLU C 77 19.35 16.05 0.96
C GLU C 77 19.08 15.95 2.45
N PHE C 78 18.20 15.01 2.81
CA PHE C 78 17.91 14.68 4.19
C PHE C 78 18.53 13.33 4.51
N ILE C 79 18.89 13.15 5.78
CA ILE C 79 19.60 11.93 6.20
C ILE C 79 18.65 10.94 6.84
N ASN C 80 17.80 11.40 7.76
CA ASN C 80 16.88 10.53 8.47
C ASN C 80 15.61 10.25 7.69
N VAL C 81 15.61 10.50 6.38
CA VAL C 81 14.44 10.27 5.53
C VAL C 81 14.50 8.84 5.02
N VAL C 82 13.34 8.22 4.88
CA VAL C 82 13.20 6.91 4.26
C VAL C 82 12.43 7.09 2.96
N GLY C 83 12.92 6.46 1.90
CA GLY C 83 12.40 6.71 0.57
C GLY C 83 12.96 8.01 0.02
N SER C 84 12.52 8.33 -1.17
CA SER C 84 12.89 9.61 -1.76
C SER C 84 11.94 10.71 -1.29
N PRO C 85 12.45 11.84 -0.82
CA PRO C 85 11.55 12.95 -0.45
C PRO C 85 10.92 13.57 -1.68
N ASP C 86 9.61 13.39 -1.84
CA ASP C 86 8.92 13.84 -3.06
C ASP C 86 8.73 15.36 -3.04
N THR C 87 9.69 16.04 -3.67
CA THR C 87 9.60 17.49 -3.80
C THR C 87 8.52 17.86 -4.81
N GLY C 88 7.67 18.81 -4.42
CA GLY C 88 6.62 19.26 -5.31
C GLY C 88 7.13 20.38 -6.20
N ASN C 89 6.49 21.53 -6.14
CA ASN C 89 7.01 22.69 -6.86
C ASN C 89 8.25 23.23 -6.18
N LYS C 90 9.19 23.72 -6.98
CA LYS C 90 10.44 24.27 -6.47
C LYS C 90 10.86 25.44 -7.36
N ARG C 91 11.36 26.50 -6.73
CA ARG C 91 11.66 27.76 -7.38
C ARG C 91 13.04 28.22 -6.97
N LEU C 92 13.63 29.10 -7.79
CA LEU C 92 15.01 29.53 -7.59
C LEU C 92 15.09 31.02 -7.88
N MET C 93 15.23 31.84 -6.84
CA MET C 93 15.47 33.26 -7.02
C MET C 93 16.82 33.50 -7.67
N LEU C 94 16.95 34.63 -8.36
CA LEU C 94 18.24 35.10 -8.87
C LEU C 94 18.27 36.61 -8.70
N PHE C 95 18.77 37.07 -7.56
CA PHE C 95 18.94 38.49 -7.35
C PHE C 95 20.13 38.99 -8.18
N PRO C 96 20.04 40.21 -8.73
CA PRO C 96 21.13 40.70 -9.58
C PRO C 96 22.45 40.91 -8.84
N ASP C 97 22.41 41.30 -7.57
CA ASP C 97 23.64 41.67 -6.89
C ASP C 97 24.40 40.46 -6.35
N GLY C 98 23.79 39.28 -6.30
CA GLY C 98 24.50 38.06 -5.98
C GLY C 98 23.73 37.00 -5.21
N ARG C 99 22.79 37.36 -4.34
CA ARG C 99 22.15 36.34 -3.53
C ARG C 99 21.22 35.46 -4.35
N VAL C 100 21.17 34.18 -4.00
CA VAL C 100 20.32 33.18 -4.64
C VAL C 100 19.49 32.52 -3.56
N ILE C 101 18.19 32.39 -3.78
CA ILE C 101 17.28 31.74 -2.83
C ILE C 101 16.68 30.52 -3.52
N TYR C 102 16.76 29.38 -2.86
CA TYR C 102 16.26 28.11 -3.38
C TYR C 102 15.09 27.68 -2.50
N ASN C 103 13.89 28.11 -2.87
CA ASN C 103 12.68 27.78 -2.13
C ASN C 103 12.06 26.54 -2.75
N ALA C 104 11.88 25.49 -1.95
CA ALA C 104 11.29 24.25 -2.42
C ALA C 104 10.32 23.71 -1.38
N ARG C 105 9.36 22.93 -1.84
CA ARG C 105 8.39 22.29 -0.96
C ARG C 105 8.79 20.83 -0.80
N PHE C 106 9.28 20.49 0.39
CA PHE C 106 9.75 19.13 0.67
C PHE C 106 8.68 18.35 1.42
N LEU C 107 8.68 17.04 1.20
CA LEU C 107 7.81 16.13 1.94
C LEU C 107 8.44 14.75 1.92
N GLY C 108 8.59 14.15 3.09
CA GLY C 108 9.15 12.82 3.19
C GLY C 108 8.81 12.20 4.52
N SER C 109 9.09 10.91 4.62
CA SER C 109 8.90 10.17 5.86
C SER C 109 10.24 10.13 6.60
N PHE C 110 10.26 10.67 7.81
CA PHE C 110 11.48 10.85 8.58
C PHE C 110 11.48 9.89 9.76
N SER C 111 12.68 9.54 10.23
CA SER C 111 12.83 8.51 11.25
C SER C 111 13.71 8.98 12.39
N ASN C 112 13.30 8.66 13.61
CA ASN C 112 14.06 8.88 14.84
C ASN C 112 14.20 7.54 15.55
N ASP C 113 15.15 7.47 16.50
CA ASP C 113 15.27 6.28 17.34
C ASP C 113 14.00 6.05 18.14
N MET C 114 13.54 7.08 18.87
CA MET C 114 12.17 7.20 19.38
C MET C 114 11.80 6.03 20.29
N ASP C 115 12.38 6.08 21.49
CA ASP C 115 12.10 5.01 22.48
C ASP C 115 10.67 5.12 22.96
N PHE C 116 10.15 4.03 23.52
CA PHE C 116 8.79 3.98 24.03
C PHE C 116 8.79 3.35 25.43
N ARG C 117 9.64 3.88 26.30
CA ARG C 117 9.77 3.36 27.66
C ARG C 117 8.48 3.53 28.45
N LEU C 118 7.80 4.66 28.26
CA LEU C 118 6.49 4.91 28.85
C LEU C 118 5.54 5.17 27.69
N PHE C 119 4.74 4.18 27.31
CA PHE C 119 3.97 4.29 26.07
C PHE C 119 2.89 5.37 26.09
N PRO C 120 2.00 5.49 27.12
CA PRO C 120 1.05 6.61 27.10
C PRO C 120 1.67 7.91 27.56
N PHE C 121 2.55 7.84 28.56
CA PHE C 121 3.21 9.03 29.11
C PHE C 121 4.52 9.23 28.36
N ASP C 122 4.38 9.55 27.08
CA ASP C 122 5.46 9.44 26.10
C ASP C 122 5.86 10.80 25.56
N ARG C 123 7.17 11.00 25.37
CA ARG C 123 7.67 12.22 24.76
C ARG C 123 8.95 11.92 23.99
N GLN C 124 9.03 12.42 22.76
CA GLN C 124 10.23 12.28 21.94
C GLN C 124 10.57 13.57 21.21
N GLN C 125 11.54 13.48 20.29
CA GLN C 125 11.97 14.60 19.48
C GLN C 125 11.82 14.22 18.01
N PHE C 126 11.18 15.09 17.24
CA PHE C 126 11.11 14.94 15.80
C PHE C 126 12.29 15.67 15.19
N VAL C 127 13.11 14.95 14.42
CA VAL C 127 14.34 15.52 13.88
C VAL C 127 14.28 15.51 12.36
N LEU C 128 14.92 16.51 11.76
CA LEU C 128 15.08 16.64 10.31
C LEU C 128 16.57 16.86 10.07
N GLU C 129 17.33 15.78 9.96
CA GLU C 129 18.78 15.87 9.88
C GLU C 129 19.17 16.19 8.44
N LEU C 130 19.56 17.44 8.20
CA LEU C 130 19.85 17.94 6.86
C LEU C 130 21.36 18.03 6.67
N GLU C 131 21.81 17.66 5.47
CA GLU C 131 23.23 17.56 5.15
C GLU C 131 23.42 17.75 3.66
N PRO C 132 24.45 18.50 3.23
CA PRO C 132 24.74 18.58 1.79
C PRO C 132 25.26 17.25 1.27
N PHE C 133 24.66 16.77 0.19
CA PHE C 133 25.02 15.46 -0.32
C PHE C 133 26.39 15.48 -1.00
N SER C 134 26.64 16.48 -1.85
CA SER C 134 27.78 16.45 -2.75
C SER C 134 29.00 17.19 -2.22
N TYR C 135 28.80 18.26 -1.46
CA TYR C 135 29.90 19.13 -1.06
C TYR C 135 30.21 18.98 0.42
N ASN C 136 31.48 19.17 0.75
CA ASN C 136 31.96 19.07 2.11
C ASN C 136 32.17 20.45 2.71
N ASN C 137 32.79 20.49 3.90
CA ASN C 137 32.91 21.74 4.65
C ASN C 137 33.83 22.74 3.95
N GLN C 138 34.66 22.29 3.01
CA GLN C 138 35.57 23.20 2.32
C GLN C 138 34.86 24.11 1.31
N GLN C 139 33.74 23.68 0.72
CA GLN C 139 33.00 24.55 -0.20
C GLN C 139 31.69 25.06 0.38
N LEU C 140 30.94 24.23 1.09
CA LEU C 140 29.62 24.64 1.56
C LEU C 140 29.54 24.41 3.05
N ARG C 141 29.38 25.50 3.80
CA ARG C 141 29.24 25.46 5.25
C ARG C 141 27.98 26.23 5.62
N PHE C 142 27.09 25.58 6.37
CA PHE C 142 25.82 26.19 6.73
C PHE C 142 26.04 27.27 7.77
N SER C 143 25.62 28.50 7.44
CA SER C 143 25.88 29.64 8.31
C SER C 143 24.97 29.61 9.53
N ASP C 144 23.66 29.68 9.31
CA ASP C 144 22.71 29.71 10.41
C ASP C 144 21.38 29.13 9.94
N ILE C 145 20.57 28.72 10.91
CA ILE C 145 19.22 28.27 10.65
C ILE C 145 18.27 28.88 11.68
N GLN C 146 17.14 29.38 11.19
CA GLN C 146 16.03 29.82 12.04
C GLN C 146 14.77 29.13 11.55
N VAL C 147 14.24 28.22 12.37
CA VAL C 147 13.06 27.44 12.01
C VAL C 147 11.85 28.30 12.34
N TYR C 148 11.25 28.89 11.31
CA TYR C 148 10.03 29.69 11.47
C TYR C 148 8.81 28.77 11.39
N THR C 149 8.63 28.00 12.46
CA THR C 149 7.55 27.01 12.53
C THR C 149 6.30 27.56 13.23
N GLU C 150 5.82 28.72 12.81
CA GLU C 150 4.68 29.34 13.49
C GLU C 150 3.36 28.64 13.19
N ASN C 151 3.33 27.72 12.24
CA ASN C 151 2.09 27.03 11.91
C ASN C 151 1.79 25.89 12.87
N ILE C 152 2.81 25.34 13.52
CA ILE C 152 2.62 24.16 14.37
C ILE C 152 3.31 24.36 15.71
N ASP C 153 3.72 25.61 16.00
CA ASP C 153 4.49 25.90 17.21
C ASP C 153 3.71 25.60 18.47
N ASN C 154 2.43 25.99 18.52
CA ASN C 154 1.54 25.66 19.64
C ASN C 154 0.19 25.27 19.01
N GLU C 155 0.05 23.99 18.66
CA GLU C 155 -1.16 23.48 18.04
C GLU C 155 -1.43 22.08 18.56
N GLU C 156 -2.67 21.62 18.44
CA GLU C 156 -3.00 20.23 18.87
C GLU C 156 -3.13 19.32 17.65
N ILE C 157 -2.08 18.57 17.31
CA ILE C 157 -2.12 17.65 16.14
C ILE C 157 -2.18 16.19 16.63
N ASP C 158 -3.08 15.38 16.06
CA ASP C 158 -3.20 13.95 16.42
C ASP C 158 -3.09 13.80 17.95
N GLU C 159 -2.26 12.86 18.41
CA GLU C 159 -2.04 12.70 19.86
C GLU C 159 -0.71 13.38 20.22
N TRP C 160 -0.12 14.13 19.29
CA TRP C 160 1.20 14.72 19.54
C TRP C 160 1.07 16.23 19.79
N TRP C 161 1.17 16.64 21.06
CA TRP C 161 1.13 18.09 21.36
C TRP C 161 2.54 18.67 21.17
N ILE C 162 2.68 19.65 20.27
CA ILE C 162 4.01 20.27 20.00
C ILE C 162 4.21 21.43 20.98
N ARG C 163 4.96 21.20 22.06
CA ARG C 163 5.25 22.21 23.06
C ARG C 163 6.66 22.76 22.88
N GLY C 164 6.80 24.07 23.08
CA GLY C 164 8.07 24.74 22.93
C GLY C 164 8.41 25.02 21.48
N LYS C 165 9.44 25.83 21.30
CA LYS C 165 9.95 26.10 19.97
C LYS C 165 10.85 24.98 19.50
N ALA C 166 11.13 24.96 18.20
CA ALA C 166 11.96 23.92 17.61
C ALA C 166 13.43 24.30 17.81
N SER C 167 14.15 23.48 18.56
CA SER C 167 15.57 23.73 18.79
C SER C 167 16.36 23.35 17.54
N THR C 168 17.50 24.02 17.36
CA THR C 168 18.33 23.83 16.17
C THR C 168 19.77 23.51 16.58
N HIS C 169 20.48 22.85 15.66
CA HIS C 169 21.88 22.52 15.87
C HIS C 169 22.63 22.65 14.55
N ILE C 170 23.85 23.17 14.61
CA ILE C 170 24.78 23.16 13.48
C ILE C 170 26.05 22.49 13.96
N SER C 171 26.41 21.37 13.33
CA SER C 171 27.57 20.60 13.73
C SER C 171 28.35 20.17 12.50
N ASP C 172 29.62 19.83 12.73
CA ASP C 172 30.51 19.33 11.70
C ASP C 172 30.66 17.82 11.90
N ILE C 173 29.98 17.04 11.07
CA ILE C 173 29.96 15.59 11.17
C ILE C 173 30.91 15.03 10.13
N ARG C 174 31.86 14.21 10.58
CA ARG C 174 32.88 13.62 9.74
C ARG C 174 32.47 12.21 9.34
N TYR C 175 32.40 11.95 8.04
CA TYR C 175 32.12 10.63 7.52
C TYR C 175 33.43 9.93 7.19
N ASP C 176 33.58 8.69 7.66
CA ASP C 176 34.80 7.93 7.45
C ASP C 176 34.77 7.11 6.17
N HIS C 177 33.59 6.87 5.59
CA HIS C 177 33.53 6.05 4.37
C HIS C 177 34.06 6.79 3.16
N LEU C 178 34.18 8.11 3.23
CA LEU C 178 34.81 8.89 2.17
C LEU C 178 36.28 9.16 2.43
N SER C 179 36.82 8.67 3.56
CA SER C 179 38.21 8.94 3.89
C SER C 179 39.17 8.19 2.98
N SER C 180 38.77 7.01 2.49
CA SER C 180 39.64 6.26 1.58
C SER C 180 39.73 6.92 0.21
N VAL C 181 38.70 7.68 -0.18
CA VAL C 181 38.70 8.34 -1.47
C VAL C 181 38.96 9.84 -1.37
N GLN C 182 38.67 10.46 -0.24
CA GLN C 182 39.04 11.86 0.01
C GLN C 182 39.89 11.87 1.28
N PRO C 183 41.20 12.15 1.18
CA PRO C 183 42.10 11.94 2.32
C PRO C 183 41.86 12.87 3.51
N ASN C 184 41.77 14.18 3.26
CA ASN C 184 41.67 15.15 4.33
C ASN C 184 40.41 16.02 4.27
N GLN C 185 39.64 15.93 3.19
CA GLN C 185 38.45 16.76 3.02
C GLN C 185 37.21 15.86 2.95
N ASN C 186 36.76 15.42 4.13
CA ASN C 186 35.59 14.55 4.19
C ASN C 186 34.67 14.91 5.36
N GLU C 187 34.65 16.18 5.74
CA GLU C 187 33.83 16.65 6.85
C GLU C 187 32.65 17.45 6.33
N PHE C 188 31.49 17.24 6.92
CA PHE C 188 30.23 17.78 6.42
C PHE C 188 29.57 18.67 7.46
N SER C 189 29.05 19.82 7.02
CA SER C 189 28.31 20.71 7.90
C SER C 189 26.87 20.24 7.96
N ARG C 190 26.50 19.60 9.07
CA ARG C 190 25.21 18.96 9.22
C ARG C 190 24.26 19.83 10.03
N ILE C 191 22.99 19.81 9.66
CA ILE C 191 21.94 20.52 10.36
C ILE C 191 21.05 19.49 11.04
N THR C 192 20.77 19.71 12.33
CA THR C 192 19.82 18.87 13.05
C THR C 192 18.87 19.77 13.82
N VAL C 193 17.61 19.79 13.42
CA VAL C 193 16.56 20.47 14.17
C VAL C 193 15.87 19.45 15.06
N ARG C 194 15.26 19.92 16.13
CA ARG C 194 14.64 19.04 17.13
C ARG C 194 13.30 19.65 17.52
N ILE C 195 12.22 18.96 17.22
CA ILE C 195 10.88 19.39 17.58
C ILE C 195 10.40 18.52 18.74
N ASP C 196 10.20 19.14 19.89
CA ASP C 196 9.82 18.40 21.09
C ASP C 196 8.34 18.07 21.04
N ALA C 197 8.01 16.78 21.04
CA ALA C 197 6.64 16.32 20.92
C ALA C 197 6.32 15.33 22.02
N VAL C 198 5.09 15.44 22.55
CA VAL C 198 4.64 14.65 23.70
C VAL C 198 3.37 13.94 23.29
N ARG C 199 3.28 12.63 23.56
CA ARG C 199 2.02 11.90 23.41
C ARG C 199 0.93 12.47 24.30
N ASN C 200 -0.25 12.66 23.74
CA ASN C 200 -1.43 12.94 24.54
C ASN C 200 -1.96 11.63 25.11
N PRO C 201 -1.95 11.43 26.42
CA PRO C 201 -2.36 10.14 26.99
C PRO C 201 -3.84 10.02 27.30
N SER C 202 -4.66 10.96 26.83
CA SER C 202 -6.09 10.94 27.17
C SER C 202 -6.79 9.73 26.56
N TYR C 203 -6.46 9.41 25.30
CA TYR C 203 -7.14 8.31 24.62
C TYR C 203 -6.83 6.97 25.27
N TYR C 204 -5.57 6.72 25.60
CA TYR C 204 -5.21 5.44 26.19
C TYR C 204 -5.71 5.32 27.63
N LEU C 205 -5.60 6.40 28.41
CA LEU C 205 -6.15 6.40 29.77
C LEU C 205 -7.65 6.18 29.76
N TRP C 206 -8.35 6.74 28.77
CA TRP C 206 -9.80 6.57 28.73
C TRP C 206 -10.21 5.21 28.18
N SER C 207 -9.45 4.62 27.26
CA SER C 207 -9.95 3.49 26.50
C SER C 207 -9.29 2.16 26.80
N PHE C 208 -8.02 2.13 27.23
CA PHE C 208 -7.30 0.86 27.36
C PHE C 208 -6.95 0.51 28.80
N ILE C 209 -6.57 1.50 29.61
CA ILE C 209 -5.97 1.22 30.90
C ILE C 209 -7.05 0.93 31.95
N LEU C 210 -8.07 1.77 31.98
CA LEU C 210 -9.14 1.62 33.00
C LEU C 210 -9.91 0.30 32.79
N PRO C 211 -10.34 -0.14 31.57
CA PRO C 211 -10.99 -1.45 31.45
C PRO C 211 -10.09 -2.60 31.87
N LEU C 212 -8.77 -2.47 31.73
CA LEU C 212 -7.86 -3.47 32.29
C LEU C 212 -7.95 -3.49 33.81
N GLY C 213 -8.09 -2.33 34.44
CA GLY C 213 -8.37 -2.28 35.86
C GLY C 213 -9.69 -2.93 36.21
N LEU C 214 -10.69 -2.82 35.34
CA LEU C 214 -11.95 -3.51 35.57
C LEU C 214 -11.78 -5.03 35.46
N ILE C 215 -10.92 -5.50 34.55
CA ILE C 215 -10.65 -6.94 34.46
C ILE C 215 -9.91 -7.43 35.69
N ILE C 216 -8.98 -6.62 36.21
CA ILE C 216 -8.31 -6.97 37.46
C ILE C 216 -9.29 -6.97 38.63
N ALA C 217 -10.27 -6.06 38.61
CA ALA C 217 -11.32 -6.09 39.63
C ALA C 217 -12.20 -7.33 39.50
N ALA C 218 -12.43 -7.79 38.27
CA ALA C 218 -13.14 -9.05 38.08
C ALA C 218 -12.31 -10.23 38.56
N SER C 219 -10.99 -10.14 38.46
CA SER C 219 -10.12 -11.14 39.09
C SER C 219 -10.24 -11.11 40.61
N TRP C 220 -10.38 -9.93 41.20
CA TRP C 220 -10.70 -9.85 42.63
C TRP C 220 -12.05 -10.49 42.93
N SER C 221 -13.02 -10.30 42.04
CA SER C 221 -14.34 -10.90 42.22
C SER C 221 -14.28 -12.43 42.17
N VAL C 222 -13.48 -12.99 41.26
CA VAL C 222 -13.35 -14.45 41.22
C VAL C 222 -12.49 -14.97 42.36
N PHE C 223 -11.61 -14.12 42.92
CA PHE C 223 -11.05 -14.41 44.24
C PHE C 223 -12.13 -14.50 45.30
N TRP C 224 -13.14 -13.63 45.23
CA TRP C 224 -14.25 -13.64 46.18
C TRP C 224 -15.27 -14.74 45.91
N LEU C 225 -15.13 -15.49 44.82
CA LEU C 225 -16.14 -16.46 44.40
C LEU C 225 -16.14 -17.67 45.34
N GLU C 226 -17.28 -18.35 45.40
CA GLU C 226 -17.53 -19.37 46.41
C GLU C 226 -17.98 -20.70 45.80
N SER C 227 -17.37 -21.07 44.66
CA SER C 227 -17.65 -22.37 44.05
C SER C 227 -16.44 -22.74 43.19
N PHE C 228 -15.72 -23.79 43.61
CA PHE C 228 -14.36 -24.04 43.13
C PHE C 228 -14.33 -24.37 41.64
N SER C 229 -15.20 -25.29 41.19
CA SER C 229 -15.30 -25.56 39.76
C SER C 229 -15.79 -24.34 39.00
N GLU C 230 -16.74 -23.60 39.59
CA GLU C 230 -17.22 -22.37 39.00
C GLU C 230 -16.17 -21.26 39.06
N ARG C 231 -15.32 -21.26 40.10
CA ARG C 231 -14.16 -20.38 40.11
C ARG C 231 -13.24 -20.66 38.94
N LEU C 232 -12.97 -21.94 38.68
CA LEU C 232 -12.12 -22.32 37.55
C LEU C 232 -12.74 -21.91 36.21
N GLN C 233 -14.05 -22.13 36.07
CA GLN C 233 -14.75 -21.74 34.84
C GLN C 233 -14.68 -20.23 34.63
N THR C 234 -14.93 -19.46 35.69
CA THR C 234 -14.88 -18.00 35.57
C THR C 234 -13.47 -17.52 35.26
N SER C 235 -12.45 -18.11 35.89
CA SER C 235 -11.08 -17.68 35.64
C SER C 235 -10.61 -18.07 34.24
N PHE C 236 -11.12 -19.16 33.69
CA PHE C 236 -10.83 -19.43 32.28
C PHE C 236 -11.53 -18.44 31.36
N THR C 237 -12.72 -17.98 31.76
CA THR C 237 -13.34 -16.89 31.01
C THR C 237 -12.52 -15.60 31.15
N LEU C 238 -11.83 -15.45 32.28
CA LEU C 238 -10.92 -14.30 32.47
C LEU C 238 -9.78 -14.44 31.46
N MET C 239 -9.16 -15.62 31.37
CA MET C 239 -8.16 -15.80 30.30
C MET C 239 -8.71 -15.47 28.94
N LEU C 240 -9.96 -15.85 28.64
CA LEU C 240 -10.56 -15.46 27.37
C LEU C 240 -10.64 -13.95 27.23
N THR C 241 -10.92 -13.27 28.35
CA THR C 241 -11.01 -11.81 28.34
C THR C 241 -9.67 -11.15 28.07
N VAL C 242 -8.60 -11.66 28.69
CA VAL C 242 -7.29 -11.05 28.48
C VAL C 242 -6.73 -11.44 27.12
N VAL C 243 -7.08 -12.62 26.61
CA VAL C 243 -6.77 -12.99 25.25
C VAL C 243 -7.49 -12.08 24.26
N ALA C 244 -8.68 -11.59 24.63
CA ALA C 244 -9.33 -10.56 23.80
C ALA C 244 -8.52 -9.28 23.74
N TYR C 245 -7.63 -9.04 24.71
CA TYR C 245 -6.68 -7.95 24.59
C TYR C 245 -5.44 -8.37 23.80
N ALA C 246 -4.55 -7.40 23.60
CA ALA C 246 -3.28 -7.57 22.87
C ALA C 246 -3.50 -8.01 21.43
N PHE C 247 -4.70 -7.72 20.89
CA PHE C 247 -5.03 -7.97 19.50
C PHE C 247 -5.37 -6.66 18.77
N TYR C 248 -6.30 -5.88 19.31
CA TYR C 248 -6.44 -4.49 18.88
C TYR C 248 -5.49 -3.59 19.63
N THR C 249 -4.73 -4.14 20.56
CA THR C 249 -3.68 -3.43 21.28
C THR C 249 -2.31 -3.64 20.65
N SER C 250 -2.06 -4.81 20.06
CA SER C 250 -0.75 -5.11 19.49
C SER C 250 -0.46 -4.30 18.24
N ASN C 251 -1.47 -3.69 17.62
CA ASN C 251 -1.27 -2.88 16.44
C ASN C 251 -1.09 -1.40 16.75
N ILE C 252 -0.99 -1.04 18.03
CA ILE C 252 -0.70 0.34 18.40
C ILE C 252 0.68 0.53 19.02
N LEU C 253 1.31 -0.54 19.54
CA LEU C 253 2.69 -0.43 20.00
C LEU C 253 3.60 -1.19 19.04
N PRO C 254 4.83 -0.71 18.82
CA PRO C 254 5.69 -1.36 17.83
C PRO C 254 6.24 -2.70 18.29
N ARG C 255 6.90 -3.40 17.38
CA ARG C 255 7.63 -4.60 17.73
C ARG C 255 8.86 -4.17 18.52
N LEU C 256 8.79 -4.29 19.83
CA LEU C 256 9.73 -3.63 20.72
C LEU C 256 10.30 -4.61 21.73
N PRO C 257 11.61 -4.61 21.96
CA PRO C 257 12.22 -5.70 22.74
C PRO C 257 11.88 -5.68 24.22
N TYR C 258 11.92 -4.53 24.88
CA TYR C 258 11.58 -4.46 26.29
C TYR C 258 10.07 -4.32 26.44
N THR C 259 9.61 -3.99 27.64
CA THR C 259 8.18 -3.92 27.93
C THR C 259 7.75 -2.47 28.16
N THR C 260 6.56 -2.16 27.66
CA THR C 260 5.89 -0.90 27.96
C THR C 260 5.14 -1.07 29.28
N VAL C 261 4.25 -0.14 29.61
CA VAL C 261 3.37 -0.34 30.76
C VAL C 261 2.06 -1.02 30.33
N ILE C 262 1.71 -0.95 29.04
CA ILE C 262 0.47 -1.57 28.58
C ILE C 262 0.60 -3.09 28.57
N ASP C 263 1.65 -3.60 27.92
CA ASP C 263 1.87 -5.05 27.94
C ASP C 263 2.29 -5.53 29.31
N GLN C 264 2.86 -4.64 30.14
CA GLN C 264 3.10 -4.97 31.54
C GLN C 264 1.78 -5.17 32.28
N MET C 265 0.77 -4.34 31.98
CA MET C 265 -0.55 -4.54 32.56
C MET C 265 -1.19 -5.83 32.06
N ILE C 266 -1.00 -6.15 30.77
CA ILE C 266 -1.52 -7.40 30.22
C ILE C 266 -0.90 -8.61 30.91
N ILE C 267 0.43 -8.61 31.05
CA ILE C 267 1.10 -9.74 31.68
C ILE C 267 0.86 -9.75 33.19
N ALA C 268 0.57 -8.60 33.80
CA ALA C 268 0.20 -8.59 35.21
C ALA C 268 -1.20 -9.17 35.42
N GLY C 269 -2.12 -8.90 34.49
CA GLY C 269 -3.41 -9.55 34.54
C GLY C 269 -3.31 -11.06 34.35
N TYR C 270 -2.45 -11.49 33.41
CA TYR C 270 -2.20 -12.92 33.22
C TYR C 270 -1.61 -13.54 34.49
N GLY C 271 -0.65 -12.84 35.12
CA GLY C 271 -0.03 -13.37 36.32
C GLY C 271 -0.99 -13.43 37.49
N SER C 272 -1.85 -12.43 37.64
CA SER C 272 -2.85 -12.45 38.70
C SER C 272 -3.87 -13.57 38.49
N ILE C 273 -4.28 -13.78 37.24
CA ILE C 273 -5.24 -14.85 36.93
C ILE C 273 -4.63 -16.21 37.21
N PHE C 274 -3.39 -16.42 36.77
CA PHE C 274 -2.69 -17.67 37.03
C PHE C 274 -2.37 -17.85 38.51
N ALA C 275 -2.12 -16.76 39.23
CA ALA C 275 -1.93 -16.85 40.68
C ALA C 275 -3.22 -17.31 41.36
N ALA C 276 -4.36 -16.79 40.91
CA ALA C 276 -5.65 -17.22 41.45
C ALA C 276 -5.88 -18.71 41.20
N ILE C 277 -5.60 -19.17 39.98
CA ILE C 277 -5.85 -20.58 39.67
C ILE C 277 -4.86 -21.49 40.40
N LEU C 278 -3.58 -21.12 40.46
CA LEU C 278 -2.63 -21.95 41.18
C LEU C 278 -2.95 -21.98 42.67
N LEU C 279 -3.46 -20.86 43.21
CA LEU C 279 -3.86 -20.82 44.60
C LEU C 279 -5.04 -21.76 44.87
N ILE C 280 -6.08 -21.70 44.01
CA ILE C 280 -7.24 -22.55 44.28
C ILE C 280 -6.93 -24.02 44.04
N ILE C 281 -6.07 -24.33 43.05
CA ILE C 281 -5.67 -25.73 42.83
C ILE C 281 -4.81 -26.25 43.97
N PHE C 282 -3.85 -25.44 44.45
CA PHE C 282 -3.01 -25.88 45.56
C PHE C 282 -3.78 -26.00 46.86
N ALA C 283 -4.82 -25.17 47.04
CA ALA C 283 -5.69 -25.31 48.19
C ALA C 283 -6.60 -26.52 48.06
N HIS C 284 -7.03 -26.84 46.83
CA HIS C 284 -7.85 -28.02 46.60
C HIS C 284 -7.06 -29.30 46.85
N HIS C 285 -5.80 -29.33 46.42
CA HIS C 285 -4.95 -30.49 46.68
C HIS C 285 -4.42 -30.51 48.10
N PRO D 11 41.53 -5.47 -18.17
CA PRO D 11 40.33 -5.15 -17.38
C PRO D 11 40.57 -3.99 -16.43
N VAL D 12 39.61 -3.08 -16.33
CA VAL D 12 39.73 -1.89 -15.50
C VAL D 12 39.25 -2.23 -14.09
N ASP D 13 40.16 -2.15 -13.12
CA ASP D 13 39.81 -2.49 -11.75
C ASP D 13 38.99 -1.39 -11.09
N VAL D 14 38.04 -1.80 -10.26
CA VAL D 14 37.16 -0.89 -9.53
C VAL D 14 37.35 -1.14 -8.05
N SER D 15 37.59 -0.07 -7.29
CA SER D 15 37.79 -0.16 -5.85
C SER D 15 36.52 0.35 -5.17
N VAL D 16 35.59 -0.55 -4.91
CA VAL D 16 34.29 -0.19 -4.37
C VAL D 16 34.37 -0.16 -2.84
N SER D 17 33.48 0.63 -2.23
CA SER D 17 33.37 0.71 -0.78
C SER D 17 31.97 1.18 -0.42
N ILE D 18 31.24 0.36 0.33
CA ILE D 18 29.83 0.59 0.63
C ILE D 18 29.72 1.12 2.05
N PHE D 19 28.99 2.22 2.22
CA PHE D 19 28.66 2.78 3.52
C PHE D 19 27.22 2.40 3.84
N ILE D 20 27.03 1.71 4.96
CA ILE D 20 25.69 1.33 5.40
C ILE D 20 25.20 2.38 6.38
N ASN D 21 24.05 3.00 6.08
CA ASN D 21 23.53 4.08 6.91
C ASN D 21 22.53 3.56 7.94
N LYS D 22 21.42 2.98 7.47
CA LYS D 22 20.41 2.40 8.34
C LYS D 22 19.95 1.08 7.76
N ILE D 23 19.62 0.14 8.64
CA ILE D 23 18.96 -1.11 8.27
C ILE D 23 17.63 -1.17 9.01
N TYR D 24 16.54 -1.30 8.27
CA TYR D 24 15.22 -1.20 8.87
C TYR D 24 14.22 -2.01 8.06
N GLY D 25 13.04 -2.20 8.64
CA GLY D 25 11.92 -2.79 7.94
C GLY D 25 12.14 -4.22 7.49
N VAL D 26 12.64 -5.06 8.40
CA VAL D 26 12.86 -6.46 8.05
C VAL D 26 11.51 -7.15 8.11
N ASN D 27 10.80 -7.15 6.98
CA ASN D 27 9.46 -7.71 6.90
C ASN D 27 9.61 -9.19 6.58
N THR D 28 9.68 -10.02 7.62
CA THR D 28 9.90 -11.44 7.43
C THR D 28 8.71 -12.15 6.82
N LEU D 29 7.53 -11.52 6.77
CA LEU D 29 6.33 -12.16 6.26
C LEU D 29 6.47 -12.53 4.79
N GLU D 30 6.99 -11.60 3.98
CA GLU D 30 7.19 -11.84 2.56
C GLU D 30 8.67 -11.71 2.17
N GLN D 31 9.55 -11.93 3.17
CA GLN D 31 10.97 -12.24 2.96
C GLN D 31 11.72 -11.09 2.29
N THR D 32 11.84 -9.97 3.00
CA THR D 32 12.60 -8.83 2.52
C THR D 32 13.19 -8.04 3.69
N TYR D 33 14.14 -7.19 3.39
CA TYR D 33 14.65 -6.21 4.34
C TYR D 33 15.22 -5.04 3.56
N LYS D 34 14.99 -3.84 4.07
CA LYS D 34 15.49 -2.63 3.45
C LYS D 34 16.82 -2.23 4.08
N VAL D 35 17.78 -1.86 3.24
CA VAL D 35 19.04 -1.31 3.69
C VAL D 35 19.26 0.03 2.98
N ASP D 36 19.67 1.04 3.73
CA ASP D 36 19.90 2.37 3.21
C ASP D 36 21.35 2.74 3.43
N GLY D 37 21.95 3.42 2.45
CA GLY D 37 23.33 3.79 2.59
C GLY D 37 23.89 4.40 1.32
N TYR D 38 25.22 4.42 1.26
CA TYR D 38 25.97 5.10 0.21
C TYR D 38 26.86 4.09 -0.50
N ILE D 39 27.01 4.25 -1.80
CA ILE D 39 27.92 3.42 -2.59
C ILE D 39 29.01 4.32 -3.18
N VAL D 40 30.25 3.87 -3.08
CA VAL D 40 31.40 4.59 -3.63
C VAL D 40 32.12 3.63 -4.56
N ALA D 41 32.36 4.05 -5.80
CA ALA D 41 32.99 3.22 -6.82
C ALA D 41 34.17 3.98 -7.41
N GLN D 42 35.34 3.82 -6.82
CA GLN D 42 36.55 4.46 -7.33
C GLN D 42 37.22 3.54 -8.33
N TRP D 43 37.54 4.08 -9.50
CA TRP D 43 38.19 3.30 -10.55
C TRP D 43 38.94 4.26 -11.48
N THR D 44 40.06 3.79 -12.01
CA THR D 44 40.93 4.64 -12.82
C THR D 44 40.46 4.66 -14.28
N GLY D 45 40.89 5.70 -15.00
CA GLY D 45 40.51 5.86 -16.38
C GLY D 45 41.47 6.75 -17.16
N LYS D 46 41.06 7.18 -18.34
CA LYS D 46 41.90 8.05 -19.15
C LYS D 46 41.97 9.44 -18.53
N PRO D 47 43.16 10.01 -18.36
CA PRO D 47 43.27 11.37 -17.82
C PRO D 47 42.69 12.40 -18.78
N ARG D 48 42.13 13.47 -18.21
CA ARG D 48 41.47 14.52 -18.96
C ARG D 48 41.81 15.87 -18.35
N LYS D 49 41.55 16.93 -19.11
CA LYS D 49 41.77 18.29 -18.64
C LYS D 49 40.47 18.81 -18.03
N THR D 50 40.46 18.93 -16.71
CA THR D 50 39.36 19.48 -15.94
C THR D 50 39.54 20.98 -15.75
N PRO D 51 38.46 21.73 -15.52
CA PRO D 51 38.61 23.18 -15.27
C PRO D 51 39.40 23.48 -14.02
N GLY D 52 40.61 24.00 -14.19
CA GLY D 52 41.49 24.27 -13.08
C GLY D 52 42.08 23.00 -12.49
N ASP D 53 42.85 23.19 -11.42
CA ASP D 53 43.38 22.07 -10.65
C ASP D 53 42.34 21.48 -9.70
N LYS D 54 41.24 22.19 -9.47
CA LYS D 54 40.18 21.68 -8.63
C LYS D 54 39.51 20.48 -9.31
N PRO D 55 39.14 19.45 -8.55
CA PRO D 55 38.36 18.35 -9.13
C PRO D 55 36.99 18.83 -9.58
N LEU D 56 36.46 18.16 -10.59
CA LEU D 56 35.17 18.51 -11.17
C LEU D 56 34.07 17.69 -10.52
N ILE D 57 33.01 18.37 -10.08
CA ILE D 57 31.86 17.73 -9.45
C ILE D 57 30.66 17.90 -10.36
N VAL D 58 30.05 16.78 -10.75
CA VAL D 58 28.80 16.80 -11.51
C VAL D 58 27.73 16.09 -10.70
N GLU D 59 26.57 16.73 -10.58
CA GLU D 59 25.53 16.33 -9.65
C GLU D 59 24.57 15.36 -10.33
N ASN D 60 23.42 15.12 -9.72
CA ASN D 60 22.35 14.36 -10.34
C ASN D 60 21.82 15.09 -11.57
N THR D 61 21.17 14.32 -12.45
CA THR D 61 20.57 14.70 -13.74
C THR D 61 21.43 15.64 -14.57
N GLN D 62 22.75 15.51 -14.42
CA GLN D 62 23.73 16.20 -15.24
C GLN D 62 24.81 15.27 -15.75
N ILE D 63 25.03 14.12 -15.11
CA ILE D 63 25.99 13.14 -15.59
C ILE D 63 25.53 12.49 -16.89
N GLU D 64 24.24 12.58 -17.22
CA GLU D 64 23.73 12.02 -18.46
C GLU D 64 24.32 12.73 -19.67
N ARG D 65 24.56 14.04 -19.54
CA ARG D 65 25.26 14.77 -20.59
C ARG D 65 26.67 14.24 -20.78
N TRP D 66 27.36 13.91 -19.69
CA TRP D 66 28.70 13.35 -19.80
C TRP D 66 28.68 11.95 -20.40
N ILE D 67 27.67 11.15 -20.05
CA ILE D 67 27.54 9.82 -20.64
C ILE D 67 27.28 9.90 -22.13
N ASN D 68 26.41 10.82 -22.54
CA ASN D 68 26.17 11.03 -23.97
C ASN D 68 27.39 11.61 -24.66
N ASN D 69 28.23 12.36 -23.94
CA ASN D 69 29.43 12.93 -24.53
C ASN D 69 30.53 11.89 -24.73
N GLY D 70 30.40 10.71 -24.11
CA GLY D 70 31.35 9.65 -24.35
C GLY D 70 31.98 9.06 -23.10
N LEU D 71 31.64 9.60 -21.94
CA LEU D 71 32.20 9.11 -20.69
C LEU D 71 31.63 7.74 -20.34
N TRP D 72 32.48 6.88 -19.82
CA TRP D 72 32.10 5.57 -19.33
C TRP D 72 31.84 5.63 -17.83
N VAL D 73 30.72 5.05 -17.40
CA VAL D 73 30.43 4.85 -15.99
C VAL D 73 29.65 3.54 -15.85
N PRO D 74 30.05 2.65 -14.94
CA PRO D 74 29.35 1.36 -14.85
C PRO D 74 28.05 1.47 -14.08
N ALA D 75 27.06 0.71 -14.53
CA ALA D 75 25.77 0.61 -13.84
C ALA D 75 25.86 -0.54 -12.85
N LEU D 76 26.35 -0.26 -11.66
CA LEU D 76 26.48 -1.29 -10.64
C LEU D 76 25.12 -1.65 -10.06
N GLU D 77 24.51 -2.71 -10.56
CA GLU D 77 23.21 -3.13 -10.09
C GLU D 77 23.35 -4.08 -8.90
N PHE D 78 22.24 -4.31 -8.23
CA PHE D 78 22.15 -5.28 -7.15
C PHE D 78 21.37 -6.50 -7.63
N ILE D 79 21.70 -7.65 -7.06
CA ILE D 79 21.09 -8.90 -7.52
C ILE D 79 19.96 -9.35 -6.61
N ASN D 80 20.17 -9.30 -5.30
CA ASN D 80 19.17 -9.74 -4.34
C ASN D 80 18.14 -8.65 -4.03
N VAL D 81 18.05 -7.63 -4.86
CA VAL D 81 17.10 -6.54 -4.66
C VAL D 81 15.79 -6.92 -5.33
N VAL D 82 14.68 -6.50 -4.72
CA VAL D 82 13.35 -6.65 -5.30
C VAL D 82 12.82 -5.25 -5.62
N GLY D 83 12.26 -5.09 -6.81
CA GLY D 83 11.93 -3.77 -7.29
C GLY D 83 13.16 -3.04 -7.80
N SER D 84 12.94 -1.81 -8.24
CA SER D 84 14.06 -0.98 -8.66
C SER D 84 14.64 -0.28 -7.44
N PRO D 85 15.97 -0.31 -7.26
CA PRO D 85 16.57 0.44 -6.15
C PRO D 85 16.50 1.94 -6.41
N ASP D 86 15.69 2.66 -5.64
CA ASP D 86 15.46 4.08 -5.88
C ASP D 86 16.68 4.92 -5.43
N THR D 87 17.55 5.18 -6.39
CA THR D 87 18.70 6.03 -6.14
C THR D 87 18.26 7.48 -5.98
N GLY D 88 18.77 8.13 -4.93
CA GLY D 88 18.44 9.52 -4.70
C GLY D 88 19.41 10.41 -5.45
N ASN D 89 20.12 11.27 -4.73
CA ASN D 89 21.16 12.07 -5.35
C ASN D 89 22.37 11.20 -5.65
N LYS D 90 23.03 11.49 -6.76
CA LYS D 90 24.21 10.76 -7.19
C LYS D 90 25.19 11.73 -7.86
N ARG D 91 26.48 11.53 -7.57
CA ARG D 91 27.52 12.45 -7.98
C ARG D 91 28.67 11.66 -8.59
N LEU D 92 29.49 12.35 -9.39
CA LEU D 92 30.55 11.70 -10.13
C LEU D 92 31.79 12.59 -10.09
N MET D 93 32.80 12.18 -9.32
CA MET D 93 34.08 12.88 -9.33
C MET D 93 34.76 12.73 -10.69
N LEU D 94 35.60 13.69 -11.02
CA LEU D 94 36.49 13.60 -12.18
C LEU D 94 37.84 14.21 -11.79
N PHE D 95 38.73 13.38 -11.27
CA PHE D 95 40.06 13.84 -10.98
C PHE D 95 40.85 14.03 -12.28
N PRO D 96 41.71 15.05 -12.34
CA PRO D 96 42.44 15.31 -13.60
C PRO D 96 43.42 14.21 -13.98
N ASP D 97 44.03 13.54 -13.01
CA ASP D 97 45.08 12.59 -13.34
C ASP D 97 44.55 11.22 -13.76
N GLY D 98 43.27 10.93 -13.53
CA GLY D 98 42.64 9.74 -14.06
C GLY D 98 41.57 9.09 -13.21
N ARG D 99 41.65 9.17 -11.87
CA ARG D 99 40.67 8.43 -11.07
C ARG D 99 39.29 9.07 -11.15
N VAL D 100 38.26 8.23 -11.13
CA VAL D 100 36.86 8.64 -11.16
C VAL D 100 36.17 7.99 -9.98
N ILE D 101 35.40 8.77 -9.23
CA ILE D 101 34.64 8.27 -8.07
C ILE D 101 33.17 8.47 -8.35
N TYR D 102 32.39 7.41 -8.19
CA TYR D 102 30.95 7.42 -8.45
C TYR D 102 30.25 7.22 -7.11
N ASN D 103 29.96 8.32 -6.43
CA ASN D 103 29.29 8.28 -5.13
C ASN D 103 27.79 8.44 -5.36
N ALA D 104 27.02 7.46 -4.90
CA ALA D 104 25.57 7.49 -5.06
C ALA D 104 24.91 7.01 -3.77
N ARG D 105 23.68 7.46 -3.55
CA ARG D 105 22.88 7.05 -2.40
C ARG D 105 21.88 6.01 -2.86
N PHE D 106 22.10 4.76 -2.47
CA PHE D 106 21.24 3.66 -2.89
C PHE D 106 20.25 3.32 -1.78
N LEU D 107 19.10 2.82 -2.18
CA LEU D 107 18.09 2.33 -1.25
C LEU D 107 17.20 1.33 -1.99
N GLY D 108 17.05 0.15 -1.41
CA GLY D 108 16.21 -0.86 -2.01
C GLY D 108 15.85 -1.91 -0.98
N SER D 109 14.91 -2.76 -1.37
CA SER D 109 14.48 -3.88 -0.54
C SER D 109 15.26 -5.12 -0.99
N PHE D 110 16.01 -5.71 -0.07
CA PHE D 110 16.92 -6.80 -0.39
C PHE D 110 16.40 -8.09 0.23
N SER D 111 16.78 -9.22 -0.36
CA SER D 111 16.22 -10.51 0.01
C SER D 111 17.31 -11.54 0.26
N ASN D 112 17.15 -12.32 1.32
CA ASN D 112 17.97 -13.47 1.65
C ASN D 112 17.09 -14.70 1.76
N ASP D 113 17.70 -15.89 1.73
CA ASP D 113 16.95 -17.12 1.99
C ASP D 113 16.35 -17.11 3.38
N MET D 114 17.17 -16.87 4.40
CA MET D 114 16.75 -16.44 5.74
C MET D 114 15.80 -17.45 6.38
N ASP D 115 16.42 -18.56 6.81
CA ASP D 115 15.61 -19.63 7.44
C ASP D 115 15.15 -19.16 8.82
N PHE D 116 14.12 -19.79 9.34
CA PHE D 116 13.55 -19.46 10.65
C PHE D 116 13.35 -20.73 11.47
N ARG D 117 14.42 -21.53 11.57
CA ARG D 117 14.37 -22.80 12.29
C ARG D 117 14.09 -22.57 13.77
N LEU D 118 14.68 -21.54 14.35
CA LEU D 118 14.42 -21.13 15.73
C LEU D 118 13.93 -19.69 15.67
N PHE D 119 12.61 -19.49 15.77
CA PHE D 119 12.04 -18.17 15.50
C PHE D 119 12.45 -17.09 16.50
N PRO D 120 12.39 -17.28 17.84
CA PRO D 120 12.89 -16.21 18.72
C PRO D 120 14.40 -16.21 18.86
N PHE D 121 14.99 -17.41 18.90
CA PHE D 121 16.44 -17.56 19.04
C PHE D 121 17.05 -17.63 17.64
N ASP D 122 16.94 -16.52 16.93
CA ASP D 122 17.12 -16.46 15.49
C ASP D 122 18.33 -15.63 15.11
N ARG D 123 19.07 -16.09 14.10
CA ARG D 123 20.20 -15.34 13.57
C ARG D 123 20.36 -15.62 12.09
N GLN D 124 20.54 -14.56 11.29
CA GLN D 124 20.78 -14.70 9.86
C GLN D 124 21.85 -13.75 9.38
N GLN D 125 22.02 -13.67 8.05
CA GLN D 125 22.97 -12.78 7.42
C GLN D 125 22.23 -11.87 6.46
N PHE D 126 22.48 -10.58 6.56
CA PHE D 126 21.96 -9.62 5.60
C PHE D 126 22.99 -9.46 4.49
N VAL D 127 22.59 -9.70 3.25
CA VAL D 127 23.51 -9.70 2.13
C VAL D 127 23.11 -8.62 1.13
N LEU D 128 24.12 -8.05 0.47
CA LEU D 128 23.95 -7.07 -0.60
C LEU D 128 24.79 -7.58 -1.76
N GLU D 129 24.20 -8.43 -2.59
CA GLU D 129 24.94 -9.10 -3.66
C GLU D 129 25.05 -8.16 -4.85
N LEU D 130 26.24 -7.58 -5.04
CA LEU D 130 26.48 -6.57 -6.05
C LEU D 130 27.21 -7.17 -7.23
N GLU D 131 26.83 -6.77 -8.44
CA GLU D 131 27.33 -7.34 -9.68
C GLU D 131 27.21 -6.33 -10.79
N PRO D 132 28.22 -6.21 -11.66
CA PRO D 132 28.10 -5.31 -12.82
C PRO D 132 27.08 -5.88 -13.80
N PHE D 133 26.13 -5.05 -14.21
CA PHE D 133 25.07 -5.53 -15.08
C PHE D 133 25.57 -5.76 -16.51
N SER D 134 26.32 -4.83 -17.05
CA SER D 134 26.63 -4.82 -18.48
C SER D 134 27.95 -5.47 -18.83
N TYR D 135 28.95 -5.37 -17.96
CA TYR D 135 30.30 -5.80 -18.29
C TYR D 135 30.68 -7.06 -17.55
N ASN D 136 31.52 -7.87 -18.18
CA ASN D 136 31.98 -9.12 -17.62
C ASN D 136 33.41 -8.96 -17.07
N ASN D 137 34.01 -10.09 -16.70
CA ASN D 137 35.31 -10.06 -16.03
C ASN D 137 36.43 -9.58 -16.96
N GLN D 138 36.20 -9.59 -18.28
CA GLN D 138 37.23 -9.14 -19.20
C GLN D 138 37.43 -7.62 -19.20
N GLN D 139 36.40 -6.83 -18.90
CA GLN D 139 36.58 -5.38 -18.82
C GLN D 139 36.53 -4.84 -17.41
N LEU D 140 35.64 -5.34 -16.56
CA LEU D 140 35.47 -4.77 -15.23
C LEU D 140 35.61 -5.88 -14.19
N ARG D 141 36.65 -5.77 -13.36
CA ARG D 141 36.88 -6.72 -12.29
C ARG D 141 37.03 -5.95 -10.99
N PHE D 142 36.24 -6.31 -9.98
CA PHE D 142 36.25 -5.58 -8.72
C PHE D 142 37.52 -5.89 -7.95
N SER D 143 38.29 -4.85 -7.64
CA SER D 143 39.59 -5.03 -7.00
C SER D 143 39.44 -5.40 -5.53
N ASP D 144 38.82 -4.52 -4.75
CA ASP D 144 38.67 -4.76 -3.33
C ASP D 144 37.44 -4.03 -2.82
N ILE D 145 36.94 -4.47 -1.67
CA ILE D 145 35.85 -3.80 -0.97
C ILE D 145 36.18 -3.70 0.50
N GLN D 146 35.94 -2.52 1.08
CA GLN D 146 36.01 -2.31 2.51
C GLN D 146 34.71 -1.65 2.95
N VAL D 147 33.89 -2.39 3.69
CA VAL D 147 32.59 -1.90 4.13
C VAL D 147 32.83 -1.06 5.38
N TYR D 148 32.79 0.26 5.23
CA TYR D 148 32.94 1.18 6.35
C TYR D 148 31.57 1.44 6.98
N THR D 149 31.08 0.42 7.67
CA THR D 149 29.75 0.45 8.29
C THR D 149 29.79 0.89 9.76
N GLU D 150 30.46 2.01 10.04
CA GLU D 150 30.61 2.45 11.43
C GLU D 150 29.33 3.00 12.03
N ASN D 151 28.30 3.24 11.22
CA ASN D 151 27.05 3.78 11.73
C ASN D 151 26.17 2.71 12.37
N ILE D 152 26.34 1.44 11.98
CA ILE D 152 25.45 0.39 12.46
C ILE D 152 26.28 -0.82 12.92
N ASP D 153 27.60 -0.61 13.08
CA ASP D 153 28.50 -1.71 13.41
C ASP D 153 28.18 -2.33 14.77
N ASN D 154 27.93 -1.50 15.78
CA ASN D 154 27.48 -1.96 17.09
C ASN D 154 26.38 -1.00 17.54
N GLU D 155 25.15 -1.32 17.16
CA GLU D 155 23.99 -0.50 17.48
C GLU D 155 22.81 -1.40 17.75
N GLU D 156 21.79 -0.87 18.45
CA GLU D 156 20.56 -1.69 18.71
C GLU D 156 19.44 -1.22 17.79
N ILE D 157 19.21 -1.91 16.67
CA ILE D 157 18.12 -1.53 15.72
C ILE D 157 16.98 -2.55 15.80
N ASP D 158 15.74 -2.07 15.90
CA ASP D 158 14.55 -2.97 15.94
C ASP D 158 14.84 -4.15 16.86
N GLU D 159 14.54 -5.37 16.40
CA GLU D 159 14.86 -6.58 17.20
C GLU D 159 16.14 -7.19 16.65
N TRP D 160 16.82 -6.49 15.74
CA TRP D 160 18.02 -7.08 15.10
C TRP D 160 19.30 -6.45 15.65
N TRP D 161 20.00 -7.16 16.54
CA TRP D 161 21.29 -6.64 17.05
C TRP D 161 22.39 -6.97 16.04
N ILE D 162 23.07 -5.95 15.53
CA ILE D 162 24.16 -6.16 14.53
C ILE D 162 25.48 -6.38 15.28
N ARG D 163 25.89 -7.64 15.44
CA ARG D 163 27.14 -7.98 16.12
C ARG D 163 28.22 -8.35 15.11
N GLY D 164 29.44 -7.91 15.40
CA GLY D 164 30.57 -8.15 14.53
C GLY D 164 30.62 -7.18 13.37
N LYS D 165 31.75 -7.21 12.67
CA LYS D 165 31.90 -6.41 11.47
C LYS D 165 31.26 -7.13 10.29
N ALA D 166 31.06 -6.37 9.21
CA ALA D 166 30.44 -6.91 8.01
C ALA D 166 31.49 -7.64 7.18
N SER D 167 31.32 -8.95 7.02
CA SER D 167 32.24 -9.73 6.22
C SER D 167 32.00 -9.48 4.73
N THR D 168 33.06 -9.62 3.94
CA THR D 168 33.01 -9.32 2.52
C THR D 168 33.49 -10.53 1.71
N HIS D 169 33.06 -10.59 0.46
CA HIS D 169 33.50 -11.64 -0.46
C HIS D 169 33.62 -11.05 -1.86
N ILE D 170 34.66 -11.48 -2.57
CA ILE D 170 34.82 -11.20 -4.00
C ILE D 170 34.96 -12.54 -4.71
N SER D 171 34.03 -12.82 -5.62
CA SER D 171 34.01 -14.10 -6.31
C SER D 171 33.73 -13.88 -7.79
N ASP D 172 34.09 -14.88 -8.59
CA ASP D 172 33.82 -14.87 -10.02
C ASP D 172 32.68 -15.82 -10.29
N ILE D 173 31.49 -15.27 -10.53
CA ILE D 173 30.28 -16.04 -10.74
C ILE D 173 29.99 -16.10 -12.23
N ARG D 174 29.85 -17.32 -12.75
CA ARG D 174 29.63 -17.55 -14.17
C ARG D 174 28.15 -17.76 -14.43
N TYR D 175 27.58 -16.95 -15.31
CA TYR D 175 26.19 -17.09 -15.73
C TYR D 175 26.14 -17.89 -17.02
N ASP D 176 25.27 -18.89 -17.05
CA ASP D 176 25.15 -19.77 -18.21
C ASP D 176 24.12 -19.27 -19.22
N HIS D 177 23.24 -18.36 -18.83
CA HIS D 177 22.22 -17.89 -19.77
C HIS D 177 22.80 -16.96 -20.82
N LEU D 178 23.99 -16.42 -20.60
CA LEU D 178 24.70 -15.64 -21.60
C LEU D 178 25.68 -16.47 -22.42
N SER D 179 25.79 -17.77 -22.13
CA SER D 179 26.76 -18.62 -22.83
C SER D 179 26.35 -18.85 -24.29
N SER D 180 25.04 -18.88 -24.57
CA SER D 180 24.59 -19.08 -25.94
C SER D 180 24.87 -17.85 -26.81
N VAL D 181 24.93 -16.67 -26.20
CA VAL D 181 25.18 -15.44 -26.95
C VAL D 181 26.60 -14.91 -26.76
N GLN D 182 27.26 -15.24 -25.66
CA GLN D 182 28.68 -14.94 -25.48
C GLN D 182 29.40 -16.26 -25.22
N PRO D 183 30.23 -16.74 -26.14
CA PRO D 183 30.75 -18.11 -26.05
C PRO D 183 31.71 -18.35 -24.89
N ASN D 184 32.72 -17.49 -24.73
CA ASN D 184 33.76 -17.71 -23.74
C ASN D 184 33.88 -16.58 -22.73
N GLN D 185 33.20 -15.46 -22.93
CA GLN D 185 33.29 -14.30 -22.04
C GLN D 185 31.92 -14.05 -21.39
N ASN D 186 31.62 -14.83 -20.36
CA ASN D 186 30.35 -14.69 -19.66
C ASN D 186 30.51 -14.83 -18.16
N GLU D 187 31.67 -14.47 -17.62
CA GLU D 187 31.95 -14.58 -16.20
C GLU D 187 31.96 -13.19 -15.57
N PHE D 188 31.36 -13.09 -14.37
CA PHE D 188 31.12 -11.82 -13.72
C PHE D 188 31.81 -11.76 -12.37
N SER D 189 32.43 -10.62 -12.08
CA SER D 189 33.06 -10.39 -10.78
C SER D 189 31.99 -9.91 -9.81
N ARG D 190 31.54 -10.79 -8.93
CA ARG D 190 30.42 -10.52 -8.04
C ARG D 190 30.92 -10.17 -6.64
N ILE D 191 30.21 -9.25 -6.00
CA ILE D 191 30.49 -8.83 -4.63
C ILE D 191 29.37 -9.33 -3.75
N THR D 192 29.72 -9.97 -2.64
CA THR D 192 28.74 -10.39 -1.65
C THR D 192 29.25 -9.97 -0.28
N VAL D 193 28.57 -9.01 0.35
CA VAL D 193 28.84 -8.64 1.74
C VAL D 193 27.86 -9.41 2.62
N ARG D 194 28.23 -9.60 3.88
CA ARG D 194 27.43 -10.39 4.82
C ARG D 194 27.41 -9.66 6.15
N ILE D 195 26.24 -9.21 6.57
CA ILE D 195 26.06 -8.54 7.86
C ILE D 195 25.38 -9.51 8.80
N ASP D 196 26.09 -9.91 9.85
CA ASP D 196 25.58 -10.91 10.79
C ASP D 196 24.59 -10.24 11.74
N ALA D 197 23.33 -10.70 11.71
CA ALA D 197 22.26 -10.12 12.51
C ALA D 197 21.55 -11.20 13.30
N VAL D 198 21.18 -10.87 14.53
CA VAL D 198 20.58 -11.81 15.47
C VAL D 198 19.27 -11.20 15.95
N ARG D 199 18.19 -11.99 15.95
CA ARG D 199 16.95 -11.57 16.58
C ARG D 199 17.14 -11.34 18.07
N ASN D 200 16.60 -10.23 18.56
CA ASN D 200 16.49 -10.03 20.00
C ASN D 200 15.26 -10.77 20.49
N PRO D 201 15.40 -11.80 21.34
CA PRO D 201 14.25 -12.60 21.75
C PRO D 201 13.53 -12.09 22.99
N SER D 202 13.83 -10.87 23.45
CA SER D 202 13.22 -10.37 24.67
C SER D 202 11.72 -10.15 24.51
N TYR D 203 11.30 -9.62 23.37
CA TYR D 203 9.88 -9.33 23.17
C TYR D 203 9.04 -10.59 23.13
N TYR D 204 9.51 -11.61 22.40
CA TYR D 204 8.73 -12.85 22.29
C TYR D 204 8.73 -13.62 23.60
N LEU D 205 9.90 -13.70 24.27
CA LEU D 205 9.97 -14.36 25.57
C LEU D 205 9.07 -13.67 26.59
N TRP D 206 8.98 -12.34 26.53
CA TRP D 206 8.14 -11.63 27.47
C TRP D 206 6.66 -11.69 27.14
N SER D 207 6.30 -11.74 25.85
CA SER D 207 4.92 -11.50 25.47
C SER D 207 4.17 -12.72 24.94
N PHE D 208 4.84 -13.70 24.34
CA PHE D 208 4.14 -14.79 23.65
C PHE D 208 4.35 -16.13 24.32
N ILE D 209 5.57 -16.42 24.79
CA ILE D 209 5.91 -17.77 25.19
C ILE D 209 5.42 -18.07 26.60
N LEU D 210 5.66 -17.13 27.52
CA LEU D 210 5.28 -17.35 28.94
C LEU D 210 3.74 -17.45 29.07
N PRO D 211 2.88 -16.59 28.46
CA PRO D 211 1.43 -16.82 28.58
C PRO D 211 0.98 -18.14 27.99
N LEU D 212 1.68 -18.68 27.00
CA LEU D 212 1.39 -20.03 26.54
C LEU D 212 1.69 -21.05 27.62
N GLY D 213 2.77 -20.84 28.39
CA GLY D 213 3.02 -21.66 29.55
C GLY D 213 1.94 -21.53 30.60
N LEU D 214 1.35 -20.33 30.73
CA LEU D 214 0.21 -20.16 31.64
C LEU D 214 -1.01 -20.93 31.15
N ILE D 215 -1.23 -20.98 29.83
CA ILE D 215 -2.35 -21.76 29.28
C ILE D 215 -2.11 -23.24 29.50
N ILE D 216 -0.87 -23.71 29.37
CA ILE D 216 -0.55 -25.10 29.67
C ILE D 216 -0.74 -25.39 31.15
N ALA D 217 -0.43 -24.41 32.02
CA ALA D 217 -0.69 -24.58 33.45
C ALA D 217 -2.19 -24.62 33.73
N ALA D 218 -2.98 -23.87 32.97
CA ALA D 218 -4.44 -23.98 33.09
C ALA D 218 -4.93 -25.34 32.60
N SER D 219 -4.25 -25.93 31.61
CA SER D 219 -4.56 -27.31 31.23
C SER D 219 -4.23 -28.28 32.35
N TRP D 220 -3.14 -28.04 33.09
CA TRP D 220 -2.87 -28.83 34.29
C TRP D 220 -3.97 -28.64 35.32
N SER D 221 -4.49 -27.42 35.44
CA SER D 221 -5.58 -27.14 36.38
C SER D 221 -6.85 -27.87 36.00
N VAL D 222 -7.19 -27.94 34.71
CA VAL D 222 -8.37 -28.70 34.30
C VAL D 222 -8.11 -30.19 34.36
N PHE D 223 -6.86 -30.64 34.30
CA PHE D 223 -6.52 -31.99 34.72
C PHE D 223 -6.86 -32.20 36.20
N TRP D 224 -6.61 -31.20 37.03
CA TRP D 224 -6.92 -31.27 38.46
C TRP D 224 -8.39 -31.08 38.78
N LEU D 225 -9.22 -30.77 37.79
CA LEU D 225 -10.62 -30.42 38.03
C LEU D 225 -11.42 -31.65 38.42
N GLU D 226 -12.52 -31.43 39.13
CA GLU D 226 -13.26 -32.51 39.80
C GLU D 226 -14.74 -32.48 39.43
N SER D 227 -15.05 -32.20 38.16
CA SER D 227 -16.44 -32.27 37.69
C SER D 227 -16.38 -32.50 36.17
N PHE D 228 -16.84 -33.68 35.74
CA PHE D 228 -16.52 -34.19 34.41
C PHE D 228 -17.15 -33.34 33.30
N SER D 229 -18.43 -33.01 33.43
CA SER D 229 -19.07 -32.10 32.48
C SER D 229 -18.44 -30.70 32.55
N GLU D 230 -18.12 -30.26 33.76
CA GLU D 230 -17.45 -28.98 33.95
C GLU D 230 -16.00 -29.05 33.48
N ARG D 231 -15.35 -30.21 33.57
CA ARG D 231 -14.04 -30.41 32.95
C ARG D 231 -14.13 -30.22 31.44
N LEU D 232 -15.16 -30.80 30.81
CA LEU D 232 -15.34 -30.66 29.37
C LEU D 232 -15.62 -29.21 28.98
N GLN D 233 -16.46 -28.51 29.76
CA GLN D 233 -16.74 -27.10 29.51
C GLN D 233 -15.48 -26.25 29.61
N THR D 234 -14.69 -26.48 30.66
CA THR D 234 -13.46 -25.71 30.83
C THR D 234 -12.46 -26.01 29.73
N SER D 235 -12.34 -27.28 29.32
CA SER D 235 -11.38 -27.62 28.26
C SER D 235 -11.82 -27.08 26.91
N PHE D 236 -13.13 -26.96 26.67
CA PHE D 236 -13.56 -26.27 25.45
C PHE D 236 -13.27 -24.79 25.53
N THR D 237 -13.34 -24.20 26.73
CA THR D 237 -12.89 -22.81 26.88
C THR D 237 -11.37 -22.71 26.65
N LEU D 238 -10.67 -23.80 26.96
CA LEU D 238 -9.20 -23.84 26.68
C LEU D 238 -9.03 -23.82 25.15
N MET D 239 -9.76 -24.66 24.41
CA MET D 239 -9.70 -24.54 22.95
C MET D 239 -10.00 -23.13 22.48
N LEU D 240 -10.99 -22.46 23.08
CA LEU D 240 -11.25 -21.06 22.71
C LEU D 240 -10.03 -20.18 22.99
N THR D 241 -9.31 -20.48 24.07
CA THR D 241 -8.13 -19.71 24.43
C THR D 241 -7.00 -19.91 23.42
N VAL D 242 -6.78 -21.16 22.99
CA VAL D 242 -5.69 -21.40 22.04
C VAL D 242 -6.08 -20.95 20.64
N VAL D 243 -7.39 -21.00 20.32
CA VAL D 243 -7.88 -20.39 19.09
C VAL D 243 -7.68 -18.88 19.12
N ALA D 244 -7.74 -18.26 20.30
CA ALA D 244 -7.38 -16.85 20.40
C ALA D 244 -5.91 -16.60 20.03
N TYR D 245 -5.06 -17.62 20.12
CA TYR D 245 -3.71 -17.51 19.58
C TYR D 245 -3.68 -17.83 18.10
N ALA D 246 -2.49 -17.68 17.52
CA ALA D 246 -2.21 -17.93 16.09
C ALA D 246 -3.04 -17.02 15.18
N PHE D 247 -3.48 -15.88 15.72
CA PHE D 247 -4.18 -14.86 14.95
C PHE D 247 -3.42 -13.53 14.97
N TYR D 248 -3.05 -13.03 16.14
CA TYR D 248 -2.05 -11.98 16.23
C TYR D 248 -0.65 -12.56 16.24
N THR D 249 -0.54 -13.89 16.23
CA THR D 249 0.72 -14.59 16.11
C THR D 249 1.05 -14.98 14.68
N SER D 250 0.03 -15.28 13.87
CA SER D 250 0.26 -15.72 12.50
C SER D 250 0.78 -14.60 11.60
N ASN D 251 0.67 -13.35 12.02
CA ASN D 251 1.17 -12.22 11.24
C ASN D 251 2.58 -11.82 11.62
N ILE D 252 3.25 -12.59 12.48
CA ILE D 252 4.64 -12.31 12.81
C ILE D 252 5.59 -13.38 12.29
N LEU D 253 5.12 -14.60 11.99
CA LEU D 253 5.96 -15.59 11.34
C LEU D 253 5.52 -15.78 9.90
N PRO D 254 6.45 -16.05 8.97
CA PRO D 254 6.07 -16.13 7.56
C PRO D 254 5.31 -17.40 7.23
N ARG D 255 4.80 -17.45 5.99
CA ARG D 255 4.20 -18.67 5.48
C ARG D 255 5.33 -19.66 5.23
N LEU D 256 5.53 -20.60 6.14
CA LEU D 256 6.74 -21.38 6.21
C LEU D 256 6.41 -22.87 6.31
N PRO D 257 7.09 -23.72 5.54
CA PRO D 257 6.64 -25.12 5.42
C PRO D 257 6.85 -25.95 6.68
N TYR D 258 8.01 -25.87 7.31
CA TYR D 258 8.25 -26.63 8.53
C TYR D 258 7.69 -25.87 9.72
N THR D 259 8.04 -26.30 10.93
CA THR D 259 7.50 -25.71 12.14
C THR D 259 8.57 -24.93 12.90
N THR D 260 8.17 -23.80 13.47
CA THR D 260 9.00 -23.04 14.40
C THR D 260 8.82 -23.64 15.78
N VAL D 261 9.26 -22.94 16.82
CA VAL D 261 8.95 -23.37 18.18
C VAL D 261 7.67 -22.72 18.68
N ILE D 262 7.25 -21.60 18.08
CA ILE D 262 6.03 -20.93 18.51
C ILE D 262 4.79 -21.73 18.11
N ASP D 263 4.69 -22.09 16.83
CA ASP D 263 3.57 -22.93 16.39
C ASP D 263 3.70 -24.34 16.94
N GLN D 264 4.92 -24.77 17.26
CA GLN D 264 5.09 -26.04 17.99
C GLN D 264 4.49 -25.95 19.38
N MET D 265 4.63 -24.81 20.05
CA MET D 265 3.99 -24.61 21.34
C MET D 265 2.47 -24.56 21.20
N ILE D 266 1.98 -23.92 20.13
CA ILE D 266 0.54 -23.88 19.87
C ILE D 266 -0.03 -25.28 19.66
N ILE D 267 0.62 -26.08 18.81
CA ILE D 267 0.14 -27.42 18.54
C ILE D 267 0.37 -28.34 19.73
N ALA D 268 1.36 -28.05 20.59
CA ALA D 268 1.54 -28.82 21.81
C ALA D 268 0.43 -28.51 22.81
N GLY D 269 0.01 -27.25 22.90
CA GLY D 269 -1.15 -26.93 23.71
C GLY D 269 -2.42 -27.59 23.21
N TYR D 270 -2.61 -27.59 21.88
CA TYR D 270 -3.74 -28.30 21.30
C TYR D 270 -3.69 -29.79 21.61
N GLY D 271 -2.51 -30.39 21.49
CA GLY D 271 -2.36 -31.81 21.77
C GLY D 271 -2.57 -32.16 23.23
N SER D 272 -2.11 -31.30 24.14
CA SER D 272 -2.34 -31.53 25.57
C SER D 272 -3.82 -31.40 25.92
N ILE D 273 -4.50 -30.41 25.32
CA ILE D 273 -5.92 -30.20 25.58
C ILE D 273 -6.73 -31.39 25.06
N PHE D 274 -6.42 -31.85 23.85
CA PHE D 274 -7.09 -33.01 23.28
C PHE D 274 -6.75 -34.28 24.02
N ALA D 275 -5.52 -34.40 24.55
CA ALA D 275 -5.17 -35.53 25.39
C ALA D 275 -5.99 -35.56 26.66
N ALA D 276 -6.20 -34.38 27.27
CA ALA D 276 -7.04 -34.28 28.46
C ALA D 276 -8.47 -34.72 28.17
N ILE D 277 -9.03 -34.25 27.05
CA ILE D 277 -10.42 -34.59 26.72
C ILE D 277 -10.55 -36.06 26.34
N LEU D 278 -9.61 -36.60 25.54
CA LEU D 278 -9.70 -38.02 25.21
C LEU D 278 -9.52 -38.89 26.44
N LEU D 279 -8.68 -38.45 27.38
CA LEU D 279 -8.50 -39.19 28.63
C LEU D 279 -9.78 -39.19 29.45
N ILE D 280 -10.43 -38.04 29.61
CA ILE D 280 -11.63 -38.01 30.45
C ILE D 280 -12.79 -38.73 29.76
N ILE D 281 -12.89 -38.66 28.43
CA ILE D 281 -13.94 -39.40 27.73
C ILE D 281 -13.70 -40.90 27.79
N PHE D 282 -12.45 -41.35 27.59
CA PHE D 282 -12.16 -42.77 27.65
C PHE D 282 -12.31 -43.32 29.07
N ALA D 283 -12.05 -42.49 30.09
CA ALA D 283 -12.30 -42.91 31.45
C ALA D 283 -13.80 -42.93 31.77
N HIS D 284 -14.56 -42.00 31.17
CA HIS D 284 -16.00 -41.99 31.37
C HIS D 284 -16.65 -43.19 30.73
N HIS D 285 -16.21 -43.58 29.53
CA HIS D 285 -16.72 -44.78 28.88
C HIS D 285 -16.14 -46.06 29.46
N PRO E 11 9.98 -12.09 -42.47
CA PRO E 11 9.88 -11.86 -41.02
C PRO E 11 11.21 -12.11 -40.31
N VAL E 12 11.57 -11.23 -39.38
CA VAL E 12 12.83 -11.33 -38.66
C VAL E 12 12.65 -12.21 -37.44
N ASP E 13 13.35 -13.34 -37.41
CA ASP E 13 13.22 -14.27 -36.31
C ASP E 13 13.93 -13.77 -35.06
N VAL E 14 13.33 -14.05 -33.91
CA VAL E 14 13.87 -13.66 -32.61
C VAL E 14 14.09 -14.92 -31.80
N SER E 15 15.29 -15.07 -31.24
CA SER E 15 15.64 -16.23 -30.42
C SER E 15 15.65 -15.78 -28.96
N VAL E 16 14.50 -15.90 -28.31
CA VAL E 16 14.34 -15.43 -26.94
C VAL E 16 14.76 -16.52 -25.97
N SER E 17 15.16 -16.10 -24.76
CA SER E 17 15.52 -17.02 -23.69
C SER E 17 15.35 -16.31 -22.35
N ILE E 18 14.48 -16.84 -21.50
CA ILE E 18 14.10 -16.18 -20.25
C ILE E 18 14.83 -16.87 -19.10
N PHE E 19 15.47 -16.08 -18.25
CA PHE E 19 16.09 -16.55 -17.03
C PHE E 19 15.18 -16.19 -15.87
N ILE E 20 14.75 -17.19 -15.11
CA ILE E 20 13.92 -16.98 -13.94
C ILE E 20 14.83 -16.90 -12.71
N ASN E 21 14.75 -15.80 -11.98
CA ASN E 21 15.62 -15.59 -10.84
C ASN E 21 14.95 -16.02 -9.53
N LYS E 22 13.84 -15.37 -9.18
CA LYS E 22 13.07 -15.71 -7.99
C LYS E 22 11.60 -15.69 -8.33
N ILE E 23 10.84 -16.57 -7.68
CA ILE E 23 9.39 -16.55 -7.71
C ILE E 23 8.90 -16.40 -6.28
N TYR E 24 8.11 -15.36 -6.03
CA TYR E 24 7.72 -15.03 -4.67
C TYR E 24 6.38 -14.31 -4.68
N GLY E 25 5.82 -14.18 -3.48
CA GLY E 25 4.63 -13.37 -3.28
C GLY E 25 3.40 -13.86 -4.02
N VAL E 26 3.11 -15.15 -3.94
CA VAL E 26 1.94 -15.69 -4.61
C VAL E 26 0.74 -15.34 -3.75
N ASN E 27 0.16 -14.17 -4.00
CA ASN E 27 -0.96 -13.66 -3.21
C ASN E 27 -2.23 -14.22 -3.84
N THR E 28 -2.68 -15.37 -3.35
CA THR E 28 -3.85 -16.04 -3.92
C THR E 28 -5.15 -15.31 -3.64
N LEU E 29 -5.15 -14.35 -2.70
CA LEU E 29 -6.38 -13.67 -2.33
C LEU E 29 -6.96 -12.87 -3.49
N GLU E 30 -6.11 -12.14 -4.21
CA GLU E 30 -6.54 -11.37 -5.37
C GLU E 30 -5.84 -11.83 -6.64
N GLN E 31 -5.40 -13.09 -6.65
CA GLN E 31 -5.05 -13.85 -7.86
C GLN E 31 -3.88 -13.24 -8.62
N THR E 32 -2.69 -13.26 -8.00
CA THR E 32 -1.48 -12.80 -8.63
C THR E 32 -0.28 -13.56 -8.10
N TYR E 33 0.83 -13.45 -8.82
CA TYR E 33 2.12 -13.92 -8.33
C TYR E 33 3.21 -13.12 -9.03
N LYS E 34 4.25 -12.79 -8.28
CA LYS E 34 5.38 -12.06 -8.81
C LYS E 34 6.48 -13.01 -9.24
N VAL E 35 7.04 -12.76 -10.42
CA VAL E 35 8.21 -13.49 -10.90
C VAL E 35 9.29 -12.48 -11.27
N ASP E 36 10.52 -12.74 -10.85
CA ASP E 36 11.64 -11.86 -11.10
C ASP E 36 12.68 -12.61 -11.91
N GLY E 37 13.30 -11.93 -12.85
CA GLY E 37 14.30 -12.58 -13.67
C GLY E 37 14.78 -11.71 -14.80
N TYR E 38 15.40 -12.37 -15.78
CA TYR E 38 16.09 -11.70 -16.88
C TYR E 38 15.47 -12.16 -18.19
N ILE E 39 15.38 -11.25 -19.15
CA ILE E 39 14.91 -11.56 -20.50
C ILE E 39 16.04 -11.31 -21.48
N VAL E 40 16.25 -12.25 -22.40
CA VAL E 40 17.26 -12.14 -23.43
C VAL E 40 16.56 -12.32 -24.77
N ALA E 41 16.77 -11.38 -25.68
CA ALA E 41 16.11 -11.39 -26.99
C ALA E 41 17.16 -11.25 -28.07
N GLN E 42 17.70 -12.37 -28.54
CA GLN E 42 18.68 -12.35 -29.61
C GLN E 42 17.98 -12.44 -30.96
N TRP E 43 18.32 -11.53 -31.86
CA TRP E 43 17.72 -11.50 -33.18
C TRP E 43 18.66 -10.80 -34.15
N THR E 44 18.66 -11.25 -35.40
CA THR E 44 19.60 -10.74 -36.40
C THR E 44 19.07 -9.46 -37.04
N GLY E 45 19.99 -8.69 -37.62
CA GLY E 45 19.64 -7.44 -38.24
C GLY E 45 20.66 -6.99 -39.28
N LYS E 46 20.58 -5.73 -39.69
CA LYS E 46 21.52 -5.20 -40.67
C LYS E 46 22.89 -5.02 -40.02
N PRO E 47 23.97 -5.51 -40.64
CA PRO E 47 25.30 -5.29 -40.06
C PRO E 47 25.70 -3.82 -40.09
N ARG E 48 26.49 -3.42 -39.10
CA ARG E 48 26.92 -2.05 -38.93
C ARG E 48 28.37 -2.02 -38.49
N LYS E 49 28.98 -0.85 -38.60
CA LYS E 49 30.36 -0.64 -38.17
C LYS E 49 30.35 -0.14 -36.73
N THR E 50 30.74 -1.00 -35.81
CA THR E 50 30.89 -0.69 -34.40
C THR E 50 32.30 -0.21 -34.11
N PRO E 51 32.50 0.56 -33.02
CA PRO E 51 33.86 0.99 -32.68
C PRO E 51 34.77 -0.18 -32.33
N GLY E 52 35.74 -0.44 -33.20
CA GLY E 52 36.64 -1.57 -33.03
C GLY E 52 35.96 -2.89 -33.30
N ASP E 53 36.71 -3.96 -33.08
CA ASP E 53 36.17 -5.31 -33.16
C ASP E 53 35.41 -5.71 -31.90
N LYS E 54 35.56 -4.94 -30.82
CA LYS E 54 34.83 -5.21 -29.60
C LYS E 54 33.34 -4.94 -29.82
N PRO E 55 32.45 -5.78 -29.27
CA PRO E 55 31.03 -5.48 -29.32
C PRO E 55 30.69 -4.20 -28.55
N LEU E 56 29.64 -3.53 -29.00
CA LEU E 56 29.22 -2.26 -28.41
C LEU E 56 28.16 -2.53 -27.34
N ILE E 57 28.35 -1.94 -26.16
CA ILE E 57 27.41 -2.08 -25.05
C ILE E 57 26.80 -0.72 -24.77
N VAL E 58 25.48 -0.65 -24.83
CA VAL E 58 24.74 0.56 -24.46
C VAL E 58 23.83 0.21 -23.29
N GLU E 59 23.87 1.06 -22.26
CA GLU E 59 23.26 0.77 -20.97
C GLU E 59 21.83 1.29 -20.94
N ASN E 60 21.24 1.37 -19.75
CA ASN E 60 19.94 2.01 -19.57
C ASN E 60 20.04 3.50 -19.88
N THR E 61 18.88 4.11 -20.17
CA THR E 61 18.63 5.52 -20.53
C THR E 61 19.64 6.08 -21.52
N GLN E 62 20.19 5.20 -22.37
CA GLN E 62 21.04 5.59 -23.48
C GLN E 62 20.62 4.94 -24.79
N ILE E 63 19.89 3.81 -24.74
CA ILE E 63 19.38 3.18 -25.94
C ILE E 63 18.31 4.03 -26.62
N GLU E 64 17.72 4.99 -25.91
CA GLU E 64 16.71 5.86 -26.51
C GLU E 64 17.32 6.74 -27.59
N ARG E 65 18.58 7.14 -27.41
CA ARG E 65 19.29 7.85 -28.47
C ARG E 65 19.45 6.99 -29.71
N TRP E 66 19.73 5.69 -29.53
CA TRP E 66 19.84 4.79 -30.67
C TRP E 66 18.49 4.57 -31.35
N ILE E 67 17.42 4.48 -30.55
CA ILE E 67 16.08 4.32 -31.12
C ILE E 67 15.69 5.54 -31.93
N ASN E 68 15.98 6.74 -31.40
CA ASN E 68 15.73 7.97 -32.15
C ASN E 68 16.63 8.08 -33.37
N ASN E 69 17.82 7.48 -33.32
CA ASN E 69 18.73 7.51 -34.46
C ASN E 69 18.30 6.57 -35.57
N GLY E 70 17.37 5.66 -35.32
CA GLY E 70 16.83 4.82 -36.36
C GLY E 70 16.91 3.34 -36.09
N LEU E 71 17.48 2.95 -34.95
CA LEU E 71 17.61 1.55 -34.60
C LEU E 71 16.25 0.96 -34.24
N TRP E 72 16.03 -0.28 -34.66
CA TRP E 72 14.84 -1.03 -34.33
C TRP E 72 15.12 -1.92 -33.11
N VAL E 73 14.20 -1.90 -32.16
CA VAL E 73 14.22 -2.83 -31.03
C VAL E 73 12.78 -3.13 -30.64
N PRO E 74 12.39 -4.40 -30.49
CA PRO E 74 10.99 -4.71 -30.20
C PRO E 74 10.66 -4.50 -28.74
N ALA E 75 9.44 -4.02 -28.49
CA ALA E 75 8.94 -3.87 -27.12
C ALA E 75 8.20 -5.14 -26.76
N LEU E 76 8.95 -6.12 -26.24
CA LEU E 76 8.36 -7.39 -25.85
C LEU E 76 7.56 -7.24 -24.57
N GLU E 77 6.25 -7.06 -24.70
CA GLU E 77 5.39 -6.90 -23.53
C GLU E 77 4.93 -8.26 -23.01
N PHE E 78 4.37 -8.25 -21.82
CA PHE E 78 3.74 -9.42 -21.22
C PHE E 78 2.24 -9.24 -21.24
N ILE E 79 1.52 -10.36 -21.31
CA ILE E 79 0.07 -10.32 -21.45
C ILE E 79 -0.63 -10.56 -20.12
N ASN E 80 -0.20 -11.57 -19.38
CA ASN E 80 -0.80 -11.92 -18.10
C ASN E 80 -0.27 -11.07 -16.95
N VAL E 81 0.37 -9.95 -17.24
CA VAL E 81 0.91 -9.07 -16.21
C VAL E 81 -0.17 -8.07 -15.81
N VAL E 82 -0.19 -7.72 -14.52
CA VAL E 82 -1.06 -6.68 -14.01
C VAL E 82 -0.18 -5.51 -13.56
N GLY E 83 -0.56 -4.30 -13.93
CA GLY E 83 0.30 -3.16 -13.75
C GLY E 83 1.37 -3.11 -14.82
N SER E 84 2.22 -2.11 -14.72
CA SER E 84 3.36 -2.01 -15.62
C SER E 84 4.51 -2.85 -15.08
N PRO E 85 5.14 -3.70 -15.90
CA PRO E 85 6.31 -4.43 -15.44
C PRO E 85 7.51 -3.51 -15.26
N ASP E 86 7.93 -3.29 -14.02
CA ASP E 86 8.99 -2.32 -13.73
C ASP E 86 10.36 -2.87 -14.12
N THR E 87 10.77 -2.54 -15.35
CA THR E 87 12.09 -2.93 -15.82
C THR E 87 13.16 -2.12 -15.11
N GLY E 88 14.19 -2.81 -14.63
CA GLY E 88 15.29 -2.15 -13.96
C GLY E 88 16.32 -1.72 -14.98
N ASN E 89 17.56 -2.19 -14.82
CA ASN E 89 18.58 -1.94 -15.81
C ASN E 89 18.32 -2.78 -17.06
N LYS E 90 18.63 -2.22 -18.22
CA LYS E 90 18.45 -2.89 -19.49
C LYS E 90 19.56 -2.48 -20.44
N ARG E 91 20.06 -3.46 -21.20
CA ARG E 91 21.24 -3.30 -22.03
C ARG E 91 20.95 -3.85 -23.42
N LEU E 92 21.73 -3.41 -24.40
CA LEU E 92 21.49 -3.76 -25.79
C LEU E 92 22.83 -4.03 -26.46
N MET E 93 23.12 -5.29 -26.74
CA MET E 93 24.31 -5.64 -27.51
C MET E 93 24.19 -5.12 -28.94
N LEU E 94 25.33 -4.88 -29.57
CA LEU E 94 25.38 -4.58 -31.01
C LEU E 94 26.63 -5.29 -31.58
N PHE E 95 26.44 -6.52 -32.03
CA PHE E 95 27.52 -7.22 -32.69
C PHE E 95 27.74 -6.64 -34.08
N PRO E 96 29.00 -6.56 -34.53
CA PRO E 96 29.27 -5.96 -35.84
C PRO E 96 28.69 -6.72 -37.02
N ASP E 97 28.62 -8.05 -36.93
CA ASP E 97 28.21 -8.82 -38.09
C ASP E 97 26.70 -8.89 -38.28
N GLY E 98 25.91 -8.52 -37.27
CA GLY E 98 24.47 -8.37 -37.42
C GLY E 98 23.63 -8.71 -36.21
N ARG E 99 24.03 -9.65 -35.35
CA ARG E 99 23.14 -10.04 -34.26
C ARG E 99 23.02 -8.94 -33.20
N VAL E 100 21.84 -8.81 -32.64
CA VAL E 100 21.54 -7.86 -31.58
C VAL E 100 20.93 -8.62 -30.42
N ILE E 101 21.42 -8.37 -29.21
CA ILE E 101 20.91 -9.00 -28.00
C ILE E 101 20.34 -7.93 -27.10
N TYR E 102 19.10 -8.13 -26.65
CA TYR E 102 18.39 -7.18 -25.80
C TYR E 102 18.20 -7.84 -24.44
N ASN E 103 19.17 -7.65 -23.55
CA ASN E 103 19.12 -8.21 -22.20
C ASN E 103 18.52 -7.18 -21.27
N ALA E 104 17.43 -7.56 -20.60
CA ALA E 104 16.76 -6.66 -19.67
C ALA E 104 16.33 -7.44 -18.43
N ARG E 105 16.20 -6.72 -17.31
CA ARG E 105 15.74 -7.31 -16.06
C ARG E 105 14.28 -6.94 -15.87
N PHE E 106 13.41 -7.92 -16.02
CA PHE E 106 11.97 -7.69 -15.91
C PHE E 106 11.49 -8.10 -14.52
N LEU E 107 10.43 -7.44 -14.08
CA LEU E 107 9.75 -7.79 -12.83
C LEU E 107 8.33 -7.28 -12.90
N GLY E 108 7.37 -8.15 -12.64
CA GLY E 108 5.97 -7.76 -12.65
C GLY E 108 5.14 -8.79 -11.91
N SER E 109 3.89 -8.43 -11.67
CA SER E 109 2.93 -9.32 -11.04
C SER E 109 2.13 -9.99 -12.14
N PHE E 110 2.17 -11.31 -12.18
CA PHE E 110 1.59 -12.10 -13.25
C PHE E 110 0.37 -12.86 -12.73
N SER E 111 -0.55 -13.19 -13.62
CA SER E 111 -1.83 -13.76 -13.23
C SER E 111 -2.15 -15.00 -14.05
N ASN E 112 -2.66 -16.02 -13.37
CA ASN E 112 -3.18 -17.24 -13.96
C ASN E 112 -4.63 -17.43 -13.51
N ASP E 113 -5.37 -18.31 -14.20
CA ASP E 113 -6.71 -18.66 -13.75
C ASP E 113 -6.66 -19.31 -12.37
N MET E 114 -5.83 -20.36 -12.23
CA MET E 114 -5.35 -20.87 -10.94
C MET E 114 -6.51 -21.30 -10.03
N ASP E 115 -7.08 -22.44 -10.41
CA ASP E 115 -8.23 -22.98 -9.62
C ASP E 115 -7.71 -23.46 -8.27
N PHE E 116 -8.62 -23.58 -7.31
CA PHE E 116 -8.30 -24.04 -5.95
C PHE E 116 -9.28 -25.12 -5.53
N ARG E 117 -9.46 -26.13 -6.37
CA ARG E 117 -10.41 -27.20 -6.10
C ARG E 117 -10.00 -27.99 -4.86
N LEU E 118 -8.71 -28.22 -4.68
CA LEU E 118 -8.16 -28.86 -3.48
C LEU E 118 -7.17 -27.87 -2.89
N PHE E 119 -7.58 -27.14 -1.84
CA PHE E 119 -6.78 -26.03 -1.36
C PHE E 119 -5.43 -26.44 -0.75
N PRO E 120 -5.31 -27.44 0.15
CA PRO E 120 -3.97 -27.80 0.61
C PRO E 120 -3.24 -28.71 -0.36
N PHE E 121 -3.98 -29.62 -1.00
CA PHE E 121 -3.41 -30.56 -1.96
C PHE E 121 -3.51 -29.95 -3.36
N ASP E 122 -2.77 -28.86 -3.54
CA ASP E 122 -2.97 -27.92 -4.62
C ASP E 122 -1.78 -27.91 -5.57
N ARG E 123 -2.08 -27.80 -6.88
CA ARG E 123 -1.03 -27.68 -7.88
C ARG E 123 -1.54 -26.85 -9.05
N GLN E 124 -0.73 -25.89 -9.49
CA GLN E 124 -1.06 -25.08 -10.67
C GLN E 124 0.13 -24.86 -11.56
N GLN E 125 -0.03 -23.99 -12.55
CA GLN E 125 1.03 -23.63 -13.48
C GLN E 125 1.24 -22.13 -13.42
N PHE E 126 2.49 -21.72 -13.28
CA PHE E 126 2.86 -20.31 -13.36
C PHE E 126 3.21 -20.01 -14.81
N VAL E 127 2.54 -19.04 -15.40
CA VAL E 127 2.71 -18.75 -16.82
C VAL E 127 3.22 -17.32 -16.99
N LEU E 128 4.02 -17.13 -18.04
CA LEU E 128 4.53 -15.82 -18.43
C LEU E 128 4.22 -15.69 -19.92
N GLU E 129 3.03 -15.20 -20.24
CA GLU E 129 2.55 -15.16 -21.62
C GLU E 129 3.14 -13.94 -22.31
N LEU E 130 4.14 -14.16 -23.17
CA LEU E 130 4.89 -13.10 -23.81
C LEU E 130 4.43 -12.95 -25.26
N GLU E 131 4.33 -11.70 -25.71
CA GLU E 131 3.78 -11.39 -27.02
C GLU E 131 4.35 -10.06 -27.49
N PRO E 132 4.72 -9.93 -28.77
CA PRO E 132 5.15 -8.63 -29.28
C PRO E 132 3.97 -7.66 -29.35
N PHE E 133 4.17 -6.47 -28.77
CA PHE E 133 3.06 -5.52 -28.70
C PHE E 133 2.76 -4.90 -30.05
N SER E 134 3.79 -4.47 -30.78
CA SER E 134 3.61 -3.64 -31.95
C SER E 134 3.58 -4.41 -33.26
N TYR E 135 4.32 -5.50 -33.37
CA TYR E 135 4.50 -6.18 -34.63
C TYR E 135 3.76 -7.51 -34.64
N ASN E 136 3.31 -7.90 -35.83
CA ASN E 136 2.58 -9.13 -36.03
C ASN E 136 3.50 -10.19 -36.65
N ASN E 137 2.90 -11.32 -37.06
CA ASN E 137 3.67 -12.46 -37.53
C ASN E 137 4.39 -12.17 -38.85
N GLN E 138 3.98 -11.14 -39.57
CA GLN E 138 4.62 -10.82 -40.84
C GLN E 138 6.00 -10.22 -40.68
N GLN E 139 6.29 -9.50 -39.58
CA GLN E 139 7.62 -8.96 -39.37
C GLN E 139 8.39 -9.67 -38.27
N LEU E 140 7.75 -10.02 -37.16
CA LEU E 140 8.47 -10.61 -36.03
C LEU E 140 7.82 -11.93 -35.65
N ARG E 141 8.57 -13.02 -35.80
CA ARG E 141 8.12 -14.34 -35.45
C ARG E 141 9.15 -14.96 -34.51
N PHE E 142 8.71 -15.42 -33.35
CA PHE E 142 9.62 -15.96 -32.36
C PHE E 142 10.12 -17.33 -32.81
N SER E 143 11.44 -17.46 -32.93
CA SER E 143 12.02 -18.70 -33.46
C SER E 143 11.97 -19.82 -32.43
N ASP E 144 12.63 -19.63 -31.29
CA ASP E 144 12.66 -20.65 -30.27
C ASP E 144 12.86 -20.01 -28.90
N ILE E 145 12.51 -20.76 -27.87
CA ILE E 145 12.74 -20.34 -26.49
C ILE E 145 13.32 -21.51 -25.70
N GLN E 146 14.35 -21.23 -24.91
CA GLN E 146 14.88 -22.17 -23.95
C GLN E 146 14.95 -21.48 -22.60
N VAL E 147 14.11 -21.91 -21.66
CA VAL E 147 14.04 -21.29 -20.34
C VAL E 147 15.15 -21.90 -19.51
N TYR E 148 16.24 -21.14 -19.32
CA TYR E 148 17.35 -21.58 -18.47
C TYR E 148 17.08 -21.16 -17.03
N THR E 149 16.14 -21.88 -16.42
CA THR E 149 15.70 -21.59 -15.05
C THR E 149 16.43 -22.42 -14.00
N GLU E 150 17.77 -22.46 -14.06
CA GLU E 150 18.53 -23.31 -13.14
C GLU E 150 18.55 -22.77 -11.72
N ASN E 151 18.09 -21.54 -11.49
CA ASN E 151 18.10 -20.99 -10.14
C ASN E 151 16.93 -21.47 -9.30
N ILE E 152 15.83 -21.89 -9.94
CA ILE E 152 14.62 -22.25 -9.20
C ILE E 152 14.07 -23.59 -9.71
N ASP E 153 14.89 -24.30 -10.50
CA ASP E 153 14.44 -25.54 -11.14
C ASP E 153 14.08 -26.61 -10.12
N ASN E 154 14.90 -26.78 -9.10
CA ASN E 154 14.61 -27.69 -7.99
C ASN E 154 15.02 -26.97 -6.71
N GLU E 155 14.09 -26.19 -6.15
CA GLU E 155 14.34 -25.41 -4.95
C GLU E 155 13.08 -25.40 -4.10
N GLU E 156 13.22 -25.10 -2.81
CA GLU E 156 12.02 -25.01 -1.93
C GLU E 156 11.69 -23.54 -1.64
N ILE E 157 10.73 -22.97 -2.39
CA ILE E 157 10.35 -21.54 -2.19
C ILE E 157 8.96 -21.48 -1.51
N ASP E 158 8.83 -20.65 -0.47
CA ASP E 158 7.52 -20.48 0.22
C ASP E 158 6.85 -21.83 0.40
N GLU E 159 5.57 -21.92 0.05
CA GLU E 159 4.85 -23.23 0.13
C GLU E 159 4.79 -23.82 -1.29
N TRP E 160 5.50 -23.22 -2.24
CA TRP E 160 5.40 -23.68 -3.64
C TRP E 160 6.66 -24.44 -4.05
N TRP E 161 6.57 -25.78 -4.10
CA TRP E 161 7.72 -26.58 -4.56
C TRP E 161 7.72 -26.62 -6.08
N ILE E 162 8.80 -26.13 -6.71
CA ILE E 162 8.89 -26.12 -8.20
C ILE E 162 9.47 -27.45 -8.67
N ARG E 163 8.63 -28.38 -9.11
CA ARG E 163 9.05 -29.68 -9.61
C ARG E 163 9.02 -29.72 -11.14
N GLY E 164 10.02 -30.37 -11.71
CA GLY E 164 10.13 -30.48 -13.14
C GLY E 164 10.72 -29.23 -13.78
N LYS E 165 11.06 -29.35 -15.05
CA LYS E 165 11.53 -28.21 -15.81
C LYS E 165 10.36 -27.38 -16.30
N ALA E 166 10.65 -26.15 -16.73
CA ALA E 166 9.63 -25.24 -17.20
C ALA E 166 9.30 -25.57 -18.66
N SER E 167 8.06 -25.98 -18.91
CA SER E 167 7.64 -26.28 -20.26
C SER E 167 7.42 -24.99 -21.04
N THR E 168 7.59 -25.06 -22.36
CA THR E 168 7.49 -23.90 -23.23
C THR E 168 6.51 -24.17 -24.36
N HIS E 169 5.96 -23.09 -24.90
CA HIS E 169 5.05 -23.16 -26.05
C HIS E 169 5.29 -21.98 -26.96
N ILE E 170 5.24 -22.23 -28.27
CA ILE E 170 5.23 -21.18 -29.29
C ILE E 170 3.98 -21.39 -30.13
N SER E 171 3.10 -20.40 -30.14
CA SER E 171 1.84 -20.50 -30.85
C SER E 171 1.56 -19.21 -31.61
N ASP E 172 0.68 -19.30 -32.61
CA ASP E 172 0.24 -18.16 -33.38
C ASP E 172 -1.17 -17.81 -32.94
N ILE E 173 -1.29 -16.75 -32.15
CA ILE E 173 -2.56 -16.32 -31.58
C ILE E 173 -3.09 -15.16 -32.40
N ARG E 174 -4.31 -15.29 -32.90
CA ARG E 174 -4.94 -14.29 -33.74
C ARG E 174 -5.86 -13.41 -32.91
N TYR E 175 -5.63 -12.11 -32.94
CA TYR E 175 -6.48 -11.14 -32.26
C TYR E 175 -7.49 -10.59 -33.26
N ASP E 176 -8.76 -10.58 -32.86
CA ASP E 176 -9.83 -10.12 -33.74
C ASP E 176 -10.11 -8.62 -33.59
N HIS E 177 -9.64 -7.99 -32.51
CA HIS E 177 -9.93 -6.57 -32.33
C HIS E 177 -9.10 -5.69 -33.26
N LEU E 178 -8.05 -6.24 -33.86
CA LEU E 178 -7.28 -5.54 -34.87
C LEU E 178 -7.73 -5.89 -36.29
N SER E 179 -8.73 -6.76 -36.43
CA SER E 179 -9.17 -7.18 -37.76
C SER E 179 -9.88 -6.06 -38.49
N SER E 180 -10.57 -5.18 -37.77
CA SER E 180 -11.27 -4.07 -38.41
C SER E 180 -10.30 -3.03 -38.94
N VAL E 181 -9.10 -2.93 -38.34
CA VAL E 181 -8.11 -1.96 -38.77
C VAL E 181 -6.97 -2.60 -39.56
N GLN E 182 -6.68 -3.87 -39.35
CA GLN E 182 -5.73 -4.62 -40.17
C GLN E 182 -6.46 -5.80 -40.77
N PRO E 183 -6.72 -5.82 -42.09
CA PRO E 183 -7.63 -6.81 -42.66
C PRO E 183 -7.12 -8.25 -42.61
N ASN E 184 -5.89 -8.49 -43.06
CA ASN E 184 -5.37 -9.85 -43.16
C ASN E 184 -4.11 -10.10 -42.34
N GLN E 185 -3.51 -9.05 -41.76
CA GLN E 185 -2.27 -9.17 -40.99
C GLN E 185 -2.53 -8.78 -39.54
N ASN E 186 -3.11 -9.72 -38.78
CA ASN E 186 -3.42 -9.46 -37.38
C ASN E 186 -3.12 -10.67 -36.51
N GLU E 187 -2.14 -11.49 -36.89
CA GLU E 187 -1.78 -12.70 -36.16
C GLU E 187 -0.45 -12.49 -35.46
N PHE E 188 -0.37 -12.96 -34.21
CA PHE E 188 0.76 -12.68 -33.34
C PHE E 188 1.44 -13.98 -32.91
N SER E 189 2.77 -13.97 -32.92
CA SER E 189 3.55 -15.10 -32.44
C SER E 189 3.70 -14.99 -30.94
N ARG E 190 2.94 -15.79 -30.20
CA ARG E 190 2.85 -15.69 -28.75
C ARG E 190 3.71 -16.75 -28.09
N ILE E 191 4.31 -16.40 -26.97
CA ILE E 191 5.12 -17.31 -26.16
C ILE E 191 4.37 -17.57 -24.86
N THR E 192 4.25 -18.84 -24.50
CA THR E 192 3.66 -19.21 -23.22
C THR E 192 4.58 -20.24 -22.57
N VAL E 193 5.21 -19.87 -21.47
CA VAL E 193 5.97 -20.80 -20.65
C VAL E 193 5.07 -21.26 -19.51
N ARG E 194 5.37 -22.44 -18.97
CA ARG E 194 4.54 -23.05 -17.93
C ARG E 194 5.47 -23.62 -16.86
N ILE E 195 5.41 -23.08 -15.66
CA ILE E 195 6.20 -23.58 -14.53
C ILE E 195 5.27 -24.33 -13.61
N ASP E 196 5.49 -25.64 -13.48
CA ASP E 196 4.61 -26.49 -12.68
C ASP E 196 4.94 -26.31 -11.21
N ALA E 197 3.96 -25.85 -10.43
CA ALA E 197 4.15 -25.56 -9.01
C ALA E 197 3.07 -26.24 -8.19
N VAL E 198 3.47 -26.76 -7.03
CA VAL E 198 2.61 -27.54 -6.16
C VAL E 198 2.64 -26.89 -4.77
N ARG E 199 1.46 -26.69 -4.18
CA ARG E 199 1.40 -26.27 -2.79
C ARG E 199 2.02 -27.31 -1.86
N ASN E 200 2.83 -26.85 -0.93
CA ASN E 200 3.28 -27.69 0.17
C ASN E 200 2.19 -27.74 1.22
N PRO E 201 1.58 -28.89 1.48
CA PRO E 201 0.45 -28.96 2.42
C PRO E 201 0.84 -29.20 3.87
N SER E 202 2.13 -29.10 4.21
CA SER E 202 2.56 -29.40 5.57
C SER E 202 2.02 -28.39 6.57
N TYR E 203 2.01 -27.10 6.20
CA TYR E 203 1.58 -26.07 7.13
C TYR E 203 0.08 -26.19 7.44
N TYR E 204 -0.74 -26.41 6.42
CA TYR E 204 -2.17 -26.51 6.65
C TYR E 204 -2.54 -27.80 7.37
N LEU E 205 -1.92 -28.92 6.98
CA LEU E 205 -2.15 -30.18 7.68
C LEU E 205 -1.74 -30.10 9.14
N TRP E 206 -0.66 -29.37 9.44
CA TRP E 206 -0.21 -29.26 10.81
C TRP E 206 -1.02 -28.26 11.63
N SER E 207 -1.53 -27.20 11.00
CA SER E 207 -2.06 -26.07 11.77
C SER E 207 -3.56 -25.88 11.70
N PHE E 208 -4.24 -26.27 10.62
CA PHE E 208 -5.64 -25.94 10.43
C PHE E 208 -6.55 -27.16 10.46
N ILE E 209 -6.12 -28.27 9.87
CA ILE E 209 -7.04 -29.38 9.62
C ILE E 209 -7.20 -30.24 10.86
N LEU E 210 -6.07 -30.56 11.49
CA LEU E 210 -6.10 -31.46 12.68
C LEU E 210 -6.86 -30.78 13.84
N PRO E 211 -6.67 -29.49 14.21
CA PRO E 211 -7.50 -28.92 15.28
C PRO E 211 -8.98 -28.89 14.95
N LEU E 212 -9.34 -28.82 13.66
CA LEU E 212 -10.74 -28.98 13.28
C LEU E 212 -11.23 -30.39 13.60
N GLY E 213 -10.38 -31.39 13.39
CA GLY E 213 -10.69 -32.73 13.84
C GLY E 213 -10.84 -32.83 15.34
N LEU E 214 -10.05 -32.04 16.09
CA LEU E 214 -10.23 -32.00 17.54
C LEU E 214 -11.57 -31.36 17.92
N ILE E 215 -12.01 -30.34 17.17
CA ILE E 215 -13.32 -29.74 17.45
C ILE E 215 -14.44 -30.72 17.12
N ILE E 216 -14.29 -31.50 16.06
CA ILE E 216 -15.27 -32.54 15.76
C ILE E 216 -15.26 -33.62 16.84
N ALA E 217 -14.09 -33.93 17.39
CA ALA E 217 -14.02 -34.87 18.51
C ALA E 217 -14.69 -34.30 19.76
N ALA E 218 -14.58 -32.98 19.96
CA ALA E 218 -15.32 -32.35 21.05
C ALA E 218 -16.82 -32.38 20.80
N SER E 219 -17.24 -32.33 19.53
CA SER E 219 -18.64 -32.54 19.21
C SER E 219 -19.08 -33.98 19.53
N TRP E 220 -18.19 -34.95 19.31
CA TRP E 220 -18.47 -36.31 19.77
C TRP E 220 -18.58 -36.36 21.30
N SER E 221 -17.74 -35.59 21.99
CA SER E 221 -17.80 -35.54 23.44
C SER E 221 -19.10 -34.94 23.95
N VAL E 222 -19.60 -33.89 23.29
CA VAL E 222 -20.90 -33.33 23.70
C VAL E 222 -22.05 -34.22 23.27
N PHE E 223 -21.86 -35.05 22.24
CA PHE E 223 -22.77 -36.17 22.03
C PHE E 223 -22.76 -37.12 23.21
N TRP E 224 -21.60 -37.37 23.80
CA TRP E 224 -21.47 -38.24 24.96
C TRP E 224 -21.93 -37.59 26.26
N LEU E 225 -22.26 -36.30 26.25
CA LEU E 225 -22.55 -35.56 27.47
C LEU E 225 -23.89 -35.99 28.06
N GLU E 226 -24.03 -35.81 29.37
CA GLU E 226 -25.15 -36.39 30.12
C GLU E 226 -25.91 -35.33 30.93
N SER E 227 -26.09 -34.14 30.35
CA SER E 227 -26.89 -33.09 31.00
C SER E 227 -27.41 -32.17 29.91
N PHE E 228 -28.74 -32.19 29.69
CA PHE E 228 -29.34 -31.66 28.46
C PHE E 228 -29.14 -30.15 28.34
N SER E 229 -29.42 -29.40 29.40
CA SER E 229 -29.15 -27.97 29.39
C SER E 229 -27.66 -27.69 29.29
N GLU E 230 -26.85 -28.50 29.96
CA GLU E 230 -25.40 -28.39 29.86
C GLU E 230 -24.89 -28.85 28.50
N ARG E 231 -25.58 -29.82 27.86
CA ARG E 231 -25.28 -30.16 26.48
C ARG E 231 -25.50 -28.97 25.56
N LEU E 232 -26.62 -28.26 25.76
CA LEU E 232 -26.92 -27.09 24.95
C LEU E 232 -25.89 -25.99 25.17
N GLN E 233 -25.51 -25.76 26.43
CA GLN E 233 -24.48 -24.76 26.74
C GLN E 233 -23.15 -25.09 26.09
N THR E 234 -22.74 -26.36 26.19
CA THR E 234 -21.47 -26.77 25.59
C THR E 234 -21.52 -26.67 24.07
N SER E 235 -22.65 -27.06 23.45
CA SER E 235 -22.73 -26.97 22.00
C SER E 235 -22.79 -25.54 21.50
N PHE E 236 -23.34 -24.62 22.29
CA PHE E 236 -23.24 -23.21 21.91
C PHE E 236 -21.80 -22.71 22.05
N THR E 237 -21.07 -23.24 23.03
CA THR E 237 -19.63 -22.94 23.09
C THR E 237 -18.90 -23.53 21.89
N LEU E 238 -19.43 -24.64 21.37
CA LEU E 238 -18.86 -25.23 20.13
C LEU E 238 -19.11 -24.25 18.98
N MET E 239 -20.34 -23.74 18.84
CA MET E 239 -20.55 -22.69 17.83
C MET E 239 -19.58 -21.53 18.01
N LEU E 240 -19.32 -21.12 19.26
CA LEU E 240 -18.34 -20.05 19.47
C LEU E 240 -16.95 -20.48 18.97
N THR E 241 -16.63 -21.76 19.13
CA THR E 241 -15.34 -22.28 18.69
C THR E 241 -15.22 -22.27 17.16
N VAL E 242 -16.28 -22.67 16.46
CA VAL E 242 -16.21 -22.71 15.00
C VAL E 242 -16.32 -21.29 14.43
N VAL E 243 -17.04 -20.40 15.12
CA VAL E 243 -17.03 -18.98 14.77
C VAL E 243 -15.64 -18.40 14.95
N ALA E 244 -14.86 -18.90 15.91
CA ALA E 244 -13.45 -18.51 16.01
C ALA E 244 -12.66 -18.90 14.78
N TYR E 245 -13.12 -19.90 14.02
CA TYR E 245 -12.52 -20.19 12.72
C TYR E 245 -13.13 -19.31 11.63
N ALA E 246 -12.58 -19.48 10.42
CA ALA E 246 -12.99 -18.74 9.21
C ALA E 246 -12.80 -17.23 9.37
N PHE E 247 -11.90 -16.83 10.28
CA PHE E 247 -11.53 -15.44 10.46
C PHE E 247 -10.04 -15.22 10.19
N TYR E 248 -9.17 -16.01 10.83
CA TYR E 248 -7.79 -16.10 10.39
C TYR E 248 -7.64 -17.14 9.29
N THR E 249 -8.73 -17.81 8.93
CA THR E 249 -8.77 -18.73 7.81
C THR E 249 -9.29 -18.09 6.53
N SER E 250 -10.20 -17.12 6.65
CA SER E 250 -10.79 -16.49 5.48
C SER E 250 -9.79 -15.61 4.72
N ASN E 251 -8.67 -15.25 5.34
CA ASN E 251 -7.66 -14.43 4.68
C ASN E 251 -6.57 -15.26 4.02
N ILE E 252 -6.72 -16.59 3.97
CA ILE E 252 -5.78 -17.43 3.25
C ILE E 252 -6.38 -18.07 2.02
N LEU E 253 -7.71 -18.19 1.91
CA LEU E 253 -8.32 -18.65 0.67
C LEU E 253 -9.01 -17.50 -0.02
N PRO E 254 -9.02 -17.46 -1.37
CA PRO E 254 -9.59 -16.31 -2.06
C PRO E 254 -11.11 -16.28 -2.00
N ARG E 255 -11.68 -15.16 -2.48
CA ARG E 255 -13.11 -15.06 -2.66
C ARG E 255 -13.49 -15.95 -3.83
N LEU E 256 -14.01 -17.14 -3.53
CA LEU E 256 -14.10 -18.21 -4.51
C LEU E 256 -15.50 -18.81 -4.50
N PRO E 257 -16.09 -19.03 -5.68
CA PRO E 257 -17.53 -19.37 -5.72
C PRO E 257 -17.86 -20.76 -5.18
N TYR E 258 -17.11 -21.78 -5.56
CA TYR E 258 -17.38 -23.13 -5.07
C TYR E 258 -16.70 -23.30 -3.70
N THR E 259 -16.63 -24.55 -3.23
CA THR E 259 -16.10 -24.83 -1.91
C THR E 259 -14.76 -25.56 -2.01
N THR E 260 -13.85 -25.20 -1.12
CA THR E 260 -12.61 -25.93 -0.92
C THR E 260 -12.89 -27.10 0.03
N VAL E 261 -11.83 -27.73 0.55
CA VAL E 261 -12.05 -28.72 1.60
C VAL E 261 -11.96 -28.08 2.98
N ILE E 262 -11.34 -26.91 3.09
CA ILE E 262 -11.22 -26.25 4.39
C ILE E 262 -12.57 -25.68 4.84
N ASP E 263 -13.22 -24.90 3.96
CA ASP E 263 -14.55 -24.40 4.30
C ASP E 263 -15.58 -25.52 4.30
N GLN E 264 -15.32 -26.61 3.56
CA GLN E 264 -16.15 -27.79 3.67
C GLN E 264 -16.04 -28.41 5.07
N MET E 265 -14.84 -28.42 5.64
CA MET E 265 -14.67 -28.88 7.01
C MET E 265 -15.35 -27.95 8.01
N ILE E 266 -15.28 -26.63 7.76
CA ILE E 266 -15.96 -25.66 8.62
C ILE E 266 -17.48 -25.89 8.59
N ILE E 267 -18.05 -26.02 7.40
CA ILE E 267 -19.49 -26.20 7.30
C ILE E 267 -19.90 -27.60 7.75
N ALA E 268 -18.99 -28.58 7.68
CA ALA E 268 -19.29 -29.90 8.22
C ALA E 268 -19.31 -29.87 9.75
N GLY E 269 -18.41 -29.11 10.36
CA GLY E 269 -18.47 -28.92 11.79
C GLY E 269 -19.74 -28.20 12.22
N TYR E 270 -20.13 -27.16 11.46
CA TYR E 270 -21.40 -26.48 11.73
C TYR E 270 -22.59 -27.43 11.60
N GLY E 271 -22.58 -28.28 10.57
CA GLY E 271 -23.67 -29.21 10.36
C GLY E 271 -23.73 -30.28 11.44
N SER E 272 -22.57 -30.77 11.88
CA SER E 272 -22.55 -31.75 12.97
C SER E 272 -23.04 -31.15 14.28
N ILE E 273 -22.64 -29.91 14.56
CA ILE E 273 -23.06 -29.22 15.78
C ILE E 273 -24.57 -29.00 15.77
N PHE E 274 -25.09 -28.53 14.64
CA PHE E 274 -26.52 -28.32 14.51
C PHE E 274 -27.29 -29.64 14.49
N ALA E 275 -26.71 -30.71 13.96
CA ALA E 275 -27.33 -32.02 14.05
C ALA E 275 -27.43 -32.49 15.49
N ALA E 276 -26.38 -32.25 16.28
CA ALA E 276 -26.41 -32.58 17.70
C ALA E 276 -27.51 -31.82 18.43
N ILE E 277 -27.62 -30.51 18.17
CA ILE E 277 -28.63 -29.71 18.86
C ILE E 277 -30.04 -30.07 18.40
N LEU E 278 -30.25 -30.27 17.10
CA LEU E 278 -31.58 -30.65 16.64
C LEU E 278 -31.96 -32.03 17.17
N LEU E 279 -30.98 -32.93 17.30
CA LEU E 279 -31.24 -34.25 17.87
C LEU E 279 -31.66 -34.15 19.33
N ILE E 280 -30.93 -33.37 20.13
CA ILE E 280 -31.26 -33.31 21.55
C ILE E 280 -32.57 -32.54 21.77
N ILE E 281 -32.86 -31.53 20.96
CA ILE E 281 -34.13 -30.82 21.08
C ILE E 281 -35.31 -31.70 20.65
N PHE E 282 -35.15 -32.44 19.54
CA PHE E 282 -36.23 -33.32 19.08
C PHE E 282 -36.44 -34.48 20.04
N ALA E 283 -35.38 -34.94 20.71
CA ALA E 283 -35.54 -35.97 21.72
C ALA E 283 -36.17 -35.40 22.99
N HIS E 284 -35.86 -34.14 23.32
CA HIS E 284 -36.48 -33.50 24.48
C HIS E 284 -37.96 -33.27 24.27
N HIS E 285 -38.36 -32.86 23.06
CA HIS E 285 -39.77 -32.69 22.75
C HIS E 285 -40.46 -34.02 22.47
CA 3CN F . -12.34 19.23 -20.03
CB 3CN F . -13.32 18.08 -19.98
CC 3CN F . -12.57 16.73 -20.04
ND 3CN F . -13.52 15.63 -19.82
CA 3CN G . 6.05 29.98 -0.99
CB 3CN G . 4.63 29.89 -0.49
CC 3CN G . 3.82 28.90 -1.34
ND 3CN G . 2.49 28.71 -0.74
CA 3CN H . 28.22 11.90 0.89
CB 3CN H . 27.60 12.27 2.22
CC 3CN H . 26.18 12.81 2.02
ND 3CN H . 25.55 13.00 3.33
CA 3CN I . 23.84 -9.81 -17.22
CB 3CN I . 24.18 -10.22 -15.81
CC 3CN I . 23.93 -9.06 -14.83
ND 3CN I . 24.11 -9.54 -13.45
CA 3CN J . -1.66 -5.39 -30.13
CB 3CN J . -1.54 -6.76 -29.50
CC 3CN J . -0.44 -6.77 -28.43
ND 3CN J . -0.45 -8.06 -27.73
#